data_8XO3
# 
_entry.id   8XO3 
# 
_audit_conform.dict_name       mmcif_pdbx.dic 
_audit_conform.dict_version    5.402 
_audit_conform.dict_location   http://mmcif.pdb.org/dictionaries/ascii/mmcif_pdbx.dic 
# 
loop_
_database_2.database_id 
_database_2.database_code 
_database_2.pdbx_database_accession 
_database_2.pdbx_DOI 
PDB   8XO3         pdb_00008xo3 10.2210/pdb8xo3/pdb 
WWPDB D_1300043873 ?            ?                   
# 
loop_
_pdbx_audit_revision_history.ordinal 
_pdbx_audit_revision_history.data_content_type 
_pdbx_audit_revision_history.major_revision 
_pdbx_audit_revision_history.minor_revision 
_pdbx_audit_revision_history.revision_date 
_pdbx_audit_revision_history.part_number 
1 'Structure model' 1 0 2025-01-01 ? 
2 'Structure model' 1 1 2025-03-05 ? 
# 
_pdbx_audit_revision_details.ordinal             1 
_pdbx_audit_revision_details.revision_ordinal    1 
_pdbx_audit_revision_details.data_content_type   'Structure model' 
_pdbx_audit_revision_details.provider            repository 
_pdbx_audit_revision_details.type                'Initial release' 
_pdbx_audit_revision_details.description         ? 
_pdbx_audit_revision_details.details             ? 
# 
_pdbx_audit_revision_group.ordinal             1 
_pdbx_audit_revision_group.revision_ordinal    2 
_pdbx_audit_revision_group.data_content_type   'Structure model' 
_pdbx_audit_revision_group.group               'Database references' 
# 
loop_
_pdbx_audit_revision_category.ordinal 
_pdbx_audit_revision_category.revision_ordinal 
_pdbx_audit_revision_category.data_content_type 
_pdbx_audit_revision_category.category 
1 2 'Structure model' citation        
2 2 'Structure model' citation_author 
# 
loop_
_pdbx_audit_revision_item.ordinal 
_pdbx_audit_revision_item.revision_ordinal 
_pdbx_audit_revision_item.data_content_type 
_pdbx_audit_revision_item.item 
1  2 'Structure model' '_citation.country'                 
2  2 'Structure model' '_citation.journal_abbrev'          
3  2 'Structure model' '_citation.journal_id_ASTM'         
4  2 'Structure model' '_citation.journal_id_CSD'          
5  2 'Structure model' '_citation.journal_id_ISSN'         
6  2 'Structure model' '_citation.journal_volume'          
7  2 'Structure model' '_citation.page_first'              
8  2 'Structure model' '_citation.page_last'               
9  2 'Structure model' '_citation.pdbx_database_id_DOI'    
10 2 'Structure model' '_citation.pdbx_database_id_PubMed' 
11 2 'Structure model' '_citation.title'                   
12 2 'Structure model' '_citation.year'                    
# 
_pdbx_database_status.status_code                     REL 
_pdbx_database_status.status_code_sf                  REL 
_pdbx_database_status.status_code_mr                  ? 
_pdbx_database_status.entry_id                        8XO3 
_pdbx_database_status.recvd_initial_deposition_date   2023-12-31 
_pdbx_database_status.SG_entry                        N 
_pdbx_database_status.deposit_site                    PDBJ 
_pdbx_database_status.process_site                    PDBJ 
_pdbx_database_status.status_code_cs                  ? 
_pdbx_database_status.status_code_nmr_data            ? 
_pdbx_database_status.methods_development_category    ? 
_pdbx_database_status.pdb_format_compatible           Y 
# 
loop_
_pdbx_database_related.db_name 
_pdbx_database_related.details 
_pdbx_database_related.db_id 
_pdbx_database_related.content_type 
PDB . 8XNE unspecified 
PDB . 8XO2 unspecified 
# 
_pdbx_contact_author.id                 3 
_pdbx_contact_author.email              soishi@mb.kyoto-phu.ac.jp 
_pdbx_contact_author.name_first         Shinya 
_pdbx_contact_author.name_last          Oishi 
_pdbx_contact_author.name_mi            ? 
_pdbx_contact_author.role               'principal investigator/group leader' 
_pdbx_contact_author.identifier_ORCID   0000-0002-2833-2539 
# 
loop_
_audit_author.name 
_audit_author.pdbx_ordinal 
_audit_author.identifier_ORCID 
'Oishi, S.'    1 0000-0002-2833-2539 
'Takahara, A.' 2 0000-0002-4658-0181 
'Nakatsu, T.'  3 0000-0002-9582-4023 
# 
_citation.abstract                  ? 
_citation.abstract_id_CAS           ? 
_citation.book_id_ISBN              ? 
_citation.book_publisher            ? 
_citation.book_publisher_city       ? 
_citation.book_title                ? 
_citation.coordinate_linkage        ? 
_citation.country                   US 
_citation.database_id_Medline       ? 
_citation.details                   ? 
_citation.id                        primary 
_citation.journal_abbrev            J.Med.Chem. 
_citation.journal_id_ASTM           JMCMAR 
_citation.journal_id_CSD            0151 
_citation.journal_id_ISSN           0022-2623 
_citation.journal_full              ? 
_citation.journal_issue             ? 
_citation.journal_volume            68 
_citation.language                  ? 
_citation.page_first                3123 
_citation.page_last                 3133 
_citation.title                     
'Elucidation of Postfusion Structures of the Measles Virus F Protein for the Structure-Based Design of Fusion Inhibitors.' 
_citation.year                      2025 
_citation.database_id_CSD           ? 
_citation.pdbx_database_id_DOI      10.1021/acs.jmedchem.4c02337 
_citation.pdbx_database_id_PubMed   39887040 
_citation.pdbx_database_id_patent   ? 
_citation.unpublished_flag          ? 
# 
loop_
_citation_author.citation_id 
_citation_author.name 
_citation_author.ordinal 
_citation_author.identifier_ORCID 
primary 'Takahara, A.' 1  ?                   
primary 'Nakatsu, T.'  2  ?                   
primary 'Hirata, K.'   3  ?                   
primary 'Hayashi, H.'  4  ?                   
primary 'Kawaji, K.'   5  ?                   
primary 'Aoki, K.'     6  ?                   
primary 'Inuki, S.'    7  0000-0002-7525-1280 
primary 'Ohno, H.'     8  0000-0002-3246-4809 
primary 'Kato, H.'     9  ?                   
primary 'Kodama, E.'   10 ?                   
primary 'Oishi, S.'    11 0000-0002-2833-2539 
# 
loop_
_entity.id 
_entity.type 
_entity.src_method 
_entity.pdbx_description 
_entity.formula_weight 
_entity.pdbx_number_of_molecules 
_entity.pdbx_ec 
_entity.pdbx_mutation 
_entity.pdbx_fragment 
_entity.details 
1 polymer     syn 'Fusion glycoprotein F1' 5225.786 1   ? ? ? ? 
2 polymer     syn 'Fusion glycoprotein F1' 3840.322 1   ? ? ? ? 
3 non-polymer syn 'CALCIUM ION'            40.078   1   ? ? ? ? 
4 water       nat water                    18.015   110 ? ? ? ? 
# 
loop_
_entity_poly.entity_id 
_entity_poly.type 
_entity_poly.nstd_linkage 
_entity_poly.nstd_monomer 
_entity_poly.pdbx_seq_one_letter_code 
_entity_poly.pdbx_seq_one_letter_code_can 
_entity_poly.pdbx_strand_id 
_entity_poly.pdbx_target_identifier 
1 'polypeptide(L)' no yes '(ACE)HQSMLNSQAIDNLRASLETTNQAIEAIRQAGQEMILAVQGVQDYINN(NH2)' 
XHQSMLNSQAIDNLRASLETTNQAIEAIRQAGQEMILAVQGVQDYINNX A ? 
2 'polypeptide(L)' no yes '(ACE)ISLERLDVGTNLGNAIAKLEDAKELLESSDQILRS(NH2)'             XISLERLDVGTNLGNAIAKLEDAKELLESSDQILRSX B ? 
# 
loop_
_pdbx_entity_nonpoly.entity_id 
_pdbx_entity_nonpoly.name 
_pdbx_entity_nonpoly.comp_id 
3 'CALCIUM ION' CA  
4 water         HOH 
# 
loop_
_entity_poly_seq.entity_id 
_entity_poly_seq.num 
_entity_poly_seq.mon_id 
_entity_poly_seq.hetero 
1 1  ACE n 
1 2  HIS n 
1 3  GLN n 
1 4  SER n 
1 5  MET n 
1 6  LEU n 
1 7  ASN n 
1 8  SER n 
1 9  GLN n 
1 10 ALA n 
1 11 ILE n 
1 12 ASP n 
1 13 ASN n 
1 14 LEU n 
1 15 ARG n 
1 16 ALA n 
1 17 SER n 
1 18 LEU n 
1 19 GLU n 
1 20 THR n 
1 21 THR n 
1 22 ASN n 
1 23 GLN n 
1 24 ALA n 
1 25 ILE n 
1 26 GLU n 
1 27 ALA n 
1 28 ILE n 
1 29 ARG n 
1 30 GLN n 
1 31 ALA n 
1 32 GLY n 
1 33 GLN n 
1 34 GLU n 
1 35 MET n 
1 36 ILE n 
1 37 LEU n 
1 38 ALA n 
1 39 VAL n 
1 40 GLN n 
1 41 GLY n 
1 42 VAL n 
1 43 GLN n 
1 44 ASP n 
1 45 TYR n 
1 46 ILE n 
1 47 ASN n 
1 48 ASN n 
1 49 NH2 n 
2 1  ACE n 
2 2  ILE n 
2 3  SER n 
2 4  LEU n 
2 5  GLU n 
2 6  ARG n 
2 7  LEU n 
2 8  ASP n 
2 9  VAL n 
2 10 GLY n 
2 11 THR n 
2 12 ASN n 
2 13 LEU n 
2 14 GLY n 
2 15 ASN n 
2 16 ALA n 
2 17 ILE n 
2 18 ALA n 
2 19 LYS n 
2 20 LEU n 
2 21 GLU n 
2 22 ASP n 
2 23 ALA n 
2 24 LYS n 
2 25 GLU n 
2 26 LEU n 
2 27 LEU n 
2 28 GLU n 
2 29 SER n 
2 30 SER n 
2 31 ASP n 
2 32 GLN n 
2 33 ILE n 
2 34 LEU n 
2 35 ARG n 
2 36 SER n 
2 37 NH2 n 
# 
loop_
_pdbx_entity_src_syn.entity_id 
_pdbx_entity_src_syn.pdbx_src_id 
_pdbx_entity_src_syn.pdbx_alt_source_flag 
_pdbx_entity_src_syn.pdbx_beg_seq_num 
_pdbx_entity_src_syn.pdbx_end_seq_num 
_pdbx_entity_src_syn.organism_scientific 
_pdbx_entity_src_syn.organism_common_name 
_pdbx_entity_src_syn.ncbi_taxonomy_id 
_pdbx_entity_src_syn.details 
1 1 sample 1 49 'Measles virus strain Edmonston' ? 11235 ? 
2 1 sample 1 37 'Measles virus strain Edmonston' ? 11235 ? 
# 
loop_
_chem_comp.id 
_chem_comp.type 
_chem_comp.mon_nstd_flag 
_chem_comp.name 
_chem_comp.pdbx_synonyms 
_chem_comp.formula 
_chem_comp.formula_weight 
ACE non-polymer         . 'ACETYL GROUP'  ? 'C2 H4 O'        44.053  
ALA 'L-peptide linking' y ALANINE         ? 'C3 H7 N O2'     89.093  
ARG 'L-peptide linking' y ARGININE        ? 'C6 H15 N4 O2 1' 175.209 
ASN 'L-peptide linking' y ASPARAGINE      ? 'C4 H8 N2 O3'    132.118 
ASP 'L-peptide linking' y 'ASPARTIC ACID' ? 'C4 H7 N O4'     133.103 
CA  non-polymer         . 'CALCIUM ION'   ? 'Ca 2'           40.078  
GLN 'L-peptide linking' y GLUTAMINE       ? 'C5 H10 N2 O3'   146.144 
GLU 'L-peptide linking' y 'GLUTAMIC ACID' ? 'C5 H9 N O4'     147.129 
GLY 'peptide linking'   y GLYCINE         ? 'C2 H5 N O2'     75.067  
HIS 'L-peptide linking' y HISTIDINE       ? 'C6 H10 N3 O2 1' 156.162 
HOH non-polymer         . WATER           ? 'H2 O'           18.015  
ILE 'L-peptide linking' y ISOLEUCINE      ? 'C6 H13 N O2'    131.173 
LEU 'L-peptide linking' y LEUCINE         ? 'C6 H13 N O2'    131.173 
LYS 'L-peptide linking' y LYSINE          ? 'C6 H15 N2 O2 1' 147.195 
MET 'L-peptide linking' y METHIONINE      ? 'C5 H11 N O2 S'  149.211 
NH2 non-polymer         . 'AMINO GROUP'   ? 'H2 N'           16.023  
SER 'L-peptide linking' y SERINE          ? 'C3 H7 N O3'     105.093 
THR 'L-peptide linking' y THREONINE       ? 'C4 H9 N O3'     119.119 
TYR 'L-peptide linking' y TYROSINE        ? 'C9 H11 N O3'    181.189 
VAL 'L-peptide linking' y VALINE          ? 'C5 H11 N O2'    117.146 
# 
loop_
_pdbx_poly_seq_scheme.asym_id 
_pdbx_poly_seq_scheme.entity_id 
_pdbx_poly_seq_scheme.seq_id 
_pdbx_poly_seq_scheme.mon_id 
_pdbx_poly_seq_scheme.ndb_seq_num 
_pdbx_poly_seq_scheme.pdb_seq_num 
_pdbx_poly_seq_scheme.auth_seq_num 
_pdbx_poly_seq_scheme.pdb_mon_id 
_pdbx_poly_seq_scheme.auth_mon_id 
_pdbx_poly_seq_scheme.pdb_strand_id 
_pdbx_poly_seq_scheme.pdb_ins_code 
_pdbx_poly_seq_scheme.hetero 
A 1 1  ACE 1  137 137 ACE ACE A . n 
A 1 2  HIS 2  138 138 HIS HIS A . n 
A 1 3  GLN 3  139 139 GLN GLN A . n 
A 1 4  SER 4  140 140 SER SER A . n 
A 1 5  MET 5  141 141 MET MET A . n 
A 1 6  LEU 6  142 142 LEU LEU A . n 
A 1 7  ASN 7  143 143 ASN ASN A . n 
A 1 8  SER 8  144 144 SER SER A . n 
A 1 9  GLN 9  145 145 GLN GLN A . n 
A 1 10 ALA 10 146 146 ALA ALA A . n 
A 1 11 ILE 11 147 147 ILE ILE A . n 
A 1 12 ASP 12 148 148 ASP ASP A . n 
A 1 13 ASN 13 149 149 ASN ASN A . n 
A 1 14 LEU 14 150 150 LEU LEU A . n 
A 1 15 ARG 15 151 151 ARG ARG A . n 
A 1 16 ALA 16 152 152 ALA ALA A . n 
A 1 17 SER 17 153 153 SER SER A . n 
A 1 18 LEU 18 154 154 LEU LEU A . n 
A 1 19 GLU 19 155 155 GLU GLU A . n 
A 1 20 THR 20 156 156 THR THR A . n 
A 1 21 THR 21 157 157 THR THR A . n 
A 1 22 ASN 22 158 158 ASN ASN A . n 
A 1 23 GLN 23 159 159 GLN GLN A . n 
A 1 24 ALA 24 160 160 ALA ALA A . n 
A 1 25 ILE 25 161 161 ILE ILE A . n 
A 1 26 GLU 26 162 162 GLU GLU A . n 
A 1 27 ALA 27 163 163 ALA ALA A . n 
A 1 28 ILE 28 164 164 ILE ILE A . n 
A 1 29 ARG 29 165 165 ARG ARG A . n 
A 1 30 GLN 30 166 166 GLN GLN A . n 
A 1 31 ALA 31 167 167 ALA ALA A . n 
A 1 32 GLY 32 168 168 GLY GLY A . n 
A 1 33 GLN 33 169 169 GLN GLN A . n 
A 1 34 GLU 34 170 170 GLU GLU A . n 
A 1 35 MET 35 171 171 MET MET A . n 
A 1 36 ILE 36 172 172 ILE ILE A . n 
A 1 37 LEU 37 173 173 LEU LEU A . n 
A 1 38 ALA 38 174 174 ALA ALA A . n 
A 1 39 VAL 39 175 175 VAL VAL A . n 
A 1 40 GLN 40 176 176 GLN GLN A . n 
A 1 41 GLY 41 177 177 GLY GLY A . n 
A 1 42 VAL 42 178 178 VAL VAL A . n 
A 1 43 GLN 43 179 179 GLN GLN A . n 
A 1 44 ASP 44 180 180 ASP ASP A . n 
A 1 45 TYR 45 181 181 TYR TYR A . n 
A 1 46 ILE 46 182 182 ILE ILE A . n 
A 1 47 ASN 47 183 183 ASN ASN A . n 
A 1 48 ASN 48 184 184 ASN ASN A . n 
A 1 49 NH2 49 185 185 NH2 NH2 A . n 
B 2 1  ACE 1  451 451 ACE ACE B . n 
B 2 2  ILE 2  452 452 ILE ILE B . n 
B 2 3  SER 3  453 453 SER SER B . n 
B 2 4  LEU 4  454 454 LEU LEU B . n 
B 2 5  GLU 5  455 455 GLU GLU B . n 
B 2 6  ARG 6  456 456 ARG ARG B . n 
B 2 7  LEU 7  457 457 LEU LEU B . n 
B 2 8  ASP 8  458 458 ASP ASP B . n 
B 2 9  VAL 9  459 459 VAL VAL B . n 
B 2 10 GLY 10 460 460 GLY GLY B . n 
B 2 11 THR 11 461 461 THR THR B . n 
B 2 12 ASN 12 462 462 ASN ASN B . n 
B 2 13 LEU 13 463 463 LEU LEU B . n 
B 2 14 GLY 14 464 464 GLY GLY B . n 
B 2 15 ASN 15 465 465 ASN ASN B . n 
B 2 16 ALA 16 466 466 ALA ALA B . n 
B 2 17 ILE 17 467 467 ILE ILE B . n 
B 2 18 ALA 18 468 468 ALA ALA B . n 
B 2 19 LYS 19 469 469 LYS LYS B . n 
B 2 20 LEU 20 470 470 LEU LEU B . n 
B 2 21 GLU 21 471 471 GLU GLU B . n 
B 2 22 ASP 22 472 472 ASP ASP B . n 
B 2 23 ALA 23 473 473 ALA ALA B . n 
B 2 24 LYS 24 474 474 LYS LYS B . n 
B 2 25 GLU 25 475 475 GLU GLU B . n 
B 2 26 LEU 26 476 476 LEU LEU B . n 
B 2 27 LEU 27 477 477 LEU LEU B . n 
B 2 28 GLU 28 478 478 GLU GLU B . n 
B 2 29 SER 29 479 479 SER SER B . n 
B 2 30 SER 30 480 480 SER SER B . n 
B 2 31 ASP 31 481 481 ASP ASP B . n 
B 2 32 GLN 32 482 482 GLN GLN B . n 
B 2 33 ILE 33 483 483 ILE ILE B . n 
B 2 34 LEU 34 484 484 LEU LEU B . n 
B 2 35 ARG 35 485 485 ARG ARG B . n 
B 2 36 SER 36 486 486 SER SER B . n 
B 2 37 NH2 37 487 487 NH2 NH2 B . n 
# 
loop_
_pdbx_nonpoly_scheme.asym_id 
_pdbx_nonpoly_scheme.entity_id 
_pdbx_nonpoly_scheme.mon_id 
_pdbx_nonpoly_scheme.ndb_seq_num 
_pdbx_nonpoly_scheme.pdb_seq_num 
_pdbx_nonpoly_scheme.auth_seq_num 
_pdbx_nonpoly_scheme.pdb_mon_id 
_pdbx_nonpoly_scheme.auth_mon_id 
_pdbx_nonpoly_scheme.pdb_strand_id 
_pdbx_nonpoly_scheme.pdb_ins_code 
C 3 CA  1  501 1   CA  CA  B . 
D 4 HOH 1  201 68  HOH HOH A . 
D 4 HOH 2  202 109 HOH HOH A . 
D 4 HOH 3  203 32  HOH HOH A . 
D 4 HOH 4  204 82  HOH HOH A . 
D 4 HOH 5  205 94  HOH HOH A . 
D 4 HOH 6  206 41  HOH HOH A . 
D 4 HOH 7  207 20  HOH HOH A . 
D 4 HOH 8  208 108 HOH HOH A . 
D 4 HOH 9  209 35  HOH HOH A . 
D 4 HOH 10 210 64  HOH HOH A . 
D 4 HOH 11 211 22  HOH HOH A . 
D 4 HOH 12 212 2   HOH HOH A . 
D 4 HOH 13 213 4   HOH HOH A . 
D 4 HOH 14 214 52  HOH HOH A . 
D 4 HOH 15 215 21  HOH HOH A . 
D 4 HOH 16 216 1   HOH HOH A . 
D 4 HOH 17 217 5   HOH HOH A . 
D 4 HOH 18 218 25  HOH HOH A . 
D 4 HOH 19 219 86  HOH HOH A . 
D 4 HOH 20 220 31  HOH HOH A . 
D 4 HOH 21 221 95  HOH HOH A . 
D 4 HOH 22 222 72  HOH HOH A . 
D 4 HOH 23 223 8   HOH HOH A . 
D 4 HOH 24 224 7   HOH HOH A . 
D 4 HOH 25 225 9   HOH HOH A . 
D 4 HOH 26 226 97  HOH HOH A . 
D 4 HOH 27 227 19  HOH HOH A . 
D 4 HOH 28 228 28  HOH HOH A . 
D 4 HOH 29 229 6   HOH HOH A . 
D 4 HOH 30 230 13  HOH HOH A . 
D 4 HOH 31 231 10  HOH HOH A . 
D 4 HOH 32 232 34  HOH HOH A . 
D 4 HOH 33 233 88  HOH HOH A . 
D 4 HOH 34 234 56  HOH HOH A . 
D 4 HOH 35 235 77  HOH HOH A . 
D 4 HOH 36 236 55  HOH HOH A . 
D 4 HOH 37 237 93  HOH HOH A . 
D 4 HOH 38 238 40  HOH HOH A . 
D 4 HOH 39 239 66  HOH HOH A . 
D 4 HOH 40 240 37  HOH HOH A . 
D 4 HOH 41 241 87  HOH HOH A . 
D 4 HOH 42 242 104 HOH HOH A . 
D 4 HOH 43 243 27  HOH HOH A . 
D 4 HOH 44 244 33  HOH HOH A . 
D 4 HOH 45 245 99  HOH HOH A . 
D 4 HOH 46 246 53  HOH HOH A . 
D 4 HOH 47 247 60  HOH HOH A . 
D 4 HOH 48 248 24  HOH HOH A . 
D 4 HOH 49 249 92  HOH HOH A . 
D 4 HOH 50 250 74  HOH HOH A . 
D 4 HOH 51 251 89  HOH HOH A . 
D 4 HOH 52 252 76  HOH HOH A . 
D 4 HOH 53 253 43  HOH HOH A . 
E 4 HOH 1  601 70  HOH HOH B . 
E 4 HOH 2  602 84  HOH HOH B . 
E 4 HOH 3  603 58  HOH HOH B . 
E 4 HOH 4  604 61  HOH HOH B . 
E 4 HOH 5  605 18  HOH HOH B . 
E 4 HOH 6  606 62  HOH HOH B . 
E 4 HOH 7  607 44  HOH HOH B . 
E 4 HOH 8  608 81  HOH HOH B . 
E 4 HOH 9  609 29  HOH HOH B . 
E 4 HOH 10 610 46  HOH HOH B . 
E 4 HOH 11 611 54  HOH HOH B . 
E 4 HOH 12 612 110 HOH HOH B . 
E 4 HOH 13 613 78  HOH HOH B . 
E 4 HOH 14 614 83  HOH HOH B . 
E 4 HOH 15 615 69  HOH HOH B . 
E 4 HOH 16 616 65  HOH HOH B . 
E 4 HOH 17 617 80  HOH HOH B . 
E 4 HOH 18 618 51  HOH HOH B . 
E 4 HOH 19 619 14  HOH HOH B . 
E 4 HOH 20 620 26  HOH HOH B . 
E 4 HOH 21 621 90  HOH HOH B . 
E 4 HOH 22 622 103 HOH HOH B . 
E 4 HOH 23 623 102 HOH HOH B . 
E 4 HOH 24 624 3   HOH HOH B . 
E 4 HOH 25 625 63  HOH HOH B . 
E 4 HOH 26 626 12  HOH HOH B . 
E 4 HOH 27 627 73  HOH HOH B . 
E 4 HOH 28 628 67  HOH HOH B . 
E 4 HOH 29 629 11  HOH HOH B . 
E 4 HOH 30 630 15  HOH HOH B . 
E 4 HOH 31 631 101 HOH HOH B . 
E 4 HOH 32 632 50  HOH HOH B . 
E 4 HOH 33 633 105 HOH HOH B . 
E 4 HOH 34 634 17  HOH HOH B . 
E 4 HOH 35 635 23  HOH HOH B . 
E 4 HOH 36 636 59  HOH HOH B . 
E 4 HOH 37 637 106 HOH HOH B . 
E 4 HOH 38 638 16  HOH HOH B . 
E 4 HOH 39 639 71  HOH HOH B . 
E 4 HOH 40 640 100 HOH HOH B . 
E 4 HOH 41 641 45  HOH HOH B . 
E 4 HOH 42 642 75  HOH HOH B . 
E 4 HOH 43 643 38  HOH HOH B . 
E 4 HOH 44 644 98  HOH HOH B . 
E 4 HOH 45 645 107 HOH HOH B . 
E 4 HOH 46 646 30  HOH HOH B . 
E 4 HOH 47 647 48  HOH HOH B . 
E 4 HOH 48 648 49  HOH HOH B . 
E 4 HOH 49 649 47  HOH HOH B . 
E 4 HOH 50 650 91  HOH HOH B . 
E 4 HOH 51 651 85  HOH HOH B . 
E 4 HOH 52 652 42  HOH HOH B . 
E 4 HOH 53 653 57  HOH HOH B . 
E 4 HOH 54 654 39  HOH HOH B . 
E 4 HOH 55 655 36  HOH HOH B . 
E 4 HOH 56 656 96  HOH HOH B . 
E 4 HOH 57 657 79  HOH HOH B . 
# 
loop_
_software.citation_id 
_software.classification 
_software.compiler_name 
_software.compiler_version 
_software.contact_author 
_software.contact_author_email 
_software.date 
_software.description 
_software.dependencies 
_software.hardware 
_software.language 
_software.location 
_software.mods 
_software.name 
_software.os 
_software.os_version 
_software.type 
_software.version 
_software.pdbx_ordinal 
? refinement       ? ? ? ? ? ? ? ? ? ? ? REFMAC ? ? ? 5.8.0258 1 
? 'data reduction' ? ? ? ? ? ? ? ? ? ? ? XDS    ? ? ? .        2 
? 'data scaling'   ? ? ? ? ? ? ? ? ? ? ? XDS    ? ? ? .        3 
? phasing          ? ? ? ? ? ? ? ? ? ? ? MOLREP ? ? ? .        4 
# 
_cell.angle_alpha                  90.000 
_cell.angle_alpha_esd              ? 
_cell.angle_beta                   90.000 
_cell.angle_beta_esd               ? 
_cell.angle_gamma                  120.000 
_cell.angle_gamma_esd              ? 
_cell.entry_id                     8XO3 
_cell.details                      ? 
_cell.formula_units_Z              ? 
_cell.length_a                     32.899 
_cell.length_a_esd                 ? 
_cell.length_b                     32.899 
_cell.length_b_esd                 ? 
_cell.length_c                     124.596 
_cell.length_c_esd                 ? 
_cell.volume                       ? 
_cell.volume_esd                   ? 
_cell.Z_PDB                        6 
_cell.reciprocal_angle_alpha       ? 
_cell.reciprocal_angle_beta        ? 
_cell.reciprocal_angle_gamma       ? 
_cell.reciprocal_angle_alpha_esd   ? 
_cell.reciprocal_angle_beta_esd    ? 
_cell.reciprocal_angle_gamma_esd   ? 
_cell.reciprocal_length_a          ? 
_cell.reciprocal_length_b          ? 
_cell.reciprocal_length_c          ? 
_cell.reciprocal_length_a_esd      ? 
_cell.reciprocal_length_b_esd      ? 
_cell.reciprocal_length_c_esd      ? 
_cell.pdbx_unique_axis             ? 
_cell.pdbx_esd_method              ? 
# 
_symmetry.entry_id                         8XO3 
_symmetry.cell_setting                     ? 
_symmetry.Int_Tables_number                150 
_symmetry.space_group_name_Hall            ? 
_symmetry.space_group_name_H-M             'P 3 2 1' 
_symmetry.pdbx_full_space_group_name_H-M   ? 
# 
_exptl.absorpt_coefficient_mu     ? 
_exptl.absorpt_correction_T_max   ? 
_exptl.absorpt_correction_T_min   ? 
_exptl.absorpt_correction_type    ? 
_exptl.absorpt_process_details    ? 
_exptl.entry_id                   8XO3 
_exptl.crystals_number            1 
_exptl.details                    ? 
_exptl.method                     'X-RAY DIFFRACTION' 
_exptl.method_details             ? 
# 
_exptl_crystal.colour                       ? 
_exptl_crystal.density_diffrn               ? 
_exptl_crystal.density_Matthews             2.15 
_exptl_crystal.density_method               ? 
_exptl_crystal.density_percent_sol          42.71 
_exptl_crystal.description                  ? 
_exptl_crystal.F_000                        ? 
_exptl_crystal.id                           1 
_exptl_crystal.preparation                  ? 
_exptl_crystal.size_max                     ? 
_exptl_crystal.size_mid                     ? 
_exptl_crystal.size_min                     ? 
_exptl_crystal.size_rad                     ? 
_exptl_crystal.colour_lustre                ? 
_exptl_crystal.colour_modifier              ? 
_exptl_crystal.colour_primary               ? 
_exptl_crystal.density_meas                 ? 
_exptl_crystal.density_meas_esd             ? 
_exptl_crystal.density_meas_gt              ? 
_exptl_crystal.density_meas_lt              ? 
_exptl_crystal.density_meas_temp            ? 
_exptl_crystal.density_meas_temp_esd        ? 
_exptl_crystal.density_meas_temp_gt         ? 
_exptl_crystal.density_meas_temp_lt         ? 
_exptl_crystal.pdbx_crystal_image_url       ? 
_exptl_crystal.pdbx_crystal_image_format    ? 
_exptl_crystal.pdbx_mosaicity               ? 
_exptl_crystal.pdbx_mosaicity_esd           ? 
_exptl_crystal.pdbx_mosaic_method           ? 
_exptl_crystal.pdbx_mosaic_block_size       ? 
_exptl_crystal.pdbx_mosaic_block_size_esd   ? 
# 
_exptl_crystal_grow.apparatus       ? 
_exptl_crystal_grow.atmosphere      ? 
_exptl_crystal_grow.crystal_id      1 
_exptl_crystal_grow.details         ? 
_exptl_crystal_grow.method          'VAPOR DIFFUSION, SITTING DROP' 
_exptl_crystal_grow.method_ref      ? 
_exptl_crystal_grow.pH              6.5 
_exptl_crystal_grow.pressure        ? 
_exptl_crystal_grow.pressure_esd    ? 
_exptl_crystal_grow.seeding         ? 
_exptl_crystal_grow.seeding_ref     ? 
_exptl_crystal_grow.temp_details    ? 
_exptl_crystal_grow.temp_esd        ? 
_exptl_crystal_grow.time            ? 
_exptl_crystal_grow.pdbx_details    '200 mM Ca Acetate, 15% (w/v) PEG 3350, 100 mM BIS-TRIS (pH 6.5)' 
_exptl_crystal_grow.pdbx_pH_range   ? 
_exptl_crystal_grow.temp            293 
# 
_diffrn.ambient_environment              ? 
_diffrn.ambient_temp                     100 
_diffrn.ambient_temp_details             ? 
_diffrn.ambient_temp_esd                 ? 
_diffrn.crystal_id                       1 
_diffrn.crystal_support                  ? 
_diffrn.crystal_treatment                ? 
_diffrn.details                          ? 
_diffrn.id                               1 
_diffrn.ambient_pressure                 ? 
_diffrn.ambient_pressure_esd             ? 
_diffrn.ambient_pressure_gt              ? 
_diffrn.ambient_pressure_lt              ? 
_diffrn.ambient_temp_gt                  ? 
_diffrn.ambient_temp_lt                  ? 
_diffrn.pdbx_serial_crystal_experiment   N 
# 
_diffrn_detector.details                      ? 
_diffrn_detector.detector                     PIXEL 
_diffrn_detector.diffrn_id                    1 
_diffrn_detector.type                         'DECTRIS PILATUS3 6M' 
_diffrn_detector.area_resol_mean              ? 
_diffrn_detector.dtime                        ? 
_diffrn_detector.pdbx_frames_total            ? 
_diffrn_detector.pdbx_collection_time_total   ? 
_diffrn_detector.pdbx_collection_date         2019-07-18 
_diffrn_detector.pdbx_frequency               ? 
_diffrn_detector.id                           ? 
_diffrn_detector.number_of_axes               ? 
# 
_diffrn_radiation.collimation                      ? 
_diffrn_radiation.diffrn_id                        1 
_diffrn_radiation.filter_edge                      ? 
_diffrn_radiation.inhomogeneity                    ? 
_diffrn_radiation.monochromator                    ? 
_diffrn_radiation.polarisn_norm                    ? 
_diffrn_radiation.polarisn_ratio                   ? 
_diffrn_radiation.probe                            ? 
_diffrn_radiation.type                             ? 
_diffrn_radiation.xray_symbol                      ? 
_diffrn_radiation.wavelength_id                    1 
_diffrn_radiation.pdbx_monochromatic_or_laue_m_l   M 
_diffrn_radiation.pdbx_wavelength_list             ? 
_diffrn_radiation.pdbx_wavelength                  ? 
_diffrn_radiation.pdbx_diffrn_protocol             'SINGLE WAVELENGTH' 
_diffrn_radiation.pdbx_analyzer                    ? 
_diffrn_radiation.pdbx_scattering_type             x-ray 
# 
_diffrn_radiation_wavelength.id           1 
_diffrn_radiation_wavelength.wavelength   1.000000 
_diffrn_radiation_wavelength.wt           1.0 
# 
_diffrn_source.current                     ? 
_diffrn_source.details                     ? 
_diffrn_source.diffrn_id                   1 
_diffrn_source.power                       ? 
_diffrn_source.size                        ? 
_diffrn_source.source                      SYNCHROTRON 
_diffrn_source.target                      ? 
_diffrn_source.type                        'SPRING-8 BEAMLINE BL45XU' 
_diffrn_source.voltage                     ? 
_diffrn_source.take-off_angle              ? 
_diffrn_source.pdbx_wavelength_list        1.000000 
_diffrn_source.pdbx_wavelength             ? 
_diffrn_source.pdbx_synchrotron_beamline   BL45XU 
_diffrn_source.pdbx_synchrotron_site       SPring-8 
# 
_reflns.B_iso_Wilson_estimate                          ? 
_reflns.entry_id                                       8XO3 
_reflns.data_reduction_details                         ? 
_reflns.data_reduction_method                          ? 
_reflns.d_resolution_high                              1.104 
_reflns.d_resolution_low                               50 
_reflns.details                                        ? 
_reflns.limit_h_max                                    ? 
_reflns.limit_h_min                                    ? 
_reflns.limit_k_max                                    ? 
_reflns.limit_k_min                                    ? 
_reflns.limit_l_max                                    ? 
_reflns.limit_l_min                                    ? 
_reflns.number_all                                     ? 
_reflns.number_obs                                     32332 
_reflns.observed_criterion                             ? 
_reflns.observed_criterion_F_max                       ? 
_reflns.observed_criterion_F_min                       ? 
_reflns.observed_criterion_I_max                       ? 
_reflns.observed_criterion_I_min                       ? 
_reflns.observed_criterion_sigma_F                     ? 
_reflns.observed_criterion_sigma_I                     ? 
_reflns.percent_possible_obs                           99.1 
_reflns.R_free_details                                 ? 
_reflns.Rmerge_F_all                                   ? 
_reflns.Rmerge_F_obs                                   ? 
_reflns.Friedel_coverage                               ? 
_reflns.number_gt                                      ? 
_reflns.threshold_expression                           ? 
_reflns.pdbx_redundancy                                8.66 
_reflns.pdbx_netI_over_av_sigmaI                       ? 
_reflns.pdbx_netI_over_sigmaI                          13.02 
_reflns.pdbx_res_netI_over_av_sigmaI_2                 ? 
_reflns.pdbx_res_netI_over_sigmaI_2                    ? 
_reflns.pdbx_chi_squared                               ? 
_reflns.pdbx_scaling_rejects                           ? 
_reflns.pdbx_d_res_high_opt                            ? 
_reflns.pdbx_d_res_low_opt                             ? 
_reflns.pdbx_d_res_opt_method                          ? 
_reflns.phase_calculation_details                      ? 
_reflns.pdbx_Rrim_I_all                                0.094 
_reflns.pdbx_Rpim_I_all                                ? 
_reflns.pdbx_d_opt                                     ? 
_reflns.pdbx_number_measured_all                       ? 
_reflns.pdbx_diffrn_id                                 1 
_reflns.pdbx_ordinal                                   1 
_reflns.pdbx_CC_half                                   0.996 
_reflns.pdbx_CC_star                                   ? 
_reflns.pdbx_R_split                                   ? 
_reflns.pdbx_Rmerge_I_obs                              ? 
_reflns.pdbx_Rmerge_I_all                              ? 
_reflns.pdbx_Rsym_value                                ? 
_reflns.pdbx_CC_split_method                           ? 
_reflns.pdbx_aniso_diffraction_limit_axis_1_ortho[1]   ? 
_reflns.pdbx_aniso_diffraction_limit_axis_1_ortho[2]   ? 
_reflns.pdbx_aniso_diffraction_limit_axis_1_ortho[3]   ? 
_reflns.pdbx_aniso_diffraction_limit_axis_2_ortho[1]   ? 
_reflns.pdbx_aniso_diffraction_limit_axis_2_ortho[2]   ? 
_reflns.pdbx_aniso_diffraction_limit_axis_2_ortho[3]   ? 
_reflns.pdbx_aniso_diffraction_limit_axis_3_ortho[1]   ? 
_reflns.pdbx_aniso_diffraction_limit_axis_3_ortho[2]   ? 
_reflns.pdbx_aniso_diffraction_limit_axis_3_ortho[3]   ? 
_reflns.pdbx_aniso_diffraction_limit_1                 ? 
_reflns.pdbx_aniso_diffraction_limit_2                 ? 
_reflns.pdbx_aniso_diffraction_limit_3                 ? 
_reflns.pdbx_aniso_B_tensor_eigenvector_1_ortho[1]     ? 
_reflns.pdbx_aniso_B_tensor_eigenvector_1_ortho[2]     ? 
_reflns.pdbx_aniso_B_tensor_eigenvector_1_ortho[3]     ? 
_reflns.pdbx_aniso_B_tensor_eigenvector_2_ortho[1]     ? 
_reflns.pdbx_aniso_B_tensor_eigenvector_2_ortho[2]     ? 
_reflns.pdbx_aniso_B_tensor_eigenvector_2_ortho[3]     ? 
_reflns.pdbx_aniso_B_tensor_eigenvector_3_ortho[1]     ? 
_reflns.pdbx_aniso_B_tensor_eigenvector_3_ortho[2]     ? 
_reflns.pdbx_aniso_B_tensor_eigenvector_3_ortho[3]     ? 
_reflns.pdbx_aniso_B_tensor_eigenvalue_1               ? 
_reflns.pdbx_aniso_B_tensor_eigenvalue_2               ? 
_reflns.pdbx_aniso_B_tensor_eigenvalue_3               ? 
_reflns.pdbx_orthogonalization_convention              ? 
_reflns.pdbx_percent_possible_ellipsoidal              ? 
_reflns.pdbx_percent_possible_spherical                ? 
_reflns.pdbx_percent_possible_ellipsoidal_anomalous    ? 
_reflns.pdbx_percent_possible_spherical_anomalous      ? 
_reflns.pdbx_redundancy_anomalous                      ? 
_reflns.pdbx_CC_half_anomalous                         ? 
_reflns.pdbx_absDiff_over_sigma_anomalous              ? 
_reflns.pdbx_percent_possible_anomalous                ? 
_reflns.pdbx_observed_signal_threshold                 ? 
_reflns.pdbx_signal_type                               ? 
_reflns.pdbx_signal_details                            ? 
_reflns.pdbx_signal_software_id                        ? 
# 
_reflns_shell.d_res_high                                    1.104 
_reflns_shell.d_res_low                                     1.17 
_reflns_shell.meanI_over_sigI_all                           ? 
_reflns_shell.meanI_over_sigI_obs                           2.00 
_reflns_shell.number_measured_all                           ? 
_reflns_shell.number_measured_obs                           ? 
_reflns_shell.number_possible                               ? 
_reflns_shell.number_unique_all                             ? 
_reflns_shell.number_unique_obs                             4867 
_reflns_shell.percent_possible_obs                          ? 
_reflns_shell.Rmerge_F_all                                  ? 
_reflns_shell.Rmerge_F_obs                                  ? 
_reflns_shell.meanI_over_sigI_gt                            ? 
_reflns_shell.meanI_over_uI_all                             ? 
_reflns_shell.meanI_over_uI_gt                              ? 
_reflns_shell.number_measured_gt                            ? 
_reflns_shell.number_unique_gt                              ? 
_reflns_shell.percent_possible_gt                           ? 
_reflns_shell.Rmerge_F_gt                                   ? 
_reflns_shell.Rmerge_I_gt                                   ? 
_reflns_shell.pdbx_redundancy                               5.25 
_reflns_shell.pdbx_chi_squared                              ? 
_reflns_shell.pdbx_netI_over_sigmaI_all                     ? 
_reflns_shell.pdbx_netI_over_sigmaI_obs                     ? 
_reflns_shell.pdbx_Rrim_I_all                               0.619 
_reflns_shell.pdbx_Rpim_I_all                               ? 
_reflns_shell.pdbx_rejects                                  ? 
_reflns_shell.pdbx_ordinal                                  1 
_reflns_shell.pdbx_diffrn_id                                1 
_reflns_shell.pdbx_CC_half                                  0.969 
_reflns_shell.pdbx_CC_star                                  ? 
_reflns_shell.pdbx_R_split                                  ? 
_reflns_shell.percent_possible_all                          94.3 
_reflns_shell.Rmerge_I_all                                  ? 
_reflns_shell.Rmerge_I_obs                                  ? 
_reflns_shell.pdbx_Rsym_value                               ? 
_reflns_shell.pdbx_percent_possible_ellipsoidal             ? 
_reflns_shell.pdbx_percent_possible_spherical               ? 
_reflns_shell.pdbx_percent_possible_ellipsoidal_anomalous   ? 
_reflns_shell.pdbx_percent_possible_spherical_anomalous     ? 
_reflns_shell.pdbx_redundancy_anomalous                     ? 
_reflns_shell.pdbx_CC_half_anomalous                        ? 
_reflns_shell.pdbx_absDiff_over_sigma_anomalous             ? 
_reflns_shell.pdbx_percent_possible_anomalous               ? 
# 
_refine.aniso_B[1][1]                            0.754 
_refine.aniso_B[1][2]                            0.377 
_refine.aniso_B[1][3]                            0.000 
_refine.aniso_B[2][2]                            0.754 
_refine.aniso_B[2][3]                            -0.000 
_refine.aniso_B[3][3]                            -2.445 
_refine.B_iso_max                                ? 
_refine.B_iso_mean                               23.384 
_refine.B_iso_min                                ? 
_refine.correlation_coeff_Fo_to_Fc               0.965 
_refine.correlation_coeff_Fo_to_Fc_free          0.959 
_refine.details                                  'Hydrogens have been added in their riding positions' 
_refine.diff_density_max                         ? 
_refine.diff_density_max_esd                     ? 
_refine.diff_density_min                         ? 
_refine.diff_density_min_esd                     ? 
_refine.diff_density_rms                         ? 
_refine.diff_density_rms_esd                     ? 
_refine.entry_id                                 8XO3 
_refine.pdbx_refine_id                           'X-RAY DIFFRACTION' 
_refine.ls_abs_structure_details                 ? 
_refine.ls_abs_structure_Flack                   ? 
_refine.ls_abs_structure_Flack_esd               ? 
_refine.ls_abs_structure_Rogers                  ? 
_refine.ls_abs_structure_Rogers_esd              ? 
_refine.ls_d_res_high                            1.104 
_refine.ls_d_res_low                             41.532 
_refine.ls_extinction_coef                       ? 
_refine.ls_extinction_coef_esd                   ? 
_refine.ls_extinction_expression                 ? 
_refine.ls_extinction_method                     ? 
_refine.ls_goodness_of_fit_all                   ? 
_refine.ls_goodness_of_fit_all_esd               ? 
_refine.ls_goodness_of_fit_obs                   ? 
_refine.ls_goodness_of_fit_obs_esd               ? 
_refine.ls_hydrogen_treatment                    ? 
_refine.ls_matrix_type                           ? 
_refine.ls_number_constraints                    ? 
_refine.ls_number_parameters                     ? 
_refine.ls_number_reflns_all                     ? 
_refine.ls_number_reflns_obs                     32301 
_refine.ls_number_reflns_R_free                  1615 
_refine.ls_number_reflns_R_work                  30686 
_refine.ls_number_restraints                     ? 
_refine.ls_percent_reflns_obs                    98.983 
_refine.ls_percent_reflns_R_free                 5.000 
_refine.ls_R_factor_all                          0.214 
_refine.ls_R_factor_obs                          ? 
_refine.ls_R_factor_R_free                       0.2353 
_refine.ls_R_factor_R_free_error                 ? 
_refine.ls_R_factor_R_free_error_details         ? 
_refine.ls_R_factor_R_work                       0.2127 
_refine.ls_R_Fsqd_factor_obs                     ? 
_refine.ls_R_I_factor_obs                        ? 
_refine.ls_redundancy_reflns_all                 ? 
_refine.ls_redundancy_reflns_obs                 ? 
_refine.ls_restrained_S_all                      ? 
_refine.ls_restrained_S_obs                      ? 
_refine.ls_shift_over_esd_max                    ? 
_refine.ls_shift_over_esd_mean                   ? 
_refine.ls_structure_factor_coef                 ? 
_refine.ls_weighting_details                     ? 
_refine.ls_weighting_scheme                      ? 
_refine.ls_wR_factor_all                         ? 
_refine.ls_wR_factor_obs                         ? 
_refine.ls_wR_factor_R_free                      ? 
_refine.ls_wR_factor_R_work                      ? 
_refine.occupancy_max                            ? 
_refine.occupancy_min                            ? 
_refine.solvent_model_details                    'MASK BULK SOLVENT' 
_refine.solvent_model_param_bsol                 ? 
_refine.solvent_model_param_ksol                 ? 
_refine.pdbx_R_complete                          ? 
_refine.ls_R_factor_gt                           ? 
_refine.ls_goodness_of_fit_gt                    ? 
_refine.ls_goodness_of_fit_ref                   ? 
_refine.ls_shift_over_su_max                     ? 
_refine.ls_shift_over_su_max_lt                  ? 
_refine.ls_shift_over_su_mean                    ? 
_refine.ls_shift_over_su_mean_lt                 ? 
_refine.pdbx_ls_sigma_I                          ? 
_refine.pdbx_ls_sigma_F                          ? 
_refine.pdbx_ls_sigma_Fsqd                       ? 
_refine.pdbx_data_cutoff_high_absF               ? 
_refine.pdbx_data_cutoff_high_rms_absF           ? 
_refine.pdbx_data_cutoff_low_absF                ? 
_refine.pdbx_isotropic_thermal_model             ? 
_refine.pdbx_ls_cross_valid_method               'FREE R-VALUE' 
_refine.pdbx_method_to_determine_struct          'MOLECULAR REPLACEMENT' 
_refine.pdbx_starting_model                      ? 
_refine.pdbx_stereochemistry_target_values       ? 
_refine.pdbx_R_Free_selection_details            ? 
_refine.pdbx_stereochem_target_val_spec_case     ? 
_refine.pdbx_overall_ESU_R                       0.041 
_refine.pdbx_overall_ESU_R_Free                  0.043 
_refine.pdbx_solvent_vdw_probe_radii             1.200 
_refine.pdbx_solvent_ion_probe_radii             0.800 
_refine.pdbx_solvent_shrinkage_radii             0.800 
_refine.pdbx_real_space_R                        ? 
_refine.pdbx_density_correlation                 ? 
_refine.pdbx_pd_number_of_powder_patterns        ? 
_refine.pdbx_pd_number_of_points                 ? 
_refine.pdbx_pd_meas_number_of_points            ? 
_refine.pdbx_pd_proc_ls_prof_R_factor            ? 
_refine.pdbx_pd_proc_ls_prof_wR_factor           ? 
_refine.pdbx_pd_Marquardt_correlation_coeff      ? 
_refine.pdbx_pd_Fsqrd_R_factor                   ? 
_refine.pdbx_pd_ls_matrix_band_width             ? 
_refine.pdbx_overall_phase_error                 ? 
_refine.pdbx_overall_SU_R_free_Cruickshank_DPI   ? 
_refine.pdbx_overall_SU_R_free_Blow_DPI          ? 
_refine.pdbx_overall_SU_R_Blow_DPI               ? 
_refine.pdbx_TLS_residual_ADP_flag               ? 
_refine.pdbx_diffrn_id                           1 
_refine.overall_SU_B                             0.778 
_refine.overall_SU_ML                            0.036 
_refine.overall_SU_R_Cruickshank_DPI             ? 
_refine.overall_SU_R_free                        ? 
_refine.overall_FOM_free_R_set                   ? 
_refine.overall_FOM_work_R_set                   ? 
_refine.pdbx_average_fsc_overall                 ? 
_refine.pdbx_average_fsc_work                    ? 
_refine.pdbx_average_fsc_free                    ? 
# 
_refine_hist.pdbx_refine_id                   'X-RAY DIFFRACTION' 
_refine_hist.cycle_id                         LAST 
_refine_hist.pdbx_number_atoms_protein        636 
_refine_hist.pdbx_number_atoms_nucleic_acid   0 
_refine_hist.pdbx_number_atoms_ligand         1 
_refine_hist.number_atoms_solvent             110 
_refine_hist.number_atoms_total               747 
_refine_hist.d_res_high                       1.104 
_refine_hist.d_res_low                        41.532 
# 
loop_
_refine_ls_restr.pdbx_refine_id 
_refine_ls_restr.criterion 
_refine_ls_restr.dev_ideal 
_refine_ls_restr.dev_ideal_target 
_refine_ls_restr.number 
_refine_ls_restr.rejects 
_refine_ls_restr.type 
_refine_ls_restr.weight 
_refine_ls_restr.pdbx_restraint_function 
'X-RAY DIFFRACTION' ? 0.014  0.013  697  ? r_bond_refined_d               ? ? 
'X-RAY DIFFRACTION' ? 0.001  0.017  654  ? r_bond_other_d                 ? ? 
'X-RAY DIFFRACTION' ? 1.773  1.629  952  ? r_angle_refined_deg            ? ? 
'X-RAY DIFFRACTION' ? 1.633  1.572  1539 ? r_angle_other_deg              ? ? 
'X-RAY DIFFRACTION' ? 3.756  5.000  97   ? r_dihedral_angle_1_deg         ? ? 
'X-RAY DIFFRACTION' ? 30.238 24.070 43   ? r_dihedral_angle_2_deg         ? ? 
'X-RAY DIFFRACTION' ? 12.426 15.000 141  ? r_dihedral_angle_3_deg         ? ? 
'X-RAY DIFFRACTION' ? 12.491 15.000 4    ? r_dihedral_angle_4_deg         ? ? 
'X-RAY DIFFRACTION' ? 0.092  0.200  100  ? r_chiral_restr                 ? ? 
'X-RAY DIFFRACTION' ? 0.008  0.020  817  ? r_gen_planes_refined           ? ? 
'X-RAY DIFFRACTION' ? 0.001  0.020  119  ? r_gen_planes_other             ? ? 
'X-RAY DIFFRACTION' ? 0.230  0.200  170  ? r_nbd_refined                  ? ? 
'X-RAY DIFFRACTION' ? 0.158  0.200  561  ? r_symmetry_nbd_other           ? ? 
'X-RAY DIFFRACTION' ? 0.168  0.200  346  ? r_nbtor_refined                ? ? 
'X-RAY DIFFRACTION' ? 0.079  0.200  333  ? r_symmetry_nbtor_other         ? ? 
'X-RAY DIFFRACTION' ? 0.176  0.200  67   ? r_xyhbond_nbd_refined          ? ? 
'X-RAY DIFFRACTION' ? 0.231  0.200  5    ? r_metal_ion_refined            ? ? 
'X-RAY DIFFRACTION' ? 0.131  0.200  16   ? r_symmetry_nbd_refined         ? ? 
'X-RAY DIFFRACTION' ? 0.177  0.200  61   ? r_nbd_other                    ? ? 
'X-RAY DIFFRACTION' ? 0.208  0.200  21   ? r_symmetry_xyhbond_nbd_refined ? ? 
'X-RAY DIFFRACTION' ? 1.874  2.210  355  ? r_mcbond_it                    ? ? 
'X-RAY DIFFRACTION' ? 1.853  2.204  353  ? r_mcbond_other                 ? ? 
'X-RAY DIFFRACTION' ? 2.448  3.301  447  ? r_mcangle_it                   ? ? 
'X-RAY DIFFRACTION' ? 2.432  3.299  447  ? r_mcangle_other                ? ? 
'X-RAY DIFFRACTION' ? 2.828  2.623  340  ? r_scbond_it                    ? ? 
'X-RAY DIFFRACTION' ? 2.798  2.622  340  ? r_scbond_other                 ? ? 
'X-RAY DIFFRACTION' ? 4.409  3.833  496  ? r_scangle_it                   ? ? 
'X-RAY DIFFRACTION' ? 4.415  3.837  497  ? r_scangle_other                ? ? 
'X-RAY DIFFRACTION' ? 5.800  28.950 851  ? r_lrange_it                    ? ? 
'X-RAY DIFFRACTION' ? 5.391  27.894 816  ? r_lrange_other                 ? ? 
# 
loop_
_refine_ls_shell.pdbx_refine_id 
_refine_ls_shell.d_res_high 
_refine_ls_shell.d_res_low 
_refine_ls_shell.number_reflns_all 
_refine_ls_shell.number_reflns_obs 
_refine_ls_shell.number_reflns_R_free 
_refine_ls_shell.number_reflns_R_work 
_refine_ls_shell.percent_reflns_obs 
_refine_ls_shell.percent_reflns_R_free 
_refine_ls_shell.R_factor_all 
_refine_ls_shell.R_factor_obs 
_refine_ls_shell.R_factor_R_free_error 
_refine_ls_shell.R_factor_R_work 
_refine_ls_shell.redundancy_reflns_all 
_refine_ls_shell.redundancy_reflns_obs 
_refine_ls_shell.wR_factor_all 
_refine_ls_shell.wR_factor_obs 
_refine_ls_shell.wR_factor_R_free 
_refine_ls_shell.wR_factor_R_work 
_refine_ls_shell.pdbx_R_complete 
_refine_ls_shell.pdbx_total_number_of_bins_used 
_refine_ls_shell.pdbx_phase_error 
_refine_ls_shell.pdbx_fsc_work 
_refine_ls_shell.pdbx_fsc_free 
_refine_ls_shell.R_factor_R_free 
'X-RAY DIFFRACTION' 1.104 1.133  2397 . 108 2053 90.1544  . 0.429 . . 0.431 . . . . . 0.397 . 20 . 0.523 0.527 0.406 
'X-RAY DIFFRACTION' 1.133 1.164  2268 . 111 2091 97.0899  . 0.335 . . 0.337 . . . . . 0.300 . 20 . 0.500 0.536 0.304 
'X-RAY DIFFRACTION' 1.164 1.197  2224 . 110 2106 99.6403  . 0.316 . . 0.314 . . . . . 0.285 . 20 . 0.675 0.643 0.364 
'X-RAY DIFFRACTION' 1.197 1.234  2183 . 109 2067 99.6793  . 0.283 . . 0.281 . . . . . 0.255 . 20 . 0.816 0.810 0.320 
'X-RAY DIFFRACTION' 1.234 1.275  2117 . 106 2008 99.8583  . 0.258 . . 0.255 . . . . . 0.232 . 20 . 0.875 0.872 0.316 
'X-RAY DIFFRACTION' 1.275 1.319  2073 . 104 1969 100.0000 . 0.259 . . 0.259 . . . . . 0.232 . 20 . 0.904 0.913 0.266 
'X-RAY DIFFRACTION' 1.319 1.369  1971 . 98  1873 100.0000 . 0.233 . . 0.233 . . . . . 0.210 . 20 . 0.930 0.924 0.230 
'X-RAY DIFFRACTION' 1.369 1.425  1911 . 96  1815 100.0000 . 0.237 . . 0.237 . . . . . 0.214 . 20 . 0.927 0.926 0.249 
'X-RAY DIFFRACTION' 1.425 1.488  1823 . 91  1731 99.9451  . 0.227 . . 0.228 . . . . . 0.212 . 20 . 0.942 0.942 0.216 
'X-RAY DIFFRACTION' 1.488 1.561  1771 . 88  1676 99.6047  . 0.213 . . 0.213 . . . . . 0.202 . 20 . 0.943 0.941 0.209 
'X-RAY DIFFRACTION' 1.561 1.645  1686 . 84  1602 100.0000 . 0.211 . . 0.209 . . . . . 0.212 . 20 . 0.937 0.917 0.252 
'X-RAY DIFFRACTION' 1.645 1.745  1601 . 80  1521 100.0000 . 0.212 . . 0.211 . . . . . 0.218 . 20 . 0.946 0.940 0.236 
'X-RAY DIFFRACTION' 1.745 1.865  1483 . 74  1409 100.0000 . 0.215 . . 0.214 . . . . . 0.234 . 20 . 0.939 0.936 0.245 
'X-RAY DIFFRACTION' 1.865 2.014  1426 . 72  1354 100.0000 . 0.219 . . 0.215 . . . . . 0.244 . 20 . 0.937 0.911 0.294 
'X-RAY DIFFRACTION' 2.014 2.206  1324 . 66  1258 100.0000 . 0.197 . . 0.195 . . . . . 0.239 . 20 . 0.958 0.950 0.220 
'X-RAY DIFFRACTION' 2.206 2.465  1170 . 58  1112 100.0000 . 0.199 . . 0.198 . . . . . 0.248 . 20 . 0.954 0.950 0.226 
'X-RAY DIFFRACTION' 2.465 2.845  1072 . 54  1018 100.0000 . 0.191 . . 0.191 . . . . . 0.256 . 20 . 0.957 0.960 0.192 
'X-RAY DIFFRACTION' 2.845 3.480  923  . 46  876  99.8917  . 0.202 . . 0.202 . . . . . 0.274 . 20 . 0.959 0.960 0.216 
'X-RAY DIFFRACTION' 3.480 4.904  742  . 37  705  100.0000 . 0.171 . . 0.169 . . . . . 0.245 . 20 . 0.972 0.957 0.213 
'X-RAY DIFFRACTION' 4.904 41.532 467  . 24  442  99.7859  . 0.259 . . 0.259 . . . . . 0.482 . 20 . 0.944 0.924 0.255 
# 
_struct.entry_id                     8XO3 
_struct.title                        
'Crystal structure of measles virus fusion inhibitor M1 complexed with F protein HR1 (HR1-47) (P321 space group)' 
_struct.pdbx_model_details           ? 
_struct.pdbx_formula_weight          ? 
_struct.pdbx_formula_weight_method   ? 
_struct.pdbx_model_type_details      ? 
_struct.pdbx_CASP_flag               N 
# 
_struct_keywords.entry_id        8XO3 
_struct_keywords.text            'Fusion protein, fusion inhibitor, six-helix bundle, ANTIVIRAL PROTEIN' 
_struct_keywords.pdbx_keywords   'ANTIVIRAL PROTEIN' 
# 
loop_
_struct_asym.id 
_struct_asym.pdbx_blank_PDB_chainid_flag 
_struct_asym.pdbx_modified 
_struct_asym.entity_id 
_struct_asym.details 
A N N 1 ? 
B N N 2 ? 
C N N 3 ? 
D N N 4 ? 
E N N 4 ? 
# 
loop_
_struct_ref.id 
_struct_ref.db_name 
_struct_ref.db_code 
_struct_ref.pdbx_db_accession 
_struct_ref.pdbx_db_isoform 
_struct_ref.entity_id 
_struct_ref.pdbx_seq_one_letter_code 
_struct_ref.pdbx_align_begin 
1 UNP FUS_MEASE P69353 ? 1 HQSMLNSQAIDNLRASLETTNQAIEAIRQAGQEMILAVQGVQDYINN 0 
2 UNP FUS_MEASE P69353 ? 2 ISLERLDVGTNLGNAIAKLEDAKELLESSDQILRS             0 
# 
loop_
_struct_ref_seq.align_id 
_struct_ref_seq.ref_id 
_struct_ref_seq.pdbx_PDB_id_code 
_struct_ref_seq.pdbx_strand_id 
_struct_ref_seq.seq_align_beg 
_struct_ref_seq.pdbx_seq_align_beg_ins_code 
_struct_ref_seq.seq_align_end 
_struct_ref_seq.pdbx_seq_align_end_ins_code 
_struct_ref_seq.pdbx_db_accession 
_struct_ref_seq.db_align_beg 
_struct_ref_seq.pdbx_db_align_beg_ins_code 
_struct_ref_seq.db_align_end 
_struct_ref_seq.pdbx_db_align_end_ins_code 
_struct_ref_seq.pdbx_auth_seq_align_beg 
_struct_ref_seq.pdbx_auth_seq_align_end 
1 1 8XO3 A 2 ? 48 ? P69353 138 ? 184 ? 138 184 
2 2 8XO3 B 2 ? 36 ? P69353 452 ? 486 ? 452 486 
# 
loop_
_struct_ref_seq_dif.align_id 
_struct_ref_seq_dif.pdbx_pdb_id_code 
_struct_ref_seq_dif.mon_id 
_struct_ref_seq_dif.pdbx_pdb_strand_id 
_struct_ref_seq_dif.seq_num 
_struct_ref_seq_dif.pdbx_pdb_ins_code 
_struct_ref_seq_dif.pdbx_seq_db_name 
_struct_ref_seq_dif.pdbx_seq_db_accession_code 
_struct_ref_seq_dif.db_mon_id 
_struct_ref_seq_dif.pdbx_seq_db_seq_num 
_struct_ref_seq_dif.details 
_struct_ref_seq_dif.pdbx_auth_seq_num 
_struct_ref_seq_dif.pdbx_ordinal 
1 8XO3 ACE A 1  ? UNP P69353 ? ? acetylation 137 1 
1 8XO3 NH2 A 49 ? UNP P69353 ? ? amidation   185 2 
2 8XO3 ACE B 1  ? UNP P69353 ? ? acetylation 451 3 
2 8XO3 NH2 B 37 ? UNP P69353 ? ? amidation   487 4 
# 
_pdbx_struct_assembly.id                   1 
_pdbx_struct_assembly.details              author_and_software_defined_assembly 
_pdbx_struct_assembly.method_details       PISA 
_pdbx_struct_assembly.oligomeric_details   hexameric 
_pdbx_struct_assembly.oligomeric_count     6 
# 
loop_
_pdbx_struct_assembly_prop.biol_id 
_pdbx_struct_assembly_prop.type 
_pdbx_struct_assembly_prop.value 
_pdbx_struct_assembly_prop.details 
1 'ABSA (A^2)' 13680 ? 
1 MORE         -121  ? 
1 'SSA (A^2)'  12730 ? 
# 
_pdbx_struct_assembly_gen.assembly_id       1 
_pdbx_struct_assembly_gen.oper_expression   1,2,3 
_pdbx_struct_assembly_gen.asym_id_list      A,B,C,D,E 
# 
_pdbx_struct_assembly_auth_evidence.id                     1 
_pdbx_struct_assembly_auth_evidence.assembly_id            1 
_pdbx_struct_assembly_auth_evidence.experimental_support   'gel filtration' 
_pdbx_struct_assembly_auth_evidence.details                ? 
# 
loop_
_pdbx_struct_oper_list.id 
_pdbx_struct_oper_list.type 
_pdbx_struct_oper_list.name 
_pdbx_struct_oper_list.symmetry_operation 
_pdbx_struct_oper_list.matrix[1][1] 
_pdbx_struct_oper_list.matrix[1][2] 
_pdbx_struct_oper_list.matrix[1][3] 
_pdbx_struct_oper_list.vector[1] 
_pdbx_struct_oper_list.matrix[2][1] 
_pdbx_struct_oper_list.matrix[2][2] 
_pdbx_struct_oper_list.matrix[2][3] 
_pdbx_struct_oper_list.vector[2] 
_pdbx_struct_oper_list.matrix[3][1] 
_pdbx_struct_oper_list.matrix[3][2] 
_pdbx_struct_oper_list.matrix[3][3] 
_pdbx_struct_oper_list.vector[3] 
1 'identity operation'         1_555 x,y,z         1.0000000000  0.0000000000  0.0000000000 0.0000000000   0.0000000000  1.0000000000  0.0000000000  0.0000000000  0.0000000000 0.0000000000  1.0000000000 0.0000000000 
2 'crystal symmetry operation' 2_655 -y+1,x-y,z    -0.4252738622 -0.8938689036 0.1419173182 -3.0545507548  0.7568874123  -0.4372243450 -0.4857533503 12.0954342868 0.4962495212 -0.0991627716 0.8624982072 3.3116107857 
3 'crystal symmetry operation' 3_665 -x+y+1,-x+1,z -0.4252738622 0.7568874123  0.4962495212 -12.0972878214 -0.8938689036 -0.4372243450 -0.0991627716 2.8864389033  0.1419173182 -0.4857533503 0.8624982072 3.4526330140 
# 
loop_
_struct_conf.conf_type_id 
_struct_conf.id 
_struct_conf.pdbx_PDB_helix_id 
_struct_conf.beg_label_comp_id 
_struct_conf.beg_label_asym_id 
_struct_conf.beg_label_seq_id 
_struct_conf.pdbx_beg_PDB_ins_code 
_struct_conf.end_label_comp_id 
_struct_conf.end_label_asym_id 
_struct_conf.end_label_seq_id 
_struct_conf.pdbx_end_PDB_ins_code 
_struct_conf.beg_auth_comp_id 
_struct_conf.beg_auth_asym_id 
_struct_conf.beg_auth_seq_id 
_struct_conf.end_auth_comp_id 
_struct_conf.end_auth_asym_id 
_struct_conf.end_auth_seq_id 
_struct_conf.pdbx_PDB_helix_class 
_struct_conf.details 
_struct_conf.pdbx_PDB_helix_length 
HELX_P HELX_P1 AA1 HIS A 2 ? ASN A 47 ? HIS A 138 ASN A 183 1 ? 46 
HELX_P HELX_P2 AA2 VAL B 9 ? SER B 36 ? VAL B 459 SER B 486 1 ? 28 
# 
_struct_conf_type.id          HELX_P 
_struct_conf_type.criteria    ? 
_struct_conf_type.reference   ? 
# 
loop_
_struct_conn.id 
_struct_conn.conn_type_id 
_struct_conn.pdbx_leaving_atom_flag 
_struct_conn.pdbx_PDB_id 
_struct_conn.ptnr1_label_asym_id 
_struct_conn.ptnr1_label_comp_id 
_struct_conn.ptnr1_label_seq_id 
_struct_conn.ptnr1_label_atom_id 
_struct_conn.pdbx_ptnr1_label_alt_id 
_struct_conn.pdbx_ptnr1_PDB_ins_code 
_struct_conn.pdbx_ptnr1_standard_comp_id 
_struct_conn.ptnr1_symmetry 
_struct_conn.ptnr2_label_asym_id 
_struct_conn.ptnr2_label_comp_id 
_struct_conn.ptnr2_label_seq_id 
_struct_conn.ptnr2_label_atom_id 
_struct_conn.pdbx_ptnr2_label_alt_id 
_struct_conn.pdbx_ptnr2_PDB_ins_code 
_struct_conn.ptnr1_auth_asym_id 
_struct_conn.ptnr1_auth_comp_id 
_struct_conn.ptnr1_auth_seq_id 
_struct_conn.ptnr2_auth_asym_id 
_struct_conn.ptnr2_auth_comp_id 
_struct_conn.ptnr2_auth_seq_id 
_struct_conn.ptnr2_symmetry 
_struct_conn.pdbx_ptnr3_label_atom_id 
_struct_conn.pdbx_ptnr3_label_seq_id 
_struct_conn.pdbx_ptnr3_label_comp_id 
_struct_conn.pdbx_ptnr3_label_asym_id 
_struct_conn.pdbx_ptnr3_label_alt_id 
_struct_conn.pdbx_ptnr3_PDB_ins_code 
_struct_conn.details 
_struct_conn.pdbx_dist_value 
_struct_conn.pdbx_value_order 
_struct_conn.pdbx_role 
covale1 covale both ? A ACE 1  C   ? ? ? 1_555 A HIS 2  N  ? ? A ACE 137 A HIS 138 1_555 ? ? ? ? ? ? ? 1.365 ? ? 
covale2 covale both ? A ASN 48 C   ? ? ? 1_555 A NH2 49 N  ? ? A ASN 184 A NH2 185 1_555 ? ? ? ? ? ? ? 1.258 ? ? 
covale3 covale both ? B ACE 1  C   ? ? ? 1_555 B ILE 2  N  ? ? B ACE 451 B ILE 452 1_555 ? ? ? ? ? ? ? 1.345 ? ? 
covale4 covale both ? B SER 36 C   ? ? ? 1_555 B NH2 37 N  ? ? B SER 486 B NH2 487 1_555 ? ? ? ? ? ? ? 1.276 ? ? 
metalc1 metalc ?    ? D HOH .  O   ? ? ? 3_565 C CA  .  CA ? ? A HOH 204 B CA  501 1_555 ? ? ? ? ? ? ? 2.388 ? ? 
metalc2 metalc ?    ? B ASP 22 OD1 ? ? ? 1_555 C CA  .  CA ? ? B ASP 472 B CA  501 1_555 ? ? ? ? ? ? ? 2.286 ? ? 
metalc3 metalc ?    ? C CA  .  CA  ? ? ? 1_555 E HOH .  O  ? ? B CA  501 B HOH 602 1_555 ? ? ? ? ? ? ? 2.168 ? ? 
metalc4 metalc ?    ? C CA  .  CA  ? ? ? 1_555 E HOH .  O  ? ? B CA  501 B HOH 608 1_555 ? ? ? ? ? ? ? 2.302 ? ? 
metalc5 metalc ?    ? C CA  .  CA  ? ? ? 1_555 E HOH .  O  ? ? B CA  501 B HOH 614 1_555 ? ? ? ? ? ? ? 1.985 ? ? 
metalc6 metalc ?    ? C CA  .  CA  ? ? ? 1_555 E HOH .  O  ? ? B CA  501 B HOH 617 1_555 ? ? ? ? ? ? ? 2.409 ? ? 
# 
loop_
_struct_conn_type.id 
_struct_conn_type.criteria 
_struct_conn_type.reference 
covale ? ? 
metalc ? ? 
# 
loop_
_pdbx_struct_conn_angle.id 
_pdbx_struct_conn_angle.ptnr1_label_atom_id 
_pdbx_struct_conn_angle.ptnr1_label_alt_id 
_pdbx_struct_conn_angle.ptnr1_label_asym_id 
_pdbx_struct_conn_angle.ptnr1_label_comp_id 
_pdbx_struct_conn_angle.ptnr1_label_seq_id 
_pdbx_struct_conn_angle.ptnr1_auth_atom_id 
_pdbx_struct_conn_angle.ptnr1_auth_asym_id 
_pdbx_struct_conn_angle.ptnr1_auth_comp_id 
_pdbx_struct_conn_angle.ptnr1_auth_seq_id 
_pdbx_struct_conn_angle.ptnr1_PDB_ins_code 
_pdbx_struct_conn_angle.ptnr1_symmetry 
_pdbx_struct_conn_angle.ptnr2_label_atom_id 
_pdbx_struct_conn_angle.ptnr2_label_alt_id 
_pdbx_struct_conn_angle.ptnr2_label_asym_id 
_pdbx_struct_conn_angle.ptnr2_label_comp_id 
_pdbx_struct_conn_angle.ptnr2_label_seq_id 
_pdbx_struct_conn_angle.ptnr2_auth_atom_id 
_pdbx_struct_conn_angle.ptnr2_auth_asym_id 
_pdbx_struct_conn_angle.ptnr2_auth_comp_id 
_pdbx_struct_conn_angle.ptnr2_auth_seq_id 
_pdbx_struct_conn_angle.ptnr2_PDB_ins_code 
_pdbx_struct_conn_angle.ptnr2_symmetry 
_pdbx_struct_conn_angle.ptnr3_label_atom_id 
_pdbx_struct_conn_angle.ptnr3_label_alt_id 
_pdbx_struct_conn_angle.ptnr3_label_asym_id 
_pdbx_struct_conn_angle.ptnr3_label_comp_id 
_pdbx_struct_conn_angle.ptnr3_label_seq_id 
_pdbx_struct_conn_angle.ptnr3_auth_atom_id 
_pdbx_struct_conn_angle.ptnr3_auth_asym_id 
_pdbx_struct_conn_angle.ptnr3_auth_comp_id 
_pdbx_struct_conn_angle.ptnr3_auth_seq_id 
_pdbx_struct_conn_angle.ptnr3_PDB_ins_code 
_pdbx_struct_conn_angle.ptnr3_symmetry 
_pdbx_struct_conn_angle.value 
_pdbx_struct_conn_angle.value_esd 
1  O   ? D HOH .  ? A HOH 204 ? 3_565 CA ? C CA . ? B CA 501 ? 1_555 OD1 ? B ASP 22 ? B ASP 472 ? 1_555 146.6 ? 
2  O   ? D HOH .  ? A HOH 204 ? 3_565 CA ? C CA . ? B CA 501 ? 1_555 O   ? E HOH .  ? B HOH 602 ? 1_555 135.6 ? 
3  OD1 ? B ASP 22 ? B ASP 472 ? 1_555 CA ? C CA . ? B CA 501 ? 1_555 O   ? E HOH .  ? B HOH 602 ? 1_555 77.4  ? 
4  O   ? D HOH .  ? A HOH 204 ? 3_565 CA ? C CA . ? B CA 501 ? 1_555 O   ? E HOH .  ? B HOH 608 ? 1_555 76.9  ? 
5  OD1 ? B ASP 22 ? B ASP 472 ? 1_555 CA ? C CA . ? B CA 501 ? 1_555 O   ? E HOH .  ? B HOH 608 ? 1_555 113.1 ? 
6  O   ? E HOH .  ? B HOH 602 ? 1_555 CA ? C CA . ? B CA 501 ? 1_555 O   ? E HOH .  ? B HOH 608 ? 1_555 77.7  ? 
7  O   ? D HOH .  ? A HOH 204 ? 3_565 CA ? C CA . ? B CA 501 ? 1_555 O   ? E HOH .  ? B HOH 614 ? 1_555 110.4 ? 
8  OD1 ? B ASP 22 ? B ASP 472 ? 1_555 CA ? C CA . ? B CA 501 ? 1_555 O   ? E HOH .  ? B HOH 614 ? 1_555 76.7  ? 
9  O   ? E HOH .  ? B HOH 602 ? 1_555 CA ? C CA . ? B CA 501 ? 1_555 O   ? E HOH .  ? B HOH 614 ? 1_555 78.5  ? 
10 O   ? E HOH .  ? B HOH 608 ? 1_555 CA ? C CA . ? B CA 501 ? 1_555 O   ? E HOH .  ? B HOH 614 ? 1_555 151.3 ? 
11 O   ? D HOH .  ? A HOH 204 ? 3_565 CA ? C CA . ? B CA 501 ? 1_555 O   ? E HOH .  ? B HOH 617 ? 1_555 80.3  ? 
12 OD1 ? B ASP 22 ? B ASP 472 ? 1_555 CA ? C CA . ? B CA 501 ? 1_555 O   ? E HOH .  ? B HOH 617 ? 1_555 70.4  ? 
13 O   ? E HOH .  ? B HOH 602 ? 1_555 CA ? C CA . ? B CA 501 ? 1_555 O   ? E HOH .  ? B HOH 617 ? 1_555 130.5 ? 
14 O   ? E HOH .  ? B HOH 608 ? 1_555 CA ? C CA . ? B CA 501 ? 1_555 O   ? E HOH .  ? B HOH 617 ? 1_555 81.6  ? 
15 O   ? E HOH .  ? B HOH 614 ? 1_555 CA ? C CA . ? B CA 501 ? 1_555 O   ? E HOH .  ? B HOH 617 ? 1_555 126.5 ? 
# 
loop_
_pdbx_modification_feature.ordinal 
_pdbx_modification_feature.label_comp_id 
_pdbx_modification_feature.label_asym_id 
_pdbx_modification_feature.label_seq_id 
_pdbx_modification_feature.label_alt_id 
_pdbx_modification_feature.modified_residue_label_comp_id 
_pdbx_modification_feature.modified_residue_label_asym_id 
_pdbx_modification_feature.modified_residue_label_seq_id 
_pdbx_modification_feature.modified_residue_label_alt_id 
_pdbx_modification_feature.auth_comp_id 
_pdbx_modification_feature.auth_asym_id 
_pdbx_modification_feature.auth_seq_id 
_pdbx_modification_feature.PDB_ins_code 
_pdbx_modification_feature.symmetry 
_pdbx_modification_feature.modified_residue_auth_comp_id 
_pdbx_modification_feature.modified_residue_auth_asym_id 
_pdbx_modification_feature.modified_residue_auth_seq_id 
_pdbx_modification_feature.modified_residue_PDB_ins_code 
_pdbx_modification_feature.modified_residue_symmetry 
_pdbx_modification_feature.comp_id_linking_atom 
_pdbx_modification_feature.modified_residue_id_linking_atom 
_pdbx_modification_feature.modified_residue_id 
_pdbx_modification_feature.ref_pcm_id 
_pdbx_modification_feature.ref_comp_id 
_pdbx_modification_feature.type 
_pdbx_modification_feature.category 
1 ACE A 1  ? HIS A 2  ? ACE A 137 ? 1_555 HIS A 138 ? 1_555 . . HIS 19 ACE None 'Terminal acetylation' 
2 ACE B 1  ? ILE B 2  ? ACE B 451 ? 1_555 ILE B 452 ? 1_555 . . ILE 3  ACE None 'Terminal acetylation' 
3 NH2 A 49 ? ASN A 48 ? NH2 A 185 ? 1_555 ASN A 184 ? 1_555 . . ASN 17 NH2 None 'Terminal amidation'   
4 NH2 B 37 ? SER B 36 ? NH2 B 487 ? 1_555 SER B 486 ? 1_555 . . SER 6  NH2 None 'Terminal amidation'   
# 
_pdbx_entry_details.entry_id                   8XO3 
_pdbx_entry_details.has_ligand_of_interest     N 
_pdbx_entry_details.compound_details           ? 
_pdbx_entry_details.source_details             ? 
_pdbx_entry_details.nonpolymer_details         ? 
_pdbx_entry_details.sequence_details           ? 
_pdbx_entry_details.has_protein_modification   Y 
# 
_pdbx_validate_symm_contact.id                1 
_pdbx_validate_symm_contact.PDB_model_num     1 
_pdbx_validate_symm_contact.auth_atom_id_1    OD2 
_pdbx_validate_symm_contact.auth_asym_id_1    A 
_pdbx_validate_symm_contact.auth_comp_id_1    ASP 
_pdbx_validate_symm_contact.auth_seq_id_1     148 
_pdbx_validate_symm_contact.PDB_ins_code_1    ? 
_pdbx_validate_symm_contact.label_alt_id_1    ? 
_pdbx_validate_symm_contact.site_symmetry_1   1_555 
_pdbx_validate_symm_contact.auth_atom_id_2    OD2 
_pdbx_validate_symm_contact.auth_asym_id_2    A 
_pdbx_validate_symm_contact.auth_comp_id_2    ASP 
_pdbx_validate_symm_contact.auth_seq_id_2     148 
_pdbx_validate_symm_contact.PDB_ins_code_2    ? 
_pdbx_validate_symm_contact.label_alt_id_2    ? 
_pdbx_validate_symm_contact.site_symmetry_2   4_555 
_pdbx_validate_symm_contact.dist              2.05 
# 
loop_
_pdbx_struct_special_symmetry.id 
_pdbx_struct_special_symmetry.PDB_model_num 
_pdbx_struct_special_symmetry.auth_asym_id 
_pdbx_struct_special_symmetry.auth_comp_id 
_pdbx_struct_special_symmetry.auth_seq_id 
_pdbx_struct_special_symmetry.PDB_ins_code 
_pdbx_struct_special_symmetry.label_asym_id 
_pdbx_struct_special_symmetry.label_comp_id 
_pdbx_struct_special_symmetry.label_seq_id 
1 1 A HOH 203 ? D HOH . 
2 1 A HOH 208 ? D HOH . 
3 1 A HOH 242 ? D HOH . 
4 1 B HOH 644 ? E HOH . 
5 1 B HOH 657 ? E HOH . 
# 
loop_
_chem_comp_atom.comp_id 
_chem_comp_atom.atom_id 
_chem_comp_atom.type_symbol 
_chem_comp_atom.pdbx_aromatic_flag 
_chem_comp_atom.pdbx_stereo_config 
_chem_comp_atom.pdbx_ordinal 
ACE C    C  N N 1   
ACE O    O  N N 2   
ACE CH3  C  N N 3   
ACE H    H  N N 4   
ACE H1   H  N N 5   
ACE H2   H  N N 6   
ACE H3   H  N N 7   
ALA N    N  N N 8   
ALA CA   C  N S 9   
ALA C    C  N N 10  
ALA O    O  N N 11  
ALA CB   C  N N 12  
ALA OXT  O  N N 13  
ALA H    H  N N 14  
ALA H2   H  N N 15  
ALA HA   H  N N 16  
ALA HB1  H  N N 17  
ALA HB2  H  N N 18  
ALA HB3  H  N N 19  
ALA HXT  H  N N 20  
ARG N    N  N N 21  
ARG CA   C  N S 22  
ARG C    C  N N 23  
ARG O    O  N N 24  
ARG CB   C  N N 25  
ARG CG   C  N N 26  
ARG CD   C  N N 27  
ARG NE   N  N N 28  
ARG CZ   C  N N 29  
ARG NH1  N  N N 30  
ARG NH2  N  N N 31  
ARG OXT  O  N N 32  
ARG H    H  N N 33  
ARG H2   H  N N 34  
ARG HA   H  N N 35  
ARG HB2  H  N N 36  
ARG HB3  H  N N 37  
ARG HG2  H  N N 38  
ARG HG3  H  N N 39  
ARG HD2  H  N N 40  
ARG HD3  H  N N 41  
ARG HE   H  N N 42  
ARG HH11 H  N N 43  
ARG HH12 H  N N 44  
ARG HH21 H  N N 45  
ARG HH22 H  N N 46  
ARG HXT  H  N N 47  
ASN N    N  N N 48  
ASN CA   C  N S 49  
ASN C    C  N N 50  
ASN O    O  N N 51  
ASN CB   C  N N 52  
ASN CG   C  N N 53  
ASN OD1  O  N N 54  
ASN ND2  N  N N 55  
ASN OXT  O  N N 56  
ASN H    H  N N 57  
ASN H2   H  N N 58  
ASN HA   H  N N 59  
ASN HB2  H  N N 60  
ASN HB3  H  N N 61  
ASN HD21 H  N N 62  
ASN HD22 H  N N 63  
ASN HXT  H  N N 64  
ASP N    N  N N 65  
ASP CA   C  N S 66  
ASP C    C  N N 67  
ASP O    O  N N 68  
ASP CB   C  N N 69  
ASP CG   C  N N 70  
ASP OD1  O  N N 71  
ASP OD2  O  N N 72  
ASP OXT  O  N N 73  
ASP H    H  N N 74  
ASP H2   H  N N 75  
ASP HA   H  N N 76  
ASP HB2  H  N N 77  
ASP HB3  H  N N 78  
ASP HD2  H  N N 79  
ASP HXT  H  N N 80  
CA  CA   CA N N 81  
GLN N    N  N N 82  
GLN CA   C  N S 83  
GLN C    C  N N 84  
GLN O    O  N N 85  
GLN CB   C  N N 86  
GLN CG   C  N N 87  
GLN CD   C  N N 88  
GLN OE1  O  N N 89  
GLN NE2  N  N N 90  
GLN OXT  O  N N 91  
GLN H    H  N N 92  
GLN H2   H  N N 93  
GLN HA   H  N N 94  
GLN HB2  H  N N 95  
GLN HB3  H  N N 96  
GLN HG2  H  N N 97  
GLN HG3  H  N N 98  
GLN HE21 H  N N 99  
GLN HE22 H  N N 100 
GLN HXT  H  N N 101 
GLU N    N  N N 102 
GLU CA   C  N S 103 
GLU C    C  N N 104 
GLU O    O  N N 105 
GLU CB   C  N N 106 
GLU CG   C  N N 107 
GLU CD   C  N N 108 
GLU OE1  O  N N 109 
GLU OE2  O  N N 110 
GLU OXT  O  N N 111 
GLU H    H  N N 112 
GLU H2   H  N N 113 
GLU HA   H  N N 114 
GLU HB2  H  N N 115 
GLU HB3  H  N N 116 
GLU HG2  H  N N 117 
GLU HG3  H  N N 118 
GLU HE2  H  N N 119 
GLU HXT  H  N N 120 
GLY N    N  N N 121 
GLY CA   C  N N 122 
GLY C    C  N N 123 
GLY O    O  N N 124 
GLY OXT  O  N N 125 
GLY H    H  N N 126 
GLY H2   H  N N 127 
GLY HA2  H  N N 128 
GLY HA3  H  N N 129 
GLY HXT  H  N N 130 
HIS N    N  N N 131 
HIS CA   C  N S 132 
HIS C    C  N N 133 
HIS O    O  N N 134 
HIS CB   C  N N 135 
HIS CG   C  Y N 136 
HIS ND1  N  Y N 137 
HIS CD2  C  Y N 138 
HIS CE1  C  Y N 139 
HIS NE2  N  Y N 140 
HIS OXT  O  N N 141 
HIS H    H  N N 142 
HIS H2   H  N N 143 
HIS HA   H  N N 144 
HIS HB2  H  N N 145 
HIS HB3  H  N N 146 
HIS HD1  H  N N 147 
HIS HD2  H  N N 148 
HIS HE1  H  N N 149 
HIS HE2  H  N N 150 
HIS HXT  H  N N 151 
HOH O    O  N N 152 
HOH H1   H  N N 153 
HOH H2   H  N N 154 
ILE N    N  N N 155 
ILE CA   C  N S 156 
ILE C    C  N N 157 
ILE O    O  N N 158 
ILE CB   C  N S 159 
ILE CG1  C  N N 160 
ILE CG2  C  N N 161 
ILE CD1  C  N N 162 
ILE OXT  O  N N 163 
ILE H    H  N N 164 
ILE H2   H  N N 165 
ILE HA   H  N N 166 
ILE HB   H  N N 167 
ILE HG12 H  N N 168 
ILE HG13 H  N N 169 
ILE HG21 H  N N 170 
ILE HG22 H  N N 171 
ILE HG23 H  N N 172 
ILE HD11 H  N N 173 
ILE HD12 H  N N 174 
ILE HD13 H  N N 175 
ILE HXT  H  N N 176 
LEU N    N  N N 177 
LEU CA   C  N S 178 
LEU C    C  N N 179 
LEU O    O  N N 180 
LEU CB   C  N N 181 
LEU CG   C  N N 182 
LEU CD1  C  N N 183 
LEU CD2  C  N N 184 
LEU OXT  O  N N 185 
LEU H    H  N N 186 
LEU H2   H  N N 187 
LEU HA   H  N N 188 
LEU HB2  H  N N 189 
LEU HB3  H  N N 190 
LEU HG   H  N N 191 
LEU HD11 H  N N 192 
LEU HD12 H  N N 193 
LEU HD13 H  N N 194 
LEU HD21 H  N N 195 
LEU HD22 H  N N 196 
LEU HD23 H  N N 197 
LEU HXT  H  N N 198 
LYS N    N  N N 199 
LYS CA   C  N S 200 
LYS C    C  N N 201 
LYS O    O  N N 202 
LYS CB   C  N N 203 
LYS CG   C  N N 204 
LYS CD   C  N N 205 
LYS CE   C  N N 206 
LYS NZ   N  N N 207 
LYS OXT  O  N N 208 
LYS H    H  N N 209 
LYS H2   H  N N 210 
LYS HA   H  N N 211 
LYS HB2  H  N N 212 
LYS HB3  H  N N 213 
LYS HG2  H  N N 214 
LYS HG3  H  N N 215 
LYS HD2  H  N N 216 
LYS HD3  H  N N 217 
LYS HE2  H  N N 218 
LYS HE3  H  N N 219 
LYS HZ1  H  N N 220 
LYS HZ2  H  N N 221 
LYS HZ3  H  N N 222 
LYS HXT  H  N N 223 
MET N    N  N N 224 
MET CA   C  N S 225 
MET C    C  N N 226 
MET O    O  N N 227 
MET CB   C  N N 228 
MET CG   C  N N 229 
MET SD   S  N N 230 
MET CE   C  N N 231 
MET OXT  O  N N 232 
MET H    H  N N 233 
MET H2   H  N N 234 
MET HA   H  N N 235 
MET HB2  H  N N 236 
MET HB3  H  N N 237 
MET HG2  H  N N 238 
MET HG3  H  N N 239 
MET HE1  H  N N 240 
MET HE2  H  N N 241 
MET HE3  H  N N 242 
MET HXT  H  N N 243 
NH2 N    N  N N 244 
NH2 HN1  H  N N 245 
NH2 HN2  H  N N 246 
SER N    N  N N 247 
SER CA   C  N S 248 
SER C    C  N N 249 
SER O    O  N N 250 
SER CB   C  N N 251 
SER OG   O  N N 252 
SER OXT  O  N N 253 
SER H    H  N N 254 
SER H2   H  N N 255 
SER HA   H  N N 256 
SER HB2  H  N N 257 
SER HB3  H  N N 258 
SER HG   H  N N 259 
SER HXT  H  N N 260 
THR N    N  N N 261 
THR CA   C  N S 262 
THR C    C  N N 263 
THR O    O  N N 264 
THR CB   C  N R 265 
THR OG1  O  N N 266 
THR CG2  C  N N 267 
THR OXT  O  N N 268 
THR H    H  N N 269 
THR H2   H  N N 270 
THR HA   H  N N 271 
THR HB   H  N N 272 
THR HG1  H  N N 273 
THR HG21 H  N N 274 
THR HG22 H  N N 275 
THR HG23 H  N N 276 
THR HXT  H  N N 277 
TYR N    N  N N 278 
TYR CA   C  N S 279 
TYR C    C  N N 280 
TYR O    O  N N 281 
TYR CB   C  N N 282 
TYR CG   C  Y N 283 
TYR CD1  C  Y N 284 
TYR CD2  C  Y N 285 
TYR CE1  C  Y N 286 
TYR CE2  C  Y N 287 
TYR CZ   C  Y N 288 
TYR OH   O  N N 289 
TYR OXT  O  N N 290 
TYR H    H  N N 291 
TYR H2   H  N N 292 
TYR HA   H  N N 293 
TYR HB2  H  N N 294 
TYR HB3  H  N N 295 
TYR HD1  H  N N 296 
TYR HD2  H  N N 297 
TYR HE1  H  N N 298 
TYR HE2  H  N N 299 
TYR HH   H  N N 300 
TYR HXT  H  N N 301 
VAL N    N  N N 302 
VAL CA   C  N S 303 
VAL C    C  N N 304 
VAL O    O  N N 305 
VAL CB   C  N N 306 
VAL CG1  C  N N 307 
VAL CG2  C  N N 308 
VAL OXT  O  N N 309 
VAL H    H  N N 310 
VAL H2   H  N N 311 
VAL HA   H  N N 312 
VAL HB   H  N N 313 
VAL HG11 H  N N 314 
VAL HG12 H  N N 315 
VAL HG13 H  N N 316 
VAL HG21 H  N N 317 
VAL HG22 H  N N 318 
VAL HG23 H  N N 319 
VAL HXT  H  N N 320 
# 
loop_
_chem_comp_bond.comp_id 
_chem_comp_bond.atom_id_1 
_chem_comp_bond.atom_id_2 
_chem_comp_bond.value_order 
_chem_comp_bond.pdbx_aromatic_flag 
_chem_comp_bond.pdbx_stereo_config 
_chem_comp_bond.pdbx_ordinal 
ACE C   O    doub N N 1   
ACE C   CH3  sing N N 2   
ACE C   H    sing N N 3   
ACE CH3 H1   sing N N 4   
ACE CH3 H2   sing N N 5   
ACE CH3 H3   sing N N 6   
ALA N   CA   sing N N 7   
ALA N   H    sing N N 8   
ALA N   H2   sing N N 9   
ALA CA  C    sing N N 10  
ALA CA  CB   sing N N 11  
ALA CA  HA   sing N N 12  
ALA C   O    doub N N 13  
ALA C   OXT  sing N N 14  
ALA CB  HB1  sing N N 15  
ALA CB  HB2  sing N N 16  
ALA CB  HB3  sing N N 17  
ALA OXT HXT  sing N N 18  
ARG N   CA   sing N N 19  
ARG N   H    sing N N 20  
ARG N   H2   sing N N 21  
ARG CA  C    sing N N 22  
ARG CA  CB   sing N N 23  
ARG CA  HA   sing N N 24  
ARG C   O    doub N N 25  
ARG C   OXT  sing N N 26  
ARG CB  CG   sing N N 27  
ARG CB  HB2  sing N N 28  
ARG CB  HB3  sing N N 29  
ARG CG  CD   sing N N 30  
ARG CG  HG2  sing N N 31  
ARG CG  HG3  sing N N 32  
ARG CD  NE   sing N N 33  
ARG CD  HD2  sing N N 34  
ARG CD  HD3  sing N N 35  
ARG NE  CZ   sing N N 36  
ARG NE  HE   sing N N 37  
ARG CZ  NH1  sing N N 38  
ARG CZ  NH2  doub N N 39  
ARG NH1 HH11 sing N N 40  
ARG NH1 HH12 sing N N 41  
ARG NH2 HH21 sing N N 42  
ARG NH2 HH22 sing N N 43  
ARG OXT HXT  sing N N 44  
ASN N   CA   sing N N 45  
ASN N   H    sing N N 46  
ASN N   H2   sing N N 47  
ASN CA  C    sing N N 48  
ASN CA  CB   sing N N 49  
ASN CA  HA   sing N N 50  
ASN C   O    doub N N 51  
ASN C   OXT  sing N N 52  
ASN CB  CG   sing N N 53  
ASN CB  HB2  sing N N 54  
ASN CB  HB3  sing N N 55  
ASN CG  OD1  doub N N 56  
ASN CG  ND2  sing N N 57  
ASN ND2 HD21 sing N N 58  
ASN ND2 HD22 sing N N 59  
ASN OXT HXT  sing N N 60  
ASP N   CA   sing N N 61  
ASP N   H    sing N N 62  
ASP N   H2   sing N N 63  
ASP CA  C    sing N N 64  
ASP CA  CB   sing N N 65  
ASP CA  HA   sing N N 66  
ASP C   O    doub N N 67  
ASP C   OXT  sing N N 68  
ASP CB  CG   sing N N 69  
ASP CB  HB2  sing N N 70  
ASP CB  HB3  sing N N 71  
ASP CG  OD1  doub N N 72  
ASP CG  OD2  sing N N 73  
ASP OD2 HD2  sing N N 74  
ASP OXT HXT  sing N N 75  
GLN N   CA   sing N N 76  
GLN N   H    sing N N 77  
GLN N   H2   sing N N 78  
GLN CA  C    sing N N 79  
GLN CA  CB   sing N N 80  
GLN CA  HA   sing N N 81  
GLN C   O    doub N N 82  
GLN C   OXT  sing N N 83  
GLN CB  CG   sing N N 84  
GLN CB  HB2  sing N N 85  
GLN CB  HB3  sing N N 86  
GLN CG  CD   sing N N 87  
GLN CG  HG2  sing N N 88  
GLN CG  HG3  sing N N 89  
GLN CD  OE1  doub N N 90  
GLN CD  NE2  sing N N 91  
GLN NE2 HE21 sing N N 92  
GLN NE2 HE22 sing N N 93  
GLN OXT HXT  sing N N 94  
GLU N   CA   sing N N 95  
GLU N   H    sing N N 96  
GLU N   H2   sing N N 97  
GLU CA  C    sing N N 98  
GLU CA  CB   sing N N 99  
GLU CA  HA   sing N N 100 
GLU C   O    doub N N 101 
GLU C   OXT  sing N N 102 
GLU CB  CG   sing N N 103 
GLU CB  HB2  sing N N 104 
GLU CB  HB3  sing N N 105 
GLU CG  CD   sing N N 106 
GLU CG  HG2  sing N N 107 
GLU CG  HG3  sing N N 108 
GLU CD  OE1  doub N N 109 
GLU CD  OE2  sing N N 110 
GLU OE2 HE2  sing N N 111 
GLU OXT HXT  sing N N 112 
GLY N   CA   sing N N 113 
GLY N   H    sing N N 114 
GLY N   H2   sing N N 115 
GLY CA  C    sing N N 116 
GLY CA  HA2  sing N N 117 
GLY CA  HA3  sing N N 118 
GLY C   O    doub N N 119 
GLY C   OXT  sing N N 120 
GLY OXT HXT  sing N N 121 
HIS N   CA   sing N N 122 
HIS N   H    sing N N 123 
HIS N   H2   sing N N 124 
HIS CA  C    sing N N 125 
HIS CA  CB   sing N N 126 
HIS CA  HA   sing N N 127 
HIS C   O    doub N N 128 
HIS C   OXT  sing N N 129 
HIS CB  CG   sing N N 130 
HIS CB  HB2  sing N N 131 
HIS CB  HB3  sing N N 132 
HIS CG  ND1  sing Y N 133 
HIS CG  CD2  doub Y N 134 
HIS ND1 CE1  doub Y N 135 
HIS ND1 HD1  sing N N 136 
HIS CD2 NE2  sing Y N 137 
HIS CD2 HD2  sing N N 138 
HIS CE1 NE2  sing Y N 139 
HIS CE1 HE1  sing N N 140 
HIS NE2 HE2  sing N N 141 
HIS OXT HXT  sing N N 142 
HOH O   H1   sing N N 143 
HOH O   H2   sing N N 144 
ILE N   CA   sing N N 145 
ILE N   H    sing N N 146 
ILE N   H2   sing N N 147 
ILE CA  C    sing N N 148 
ILE CA  CB   sing N N 149 
ILE CA  HA   sing N N 150 
ILE C   O    doub N N 151 
ILE C   OXT  sing N N 152 
ILE CB  CG1  sing N N 153 
ILE CB  CG2  sing N N 154 
ILE CB  HB   sing N N 155 
ILE CG1 CD1  sing N N 156 
ILE CG1 HG12 sing N N 157 
ILE CG1 HG13 sing N N 158 
ILE CG2 HG21 sing N N 159 
ILE CG2 HG22 sing N N 160 
ILE CG2 HG23 sing N N 161 
ILE CD1 HD11 sing N N 162 
ILE CD1 HD12 sing N N 163 
ILE CD1 HD13 sing N N 164 
ILE OXT HXT  sing N N 165 
LEU N   CA   sing N N 166 
LEU N   H    sing N N 167 
LEU N   H2   sing N N 168 
LEU CA  C    sing N N 169 
LEU CA  CB   sing N N 170 
LEU CA  HA   sing N N 171 
LEU C   O    doub N N 172 
LEU C   OXT  sing N N 173 
LEU CB  CG   sing N N 174 
LEU CB  HB2  sing N N 175 
LEU CB  HB3  sing N N 176 
LEU CG  CD1  sing N N 177 
LEU CG  CD2  sing N N 178 
LEU CG  HG   sing N N 179 
LEU CD1 HD11 sing N N 180 
LEU CD1 HD12 sing N N 181 
LEU CD1 HD13 sing N N 182 
LEU CD2 HD21 sing N N 183 
LEU CD2 HD22 sing N N 184 
LEU CD2 HD23 sing N N 185 
LEU OXT HXT  sing N N 186 
LYS N   CA   sing N N 187 
LYS N   H    sing N N 188 
LYS N   H2   sing N N 189 
LYS CA  C    sing N N 190 
LYS CA  CB   sing N N 191 
LYS CA  HA   sing N N 192 
LYS C   O    doub N N 193 
LYS C   OXT  sing N N 194 
LYS CB  CG   sing N N 195 
LYS CB  HB2  sing N N 196 
LYS CB  HB3  sing N N 197 
LYS CG  CD   sing N N 198 
LYS CG  HG2  sing N N 199 
LYS CG  HG3  sing N N 200 
LYS CD  CE   sing N N 201 
LYS CD  HD2  sing N N 202 
LYS CD  HD3  sing N N 203 
LYS CE  NZ   sing N N 204 
LYS CE  HE2  sing N N 205 
LYS CE  HE3  sing N N 206 
LYS NZ  HZ1  sing N N 207 
LYS NZ  HZ2  sing N N 208 
LYS NZ  HZ3  sing N N 209 
LYS OXT HXT  sing N N 210 
MET N   CA   sing N N 211 
MET N   H    sing N N 212 
MET N   H2   sing N N 213 
MET CA  C    sing N N 214 
MET CA  CB   sing N N 215 
MET CA  HA   sing N N 216 
MET C   O    doub N N 217 
MET C   OXT  sing N N 218 
MET CB  CG   sing N N 219 
MET CB  HB2  sing N N 220 
MET CB  HB3  sing N N 221 
MET CG  SD   sing N N 222 
MET CG  HG2  sing N N 223 
MET CG  HG3  sing N N 224 
MET SD  CE   sing N N 225 
MET CE  HE1  sing N N 226 
MET CE  HE2  sing N N 227 
MET CE  HE3  sing N N 228 
MET OXT HXT  sing N N 229 
NH2 N   HN1  sing N N 230 
NH2 N   HN2  sing N N 231 
SER N   CA   sing N N 232 
SER N   H    sing N N 233 
SER N   H2   sing N N 234 
SER CA  C    sing N N 235 
SER CA  CB   sing N N 236 
SER CA  HA   sing N N 237 
SER C   O    doub N N 238 
SER C   OXT  sing N N 239 
SER CB  OG   sing N N 240 
SER CB  HB2  sing N N 241 
SER CB  HB3  sing N N 242 
SER OG  HG   sing N N 243 
SER OXT HXT  sing N N 244 
THR N   CA   sing N N 245 
THR N   H    sing N N 246 
THR N   H2   sing N N 247 
THR CA  C    sing N N 248 
THR CA  CB   sing N N 249 
THR CA  HA   sing N N 250 
THR C   O    doub N N 251 
THR C   OXT  sing N N 252 
THR CB  OG1  sing N N 253 
THR CB  CG2  sing N N 254 
THR CB  HB   sing N N 255 
THR OG1 HG1  sing N N 256 
THR CG2 HG21 sing N N 257 
THR CG2 HG22 sing N N 258 
THR CG2 HG23 sing N N 259 
THR OXT HXT  sing N N 260 
TYR N   CA   sing N N 261 
TYR N   H    sing N N 262 
TYR N   H2   sing N N 263 
TYR CA  C    sing N N 264 
TYR CA  CB   sing N N 265 
TYR CA  HA   sing N N 266 
TYR C   O    doub N N 267 
TYR C   OXT  sing N N 268 
TYR CB  CG   sing N N 269 
TYR CB  HB2  sing N N 270 
TYR CB  HB3  sing N N 271 
TYR CG  CD1  doub Y N 272 
TYR CG  CD2  sing Y N 273 
TYR CD1 CE1  sing Y N 274 
TYR CD1 HD1  sing N N 275 
TYR CD2 CE2  doub Y N 276 
TYR CD2 HD2  sing N N 277 
TYR CE1 CZ   doub Y N 278 
TYR CE1 HE1  sing N N 279 
TYR CE2 CZ   sing Y N 280 
TYR CE2 HE2  sing N N 281 
TYR CZ  OH   sing N N 282 
TYR OH  HH   sing N N 283 
TYR OXT HXT  sing N N 284 
VAL N   CA   sing N N 285 
VAL N   H    sing N N 286 
VAL N   H2   sing N N 287 
VAL CA  C    sing N N 288 
VAL CA  CB   sing N N 289 
VAL CA  HA   sing N N 290 
VAL C   O    doub N N 291 
VAL C   OXT  sing N N 292 
VAL CB  CG1  sing N N 293 
VAL CB  CG2  sing N N 294 
VAL CB  HB   sing N N 295 
VAL CG1 HG11 sing N N 296 
VAL CG1 HG12 sing N N 297 
VAL CG1 HG13 sing N N 298 
VAL CG2 HG21 sing N N 299 
VAL CG2 HG22 sing N N 300 
VAL CG2 HG23 sing N N 301 
VAL OXT HXT  sing N N 302 
# 
loop_
_pdbx_audit_support.funding_organization 
_pdbx_audit_support.country 
_pdbx_audit_support.grant_number 
_pdbx_audit_support.ordinal 
'Japan Society for the Promotion of Science (JSPS)'        Japan JP16H05346    1 
'Japan Society for the Promotion of Science (JSPS)'        Japan JP18H02555    2 
'Japan Society for the Promotion of Science (JSPS)'        Japan JP19H03701    3 
'Japan Society for the Promotion of Science (JSPS)'        Japan JP21K19366    4 
'Japan Agency for Medical Research and Development (AMED)' Japan JP20ak0101140 5 
'Other private'                                            Japan ?             6 
# 
_pdbx_initial_refinement_model.id               1 
_pdbx_initial_refinement_model.entity_id_list   ? 
_pdbx_initial_refinement_model.type             'experimental model' 
_pdbx_initial_refinement_model.source_name      PDB 
_pdbx_initial_refinement_model.accession_code   1SVF 
_pdbx_initial_refinement_model.details          ? 
# 
_atom_sites.entry_id                    8XO3 
_atom_sites.Cartn_transf_matrix[1][1]   ? 
_atom_sites.Cartn_transf_matrix[1][2]   ? 
_atom_sites.Cartn_transf_matrix[1][3]   ? 
_atom_sites.Cartn_transf_matrix[2][1]   ? 
_atom_sites.Cartn_transf_matrix[2][2]   ? 
_atom_sites.Cartn_transf_matrix[2][3]   ? 
_atom_sites.Cartn_transf_matrix[3][1]   ? 
_atom_sites.Cartn_transf_matrix[3][2]   ? 
_atom_sites.Cartn_transf_matrix[3][3]   ? 
_atom_sites.Cartn_transf_vector[1]      ? 
_atom_sites.Cartn_transf_vector[2]      ? 
_atom_sites.Cartn_transf_vector[3]      ? 
_atom_sites.Cartn_transform_axes        ? 
_atom_sites.fract_transf_matrix[1][1]   -0.03420831 
_atom_sites.fract_transf_matrix[1][2]   -0.00108860 
_atom_sites.fract_transf_matrix[1][3]   0.00777758 
_atom_sites.fract_transf_matrix[2][1]   -0.01758337 
_atom_sites.fract_transf_matrix[2][2]   -0.03028234 
_atom_sites.fract_transf_matrix[2][3]   -0.00238221 
_atom_sites.fract_transf_matrix[3][1]   0.00179139 
_atom_sites.fract_transf_matrix[3][2]   -0.00164191 
_atom_sites.fract_transf_matrix[3][3]   0.00764930 
_atom_sites.fract_transf_vector[1]      0.481791 
_atom_sites.fract_transf_vector[2]      0.401123 
_atom_sites.fract_transf_vector[3]      0.217850 
_atom_sites.solution_primary            ? 
_atom_sites.solution_secondary          ? 
_atom_sites.solution_hydrogens          ? 
_atom_sites.special_details             ? 
# 
loop_
_atom_type.symbol 
_atom_type.pdbx_scat_Z 
_atom_type.pdbx_N_electrons 
_atom_type.scat_Cromer_Mann_a1 
_atom_type.scat_Cromer_Mann_b1 
_atom_type.scat_Cromer_Mann_a2 
_atom_type.scat_Cromer_Mann_b2 
_atom_type.scat_Cromer_Mann_a3 
_atom_type.scat_Cromer_Mann_b3 
_atom_type.scat_Cromer_Mann_a4 
_atom_type.scat_Cromer_Mann_b4 
_atom_type.scat_Cromer_Mann_c 
C  6  6  2.310  20.844 1.020 10.208 1.589 0.569  0.865 51.651  0.216   
CA 20 20 8.627  10.442 7.387 0.660  1.590 85.748 1.021 178.437 1.375   
H  1  1  0.493  10.511 0.323 26.126 0.140 3.142  0.041 57.800  0.003   
N  7  7  12.222 0.006  3.135 9.893  2.014 28.997 1.167 0.583   -11.538 
O  8  8  3.049  13.277 2.287 5.701  1.546 0.324  0.867 32.909  0.251   
S  16 16 6.905  1.468  5.203 22.215 1.438 0.254  1.586 56.172  0.867   
# 
loop_
_atom_site.group_PDB 
_atom_site.id 
_atom_site.type_symbol 
_atom_site.label_atom_id 
_atom_site.label_alt_id 
_atom_site.label_comp_id 
_atom_site.label_asym_id 
_atom_site.label_entity_id 
_atom_site.label_seq_id 
_atom_site.pdbx_PDB_ins_code 
_atom_site.Cartn_x 
_atom_site.Cartn_y 
_atom_site.Cartn_z 
_atom_site.occupancy 
_atom_site.B_iso_or_equiv 
_atom_site.pdbx_formal_charge 
_atom_site.auth_seq_id 
_atom_site.auth_comp_id 
_atom_site.auth_asym_id 
_atom_site.auth_atom_id 
_atom_site.pdbx_PDB_model_num 
_atom_site.calc_flag 
HETATM 1   C  C   . ACE A 1 1  ? -7.936  10.626  -35.971 1.000 49.266 ? 137 ACE A C   1 ? 
HETATM 2   O  O   . ACE A 1 1  ? -7.935  9.958   -34.956 1.000 36.132 ? 137 ACE A O   1 ? 
HETATM 3   C  CH3 . ACE A 1 1  ? -8.794  10.186  -37.149 1.000 50.368 ? 137 ACE A CH3 1 ? 
ATOM   4   N  N   . HIS A 1 2  ? -7.290  11.814  -36.155 1.000 44.478 ? 138 HIS A N   1 ? 
ATOM   5   C  CA  . HIS A 1 2  ? -6.113  12.171  -35.307 1.000 40.251 ? 138 HIS A CA  1 ? 
ATOM   6   C  C   . HIS A 1 2  ? -6.501  12.477  -33.852 1.000 28.723 ? 138 HIS A C   1 ? 
ATOM   7   O  O   . HIS A 1 2  ? -5.976  11.735  -33.012 1.000 27.332 ? 138 HIS A O   1 ? 
ATOM   8   C  CB  . HIS A 1 2  ? -5.257  13.311  -35.871 1.000 40.363 ? 138 HIS A CB  1 ? 
ATOM   9   C  CG  . HIS A 1 2  ? -3.977  13.467  -35.116 1.000 42.371 ? 138 HIS A CG  1 ? 
ATOM   10  N  ND1 . HIS A 1 2  ? -2.953  12.522  -35.163 1.000 41.157 ? 138 HIS A ND1 1 ? 
ATOM   11  C  CD2 . HIS A 1 2  ? -3.555  14.424  -34.263 1.000 40.175 ? 138 HIS A CD2 1 ? 
ATOM   12  C  CE1 . HIS A 1 2  ? -1.948  12.913  -34.398 1.000 39.817 ? 138 HIS A CE1 1 ? 
ATOM   13  N  NE2 . HIS A 1 2  ? -2.293  14.081  -33.836 1.000 40.699 ? 138 HIS A NE2 1 ? 
ATOM   14  N  N   . GLN A 1 3  ? -7.217  13.558  -33.522 1.000 28.413 ? 139 GLN A N   1 ? 
ATOM   15  C  CA  . GLN A 1 3  ? -7.463  13.896  -32.095 1.000 27.662 ? 139 GLN A CA  1 ? 
ATOM   16  C  C   . GLN A 1 3  ? -8.194  12.721  -31.442 1.000 25.419 ? 139 GLN A C   1 ? 
ATOM   17  O  O   . GLN A 1 3  ? -7.872  12.447  -30.282 1.000 23.144 ? 139 GLN A O   1 ? 
ATOM   18  C  CB  . GLN A 1 3  ? -8.229  15.206  -31.830 1.000 28.463 ? 139 GLN A CB  1 ? 
ATOM   19  C  CG  . GLN A 1 3  ? -8.274  15.607  -30.352 1.000 29.114 ? 139 GLN A CG  1 ? 
ATOM   20  C  CD  . GLN A 1 3  ? -6.912  15.834  -29.758 1.000 29.900 ? 139 GLN A CD  1 ? 
ATOM   21  O  OE1 . GLN A 1 3  ? -6.574  15.334  -28.680 1.000 30.755 ? 139 GLN A OE1 1 ? 
ATOM   22  N  NE2 . GLN A 1 3  ? -6.131  16.630  -30.453 1.000 29.997 ? 139 GLN A NE2 1 ? 
ATOM   23  N  N   . SER A 1 4  ? -9.077  11.997  -32.117 1.000 23.080 ? 140 SER A N   1 ? 
ATOM   24  C  CA  A SER A 1 4  ? -9.794  10.888  -31.453 0.500 21.615 ? 140 SER A CA  1 ? 
ATOM   25  C  CA  B SER A 1 4  ? -9.803  10.883  -31.455 0.500 21.790 ? 140 SER A CA  1 ? 
ATOM   26  C  C   . SER A 1 4  ? -8.807  9.760   -31.169 1.000 19.547 ? 140 SER A C   1 ? 
ATOM   27  O  O   . SER A 1 4  ? -8.951  9.102   -30.106 1.000 20.508 ? 140 SER A O   1 ? 
ATOM   28  C  CB  A SER A 1 4  ? -10.950 10.449  -32.266 0.500 22.042 ? 140 SER A CB  1 ? 
ATOM   29  C  CB  B SER A 1 4  ? -11.007 10.388  -32.222 0.500 22.501 ? 140 SER A CB  1 ? 
ATOM   30  O  OG  A SER A 1 4  ? -11.879 11.519  -32.335 0.500 24.634 ? 140 SER A OG  1 ? 
ATOM   31  O  OG  B SER A 1 4  ? -10.714 10.075  -33.571 0.500 24.848 ? 140 SER A OG  1 ? 
ATOM   32  N  N   . MET A 1 5  ? -7.800  9.556   -32.009 1.000 20.450 ? 141 MET A N   1 ? 
ATOM   33  C  CA  A MET A 1 5  ? -6.794  8.527   -31.716 0.600 19.320 ? 141 MET A CA  1 ? 
ATOM   34  C  CA  B MET A 1 5  ? -6.744  8.545   -31.750 0.400 19.699 ? 141 MET A CA  1 ? 
ATOM   35  C  C   . MET A 1 5  ? -5.960  8.947   -30.494 1.000 18.765 ? 141 MET A C   1 ? 
ATOM   36  O  O   . MET A 1 5  ? -5.764  8.118   -29.590 1.000 18.026 ? 141 MET A O   1 ? 
ATOM   37  C  CB  A MET A 1 5  ? -5.898  8.342   -32.929 0.600 19.598 ? 141 MET A CB  1 ? 
ATOM   38  C  CB  B MET A 1 5  ? -5.788  8.461   -32.943 0.400 20.440 ? 141 MET A CB  1 ? 
ATOM   39  C  CG  A MET A 1 5  ? -4.754  7.502   -32.630 0.600 19.422 ? 141 MET A CG  1 ? 
ATOM   40  C  CG  B MET A 1 5  ? -4.829  7.313   -32.885 0.400 20.197 ? 141 MET A CG  1 ? 
ATOM   41  S  SD  A MET A 1 5  ? -3.610  7.550   -33.923 0.600 19.748 ? 141 MET A SD  1 ? 
ATOM   42  S  SD  B MET A 1 5  ? -3.228  7.752   -32.144 0.400 23.382 ? 141 MET A SD  1 ? 
ATOM   43  C  CE  A MET A 1 5  ? -2.671  9.003   -33.482 0.600 20.989 ? 141 MET A CE  1 ? 
ATOM   44  C  CE  B MET A 1 5  ? -2.790  9.159   -33.155 0.400 23.059 ? 141 MET A CE  1 ? 
ATOM   45  N  N   . LEU A 1 6  ? -5.505  10.186  -30.457 1.000 18.065 ? 142 LEU A N   1 ? 
ATOM   46  C  CA  . LEU A 1 6  ? -4.738  10.666  -29.289 1.000 17.341 ? 142 LEU A CA  1 ? 
ATOM   47  C  C   . LEU A 1 6  ? -5.566  10.556  -27.998 1.000 16.370 ? 142 LEU A C   1 ? 
ATOM   48  O  O   . LEU A 1 6  ? -5.034  10.184  -26.973 1.000 17.143 ? 142 LEU A O   1 ? 
ATOM   49  C  CB  . LEU A 1 6  ? -4.296  12.114  -29.467 1.000 19.995 ? 142 LEU A CB  1 ? 
ATOM   50  C  CG  . LEU A 1 6  ? -3.309  12.373  -30.600 1.000 22.807 ? 142 LEU A CG  1 ? 
ATOM   51  C  CD1 . LEU A 1 6  ? -3.044  13.880  -30.710 1.000 25.040 ? 142 LEU A CD1 1 ? 
ATOM   52  C  CD2 . LEU A 1 6  ? -2.008  11.649  -30.439 1.000 24.677 ? 142 LEU A CD2 1 ? 
ATOM   53  N  N   . ASN A 1 7  ? -6.837  10.832  -28.117 1.000 16.190 ? 143 ASN A N   1 ? 
ATOM   54  C  CA  . ASN A 1 7  ? -7.695  10.781  -26.936 1.000 16.904 ? 143 ASN A CA  1 ? 
ATOM   55  C  C   . ASN A 1 7  ? -7.841  9.334   -26.503 1.000 16.658 ? 143 ASN A C   1 ? 
ATOM   56  O  O   . ASN A 1 7  ? -7.817  9.059   -25.273 1.000 16.436 ? 143 ASN A O   1 ? 
ATOM   57  C  CB  . ASN A 1 7  ? -9.053  11.408  -27.196 1.000 18.453 ? 143 ASN A CB  1 ? 
ATOM   58  C  CG  . ASN A 1 7  ? -9.032  12.913  -27.254 1.000 18.369 ? 143 ASN A CG  1 ? 
ATOM   59  O  OD1 . ASN A 1 7  ? -8.111  13.557  -26.810 1.000 18.876 ? 143 ASN A OD1 1 ? 
ATOM   60  N  ND2 . ASN A 1 7  ? -10.100 13.495  -27.787 1.000 20.612 ? 143 ASN A ND2 1 ? 
ATOM   61  N  N   A SER A 1 8  ? -7.979  8.382   -27.432 0.700 16.941 ? 144 SER A N   1 ? 
ATOM   62  N  N   B SER A 1 8  ? -8.015  8.441   -27.471 0.300 16.457 ? 144 SER A N   1 ? 
ATOM   63  C  CA  A SER A 1 8  ? -8.022  6.954   -27.041 0.700 16.766 ? 144 SER A CA  1 ? 
ATOM   64  C  CA  B SER A 1 8  ? -8.124  7.008   -27.161 0.300 16.389 ? 144 SER A CA  1 ? 
ATOM   65  C  C   A SER A 1 8  ? -6.750  6.559   -26.311 0.700 16.221 ? 144 SER A C   1 ? 
ATOM   66  C  C   B SER A 1 8  ? -6.852  6.546   -26.434 0.300 15.461 ? 144 SER A C   1 ? 
ATOM   67  O  O   A SER A 1 8  ? -6.731  5.867   -25.288 0.700 16.065 ? 144 SER A O   1 ? 
ATOM   68  O  O   B SER A 1 8  ? -7.049  5.831   -25.440 0.300 14.873 ? 144 SER A O   1 ? 
ATOM   69  C  CB  A SER A 1 8  ? -8.132  6.129   -28.257 0.700 19.821 ? 144 SER A CB  1 ? 
ATOM   70  C  CB  B SER A 1 8  ? -8.440  6.218   -28.388 0.300 17.038 ? 144 SER A CB  1 ? 
ATOM   71  O  OG  A SER A 1 8  ? -9.335  6.371   -28.924 0.700 19.816 ? 144 SER A OG  1 ? 
ATOM   72  O  OG  B SER A 1 8  ? -8.686  4.857   -28.060 0.300 18.971 ? 144 SER A OG  1 ? 
ATOM   73  N  N   . GLN A 1 9  ? -5.643  7.027   -26.815 1.000 16.036 ? 145 GLN A N   1 ? 
ATOM   74  C  CA  . GLN A 1 9  ? -4.364  6.662   -26.192 1.000 16.754 ? 145 GLN A CA  1 ? 
ATOM   75  C  C   . GLN A 1 9  ? -4.289  7.234   -24.770 1.000 15.952 ? 145 GLN A C   1 ? 
ATOM   76  O  O   . GLN A 1 9  ? -3.716  6.628   -23.866 1.000 16.392 ? 145 GLN A O   1 ? 
ATOM   77  C  CB  . GLN A 1 9  ? -3.197  7.151   -27.037 1.000 17.080 ? 145 GLN A CB  1 ? 
ATOM   78  C  CG  . GLN A 1 9  ? -3.165  6.380   -28.361 1.000 18.203 ? 145 GLN A CG  1 ? 
ATOM   79  C  CD  . GLN A 1 9  ? -2.098  6.881   -29.302 1.000 22.187 ? 145 GLN A CD  1 ? 
ATOM   80  O  OE1 . GLN A 1 9  ? -1.940  8.126   -29.395 1.000 24.222 ? 145 GLN A OE1 1 ? 
ATOM   81  N  NE2 . GLN A 1 9  ? -1.347  5.958   -29.927 1.000 20.579 ? 145 GLN A NE2 1 ? 
ATOM   82  N  N   . ALA A 1 10 ? -4.729  8.476   -24.623 1.000 16.119 ? 146 ALA A N   1 ? 
ATOM   83  C  CA  . ALA A 1 10 ? -4.698  9.143   -23.300 1.000 15.183 ? 146 ALA A CA  1 ? 
ATOM   84  C  C   . ALA A 1 10 ? -5.661  8.462   -22.322 1.000 15.143 ? 146 ALA A C   1 ? 
ATOM   85  O  O   . ALA A 1 10 ? -5.345  8.364   -21.142 1.000 15.392 ? 146 ALA A O   1 ? 
ATOM   86  C  CB  . ALA A 1 10 ? -5.003  10.605  -23.406 1.000 16.704 ? 146 ALA A CB  1 ? 
ATOM   87  N  N   . ILE A 1 11 ? -6.782  7.993   -22.804 1.000 14.661 ? 147 ILE A N   1 ? 
ATOM   88  C  CA  . ILE A 1 11 ? -7.717  7.219   -21.970 1.000 15.139 ? 147 ILE A CA  1 ? 
ATOM   89  C  C   . ILE A 1 11 ? -7.079  5.937   -21.508 1.000 15.322 ? 147 ILE A C   1 ? 
ATOM   90  O  O   . ILE A 1 11 ? -7.185  5.573   -20.345 1.000 14.777 ? 147 ILE A O   1 ? 
ATOM   91  C  CB  . ILE A 1 11 ? -9.016  6.971   -22.750 1.000 15.817 ? 147 ILE A CB  1 ? 
ATOM   92  C  CG1 . ILE A 1 11 ? -9.779  8.272   -22.900 1.000 16.340 ? 147 ILE A CG1 1 ? 
ATOM   93  C  CG2 . ILE A 1 11 ? -9.857  5.877   -22.137 1.000 18.061 ? 147 ILE A CG2 1 ? 
ATOM   94  C  CD1 . ILE A 1 11 ? -10.865 8.207   -23.984 1.000 17.608 ? 147 ILE A CD1 1 ? 
ATOM   95  N  N   . ASP A 1 12 ? -6.320  5.272   -22.399 1.000 15.417 ? 148 ASP A N   1 ? 
ATOM   96  C  CA  . ASP A 1 12 ? -5.618  4.032   -22.007 1.000 15.527 ? 148 ASP A CA  1 ? 
ATOM   97  C  C   . ASP A 1 12 ? -4.610  4.324   -20.919 1.000 15.906 ? 148 ASP A C   1 ? 
ATOM   98  O  O   . ASP A 1 12 ? -4.405  3.535   -20.010 1.000 15.684 ? 148 ASP A O   1 ? 
ATOM   99  C  CB  . ASP A 1 12 ? -4.861  3.380   -23.165 1.000 17.673 ? 148 ASP A CB  1 ? 
ATOM   100 C  CG  . ASP A 1 12 ? -5.714  3.010   -24.334 1.000 24.387 ? 148 ASP A CG  1 ? 
ATOM   101 O  OD1 . ASP A 1 12 ? -6.880  2.682   -24.104 1.000 22.048 ? 148 ASP A OD1 1 ? 
ATOM   102 O  OD2 . ASP A 1 12 ? -5.156  3.144   -25.520 1.000 24.116 ? 148 ASP A OD2 1 ? 
ATOM   103 N  N   . ASN A 1 13 ? -3.930  5.454   -21.062 1.000 15.416 ? 149 ASN A N   1 ? 
ATOM   104 C  CA  . ASN A 1 13 ? -2.951  5.896   -20.049 1.000 16.313 ? 149 ASN A CA  1 ? 
ATOM   105 C  C   . ASN A 1 13 ? -3.622  6.082   -18.686 1.000 14.311 ? 149 ASN A C   1 ? 
ATOM   106 O  O   . ASN A 1 13 ? -3.143  5.602   -17.678 1.000 14.691 ? 149 ASN A O   1 ? 
ATOM   107 C  CB  . ASN A 1 13 ? -2.185  7.110   -20.577 1.000 18.187 ? 149 ASN A CB  1 ? 
ATOM   108 C  CG  . ASN A 1 13 ? -1.311  7.780   -19.566 1.000 18.731 ? 149 ASN A CG  1 ? 
ATOM   109 O  OD1 . ASN A 1 13 ? -1.758  8.430   -18.658 1.000 20.486 ? 149 ASN A OD1 1 ? 
ATOM   110 N  ND2 . ASN A 1 13 ? 0.013   7.631   -19.679 1.000 21.279 ? 149 ASN A ND2 1 ? 
ATOM   111 N  N   . LEU A 1 14 ? -4.714  6.838   -18.681 1.000 13.850 ? 150 LEU A N   1 ? 
ATOM   112 C  CA  . LEU A 1 14 ? -5.441  7.084   -17.402 1.000 13.913 ? 150 LEU A CA  1 ? 
ATOM   113 C  C   . LEU A 1 14 ? -5.920  5.782   -16.801 1.000 13.994 ? 150 LEU A C   1 ? 
ATOM   114 O  O   . LEU A 1 14 ? -5.887  5.641   -15.599 1.000 13.836 ? 150 LEU A O   1 ? 
ATOM   115 C  CB  . LEU A 1 14 ? -6.595  8.054   -17.622 1.000 15.262 ? 150 LEU A CB  1 ? 
ATOM   116 C  CG  . LEU A 1 14 ? -6.193  9.480   -17.965 1.000 16.131 ? 150 LEU A CG  1 ? 
ATOM   117 C  CD1 . LEU A 1 14 ? -7.438  10.336  -18.164 1.000 19.394 ? 150 LEU A CD1 1 ? 
ATOM   118 C  CD2 . LEU A 1 14 ? -5.149  10.042  -17.016 1.000 21.938 ? 150 LEU A CD2 1 ? 
ATOM   119 N  N   . ARG A 1 15 ? -6.430  4.894   -17.629 1.000 13.511 ? 151 ARG A N   1 ? 
ATOM   120 C  CA  . ARG A 1 15 ? -6.958  3.620   -17.090 1.000 14.825 ? 151 ARG A CA  1 ? 
ATOM   121 C  C   . ARG A 1 15 ? -5.858  2.819   -16.410 1.000 13.742 ? 151 ARG A C   1 ? 
ATOM   122 O  O   . ARG A 1 15 ? -6.043  2.298   -15.322 1.000 15.074 ? 151 ARG A O   1 ? 
ATOM   123 C  CB  . ARG A 1 15 ? -7.549  2.801   -18.229 1.000 15.830 ? 151 ARG A CB  1 ? 
ATOM   124 C  CG  . ARG A 1 15 ? -8.104  1.493   -17.743 1.000 19.292 ? 151 ARG A CG  1 ? 
ATOM   125 C  CD  . ARG A 1 15 ? -8.718  0.685   -18.868 1.000 22.137 ? 151 ARG A CD  1 ? 
ATOM   126 N  NE  . ARG A 1 15 ? -9.836  1.323   -19.533 1.000 22.019 ? 151 ARG A NE  1 ? 
ATOM   127 C  CZ  . ARG A 1 15 ? -9.791  1.910   -20.738 1.000 24.608 ? 151 ARG A CZ  1 ? 
ATOM   128 N  NH1 . ARG A 1 15 ? -10.875 2.510   -21.220 1.000 26.097 ? 151 ARG A NH1 1 ? 
ATOM   129 N  NH2 . ARG A 1 15 ? -8.698  1.841   -21.503 1.000 28.557 ? 151 ARG A NH2 1 ? 
ATOM   130 N  N   . ALA A 1 16 ? -4.670  2.801   -17.026 1.000 15.130 ? 152 ALA A N   1 ? 
ATOM   131 C  CA  . ALA A 1 16 ? -3.542  2.062   -16.457 1.000 15.863 ? 152 ALA A CA  1 ? 
ATOM   132 C  C   . ALA A 1 16 ? -3.136  2.699   -15.149 1.000 14.833 ? 152 ALA A C   1 ? 
ATOM   133 O  O   . ALA A 1 16 ? -2.818  2.011   -14.175 1.000 15.630 ? 152 ALA A O   1 ? 
ATOM   134 C  CB  . ALA A 1 16 ? -2.383  2.020   -17.434 1.000 17.563 ? 152 ALA A CB  1 ? 
ATOM   135 N  N   . SER A 1 17 ? -3.086  4.020   -15.129 1.000 13.840 ? 153 SER A N   1 ? 
ATOM   136 C  CA  . SER A 1 17 ? -2.723  4.732   -13.887 1.000 14.834 ? 153 SER A CA  1 ? 
ATOM   137 C  C   . SER A 1 17 ? -3.747  4.431   -12.794 1.000 14.013 ? 153 SER A C   1 ? 
ATOM   138 O  O   . SER A 1 17 ? -3.369  4.142   -11.660 1.000 14.886 ? 153 SER A O   1 ? 
ATOM   139 C  CB  . SER A 1 17 ? -2.622  6.215   -14.119 1.000 14.596 ? 153 SER A CB  1 ? 
ATOM   140 O  OG  . SER A 1 17 ? -2.540  6.968   -12.918 1.000 17.240 ? 153 SER A OG  1 ? 
ATOM   141 N  N   . LEU A 1 18 ? -5.025  4.494   -13.121 1.000 13.729 ? 154 LEU A N   1 ? 
ATOM   142 C  CA  . LEU A 1 18 ? -6.048  4.294   -12.074 1.000 13.646 ? 154 LEU A CA  1 ? 
ATOM   143 C  C   . LEU A 1 18 ? -6.017  2.872   -11.549 1.000 14.032 ? 154 LEU A C   1 ? 
ATOM   144 O  O   . LEU A 1 18 ? -6.189  2.653   -10.369 1.000 13.842 ? 154 LEU A O   1 ? 
ATOM   145 C  CB  . LEU A 1 18 ? -7.397  4.683   -12.651 1.000 14.585 ? 154 LEU A CB  1 ? 
ATOM   146 C  CG  . LEU A 1 18 ? -8.565  4.663   -11.667 1.000 16.024 ? 154 LEU A CG  1 ? 
ATOM   147 C  CD1 . LEU A 1 18 ? -8.266  5.280   -10.337 1.000 15.576 ? 154 LEU A CD1 1 ? 
ATOM   148 C  CD2 . LEU A 1 18 ? -9.760  5.339   -12.324 1.000 17.696 ? 154 LEU A CD2 1 ? 
ATOM   149 N  N   . GLU A 1 19 ? -5.838  1.914   -12.430 1.000 14.800 ? 155 GLU A N   1 ? 
ATOM   150 C  CA  . GLU A 1 19 ? -5.703  0.518   -11.957 1.000 15.292 ? 155 GLU A CA  1 ? 
ATOM   151 C  C   . GLU A 1 19 ? -4.553  0.385   -10.981 1.000 15.457 ? 155 GLU A C   1 ? 
ATOM   152 O  O   . GLU A 1 19 ? -4.654  -0.311  -9.949  1.000 15.961 ? 155 GLU A O   1 ? 
ATOM   153 C  CB  . GLU A 1 19 ? -5.470  -0.369  -13.177 1.000 16.915 ? 155 GLU A CB  1 ? 
ATOM   154 C  CG  . GLU A 1 19 ? -6.716  -0.625  -13.964 1.000 20.454 ? 155 GLU A CG  1 ? 
ATOM   155 C  CD  . GLU A 1 19 ? -6.509  -1.248  -15.336 1.000 27.738 ? 155 GLU A CD  1 ? 
ATOM   156 O  OE1 . GLU A 1 19 ? -5.365  -1.289  -15.797 1.000 32.246 ? 155 GLU A OE1 1 ? 
ATOM   157 O  OE2 . GLU A 1 19 ? -7.532  -1.616  -15.973 1.000 29.674 ? 155 GLU A OE2 1 ? 
ATOM   158 N  N   . THR A 1 20 ? -3.438  1.021   -11.281 1.000 15.175 ? 156 THR A N   1 ? 
ATOM   159 C  CA  . THR A 1 20 ? -2.239  0.997   -10.431 1.000 15.471 ? 156 THR A CA  1 ? 
ATOM   160 C  C   . THR A 1 20 ? -2.509  1.691   -9.096  1.000 14.870 ? 156 THR A C   1 ? 
ATOM   161 O  O   . THR A 1 20 ? -2.128  1.201   -8.038  1.000 15.183 ? 156 THR A O   1 ? 
ATOM   162 C  CB  . THR A 1 20 ? -1.066  1.586   -11.195 1.000 16.407 ? 156 THR A CB  1 ? 
ATOM   163 O  OG1 . THR A 1 20 ? -0.899  0.888   -12.432 1.000 18.274 ? 156 THR A OG1 1 ? 
ATOM   164 C  CG2 . THR A 1 20 ? 0.199   1.493   -10.392 1.000 18.315 ? 156 THR A CG2 1 ? 
ATOM   165 N  N   . THR A 1 21 ? -3.109  2.872   -9.169  1.000 13.761 ? 157 THR A N   1 ? 
ATOM   166 C  CA  . THR A 1 21 ? -3.535  3.619   -7.971  1.000 13.848 ? 157 THR A CA  1 ? 
ATOM   167 C  C   . THR A 1 21 ? -4.442  2.736   -7.072  1.000 13.105 ? 157 THR A C   1 ? 
ATOM   168 O  O   . THR A 1 21 ? -4.228  2.695   -5.883  1.000 13.913 ? 157 THR A O   1 ? 
ATOM   169 C  CB  . THR A 1 21 ? -4.197  4.926   -8.402  1.000 13.462 ? 157 THR A CB  1 ? 
ATOM   170 O  OG1 . THR A 1 21 ? -3.208  5.780   -8.976  1.000 14.316 ? 157 THR A OG1 1 ? 
ATOM   171 C  CG2 . THR A 1 21 ? -4.966  5.579   -7.277  1.000 13.751 ? 157 THR A CG2 1 ? 
ATOM   172 N  N   . ASN A 1 22 ? -5.364  2.028   -7.666  1.000 13.707 ? 158 ASN A N   1 ? 
ATOM   173 C  CA  . ASN A 1 22 ? -6.236  1.175   -6.860  1.000 14.276 ? 158 ASN A CA  1 ? 
ATOM   174 C  C   . ASN A 1 22 ? -5.429  0.079   -6.173  1.000 14.835 ? 158 ASN A C   1 ? 
ATOM   175 O  O   . ASN A 1 22 ? -5.740  -0.272  -5.012  1.000 15.398 ? 158 ASN A O   1 ? 
ATOM   176 C  CB  . ASN A 1 22 ? -7.331  0.560   -7.691  1.000 14.664 ? 158 ASN A CB  1 ? 
ATOM   177 C  CG  . ASN A 1 22 ? -8.504  1.472   -7.927  1.000 15.006 ? 158 ASN A CG  1 ? 
ATOM   178 O  OD1 . ASN A 1 22 ? -8.574  2.578   -7.388  1.000 15.379 ? 158 ASN A OD1 1 ? 
ATOM   179 N  ND2 . ASN A 1 22 ? -9.404  1.058   -8.785  1.000 17.370 ? 158 ASN A ND2 1 ? 
ATOM   180 N  N   . GLN A 1 23 ? -4.383  -0.441  -6.799  1.000 15.102 ? 159 GLN A N   1 ? 
ATOM   181 C  CA  . GLN A 1 23 ? -3.549  -1.440  -6.102  1.000 15.715 ? 159 GLN A CA  1 ? 
ATOM   182 C  C   . GLN A 1 23 ? -2.788  -0.792  -4.971  1.000 16.583 ? 159 GLN A C   1 ? 
ATOM   183 O  O   . GLN A 1 23 ? -2.561  -1.398  -3.922  1.000 16.512 ? 159 GLN A O   1 ? 
ATOM   184 C  CB  . GLN A 1 23 ? -2.546  -2.010  -7.109  1.000 18.252 ? 159 GLN A CB  1 ? 
ATOM   185 C  CG  . GLN A 1 23 ? -3.166  -2.894  -8.166  1.000 21.470 ? 159 GLN A CG  1 ? 
ATOM   186 C  CD  . GLN A 1 23 ? -2.069  -3.342  -9.113  1.000 28.718 ? 159 GLN A CD  1 ? 
ATOM   187 O  OE1 . GLN A 1 23 ? -1.370  -2.551  -9.759  1.000 32.990 ? 159 GLN A OE1 1 ? 
ATOM   188 N  NE2 . GLN A 1 23 ? -1.831  -4.643  -9.135  1.000 38.719 ? 159 GLN A NE2 1 ? 
ATOM   189 N  N   . ALA A 1 24 ? -2.354  0.460   -5.132  1.000 15.090 ? 160 ALA A N   1 ? 
ATOM   190 C  CA  . ALA A 1 24 ? -1.637  1.156   -4.050  1.000 15.771 ? 160 ALA A CA  1 ? 
ATOM   191 C  C   . ALA A 1 24 ? -2.578  1.282   -2.838  1.000 14.024 ? 160 ALA A C   1 ? 
ATOM   192 O  O   . ALA A 1 24 ? -2.146  1.142   -1.694  1.000 15.509 ? 160 ALA A O   1 ? 
ATOM   193 C  CB  . ALA A 1 24 ? -1.145  2.504   -4.484  1.000 15.751 ? 160 ALA A CB  1 ? 
ATOM   194 N  N   . ILE A 1 25 ? -3.804  1.679   -3.123  1.000 13.962 ? 161 ILE A N   1 ? 
ATOM   195 C  CA  . ILE A 1 25 ? -4.797  1.864   -2.049  1.000 14.543 ? 161 ILE A CA  1 ? 
ATOM   196 C  C   . ILE A 1 25 ? -4.993  0.544   -1.289  1.000 14.820 ? 161 ILE A C   1 ? 
ATOM   197 O  O   . ILE A 1 25 ? -5.092  0.534   -0.076  1.000 15.194 ? 161 ILE A O   1 ? 
ATOM   198 C  CB  . ILE A 1 25 ? -6.100  2.443   -2.568  1.000 14.463 ? 161 ILE A CB  1 ? 
ATOM   199 C  CG1 . ILE A 1 25 ? -5.886  3.775   -3.254  1.000 14.478 ? 161 ILE A CG1 1 ? 
ATOM   200 C  CG2 . ILE A 1 25 ? -7.062  2.595   -1.416  1.000 15.433 ? 161 ILE A CG2 1 ? 
ATOM   201 C  CD1 . ILE A 1 25 ? -6.998  4.193   -4.136  1.000 14.260 ? 161 ILE A CD1 1 ? 
ATOM   202 N  N   . GLU A 1 26 ? -5.118  -0.536  -2.035  1.000 15.151 ? 162 GLU A N   1 ? 
ATOM   203 C  CA  . GLU A 1 26 ? -5.294  -1.846  -1.385  1.000 16.690 ? 162 GLU A CA  1 ? 
ATOM   204 C  C   . GLU A 1 26 ? -4.127  -2.182  -0.496  1.000 17.011 ? 162 GLU A C   1 ? 
ATOM   205 O  O   . GLU A 1 26 ? -4.344  -2.732  0.619   1.000 17.577 ? 162 GLU A O   1 ? 
ATOM   206 C  CB  . GLU A 1 26 ? -5.508  -2.923  -2.428  1.000 18.336 ? 162 GLU A CB  1 ? 
ATOM   207 C  CG  . GLU A 1 26 ? -5.697  -4.328  -1.816  1.000 21.736 ? 162 GLU A CG  1 ? 
ATOM   208 C  CD  . GLU A 1 26 ? -6.859  -4.530  -0.864  1.000 22.255 ? 162 GLU A CD  1 ? 
ATOM   209 O  OE1 . GLU A 1 26 ? -7.798  -3.738  -0.789  1.000 22.494 ? 162 GLU A OE1 1 ? 
ATOM   210 O  OE2 . GLU A 1 26 ? -6.796  -5.587  -0.147  1.000 24.585 ? 162 GLU A OE2 1 ? 
ATOM   211 N  N   . ALA A 1 27 ? -2.932  -1.850  -0.892  1.000 15.639 ? 163 ALA A N   1 ? 
ATOM   212 C  CA  . ALA A 1 27 ? -1.773  -2.098  -0.023  1.000 16.531 ? 163 ALA A CA  1 ? 
ATOM   213 C  C   . ALA A 1 27 ? -1.876  -1.292  1.273   1.000 16.106 ? 163 ALA A C   1 ? 
ATOM   214 O  O   . ALA A 1 27 ? -1.545  -1.798  2.346   1.000 16.715 ? 163 ALA A O   1 ? 
ATOM   215 C  CB  . ALA A 1 27 ? -0.487  -1.814  -0.741  1.000 17.228 ? 163 ALA A CB  1 ? 
ATOM   216 N  N   . ILE A 1 28 ? -2.280  -0.023  1.178   1.000 15.122 ? 164 ILE A N   1 ? 
ATOM   217 C  CA  . ILE A 1 28 ? -2.476  0.805   2.390   1.000 15.333 ? 164 ILE A CA  1 ? 
ATOM   218 C  C   . ILE A 1 28 ? -3.602  0.251   3.246   1.000 14.661 ? 164 ILE A C   1 ? 
ATOM   219 O  O   . ILE A 1 28 ? -3.482  0.281   4.475   1.000 16.270 ? 164 ILE A O   1 ? 
ATOM   220 C  CB  . ILE A 1 28 ? -2.712  2.258   1.981   1.000 15.544 ? 164 ILE A CB  1 ? 
ATOM   221 C  CG1 . ILE A 1 28 ? -1.419  2.796   1.357   1.000 16.940 ? 164 ILE A CG1 1 ? 
ATOM   222 C  CG2 . ILE A 1 28 ? -3.139  3.089   3.162   1.000 18.625 ? 164 ILE A CG2 1 ? 
ATOM   223 C  CD1 . ILE A 1 28 ? -1.605  4.107   0.616   1.000 18.645 ? 164 ILE A CD1 1 ? 
ATOM   224 N  N   . ARG A 1 29 ? -4.629  -0.257  2.630   1.000 15.538 ? 165 ARG A N   1 ? 
ATOM   225 C  CA  . ARG A 1 29 ? -5.757  -0.831  3.393   1.000 16.425 ? 165 ARG A CA  1 ? 
ATOM   226 C  C   . ARG A 1 29 ? -5.239  -2.030  4.175   1.000 16.628 ? 165 ARG A C   1 ? 
ATOM   227 O  O   . ARG A 1 29 ? -5.547  -2.175  5.388   1.000 17.461 ? 165 ARG A O   1 ? 
ATOM   228 C  CB  . ARG A 1 29 ? -6.847  -1.278  2.423   1.000 16.169 ? 165 ARG A CB  1 ? 
ATOM   229 C  CG  . ARG A 1 29 ? -8.205  -1.424  3.082   1.000 18.392 ? 165 ARG A CG  1 ? 
ATOM   230 C  CD  . ARG A 1 29 ? -9.182  -2.015  2.050   1.000 19.031 ? 165 ARG A CD  1 ? 
ATOM   231 N  NE  . ARG A 1 29 ? -8.831  -3.386  1.745   1.000 20.268 ? 165 ARG A NE  1 ? 
ATOM   232 C  CZ  . ARG A 1 29 ? -9.093  -4.398  2.565   1.000 23.010 ? 165 ARG A CZ  1 ? 
ATOM   233 N  NH1 . ARG A 1 29 ? -9.803  -4.193  3.671   1.000 24.109 ? 165 ARG A NH1 1 ? 
ATOM   234 N  NH2 . ARG A 1 29 ? -8.658  -5.593  2.254   1.000 24.143 ? 165 ARG A NH2 1 ? 
ATOM   235 N  N   . GLN A 1 30 ? -4.438  -2.873  3.561   1.000 16.236 ? 166 GLN A N   1 ? 
ATOM   236 C  CA  . GLN A 1 30 ? -3.856  -4.042  4.253   1.000 17.124 ? 166 GLN A CA  1 ? 
ATOM   237 C  C   . GLN A 1 30 ? -2.867  -3.600  5.332   1.000 17.685 ? 166 GLN A C   1 ? 
ATOM   238 O  O   . GLN A 1 30 ? -2.819  -4.251  6.421   1.000 18.450 ? 166 GLN A O   1 ? 
ATOM   239 C  CB  . GLN A 1 30 ? -3.230  -4.969  3.229   1.000 19.417 ? 166 GLN A CB  1 ? 
ATOM   240 C  CG  . GLN A 1 30 ? -4.269  -5.646  2.352   1.000 21.881 ? 166 GLN A CG  1 ? 
ATOM   241 C  CD  . GLN A 1 30 ? -3.727  -6.815  1.575   1.000 25.715 ? 166 GLN A CD  1 ? 
ATOM   242 O  OE1 . GLN A 1 30 ? -2.671  -7.360  1.927   1.000 29.692 ? 166 GLN A OE1 1 ? 
ATOM   243 N  NE2 . GLN A 1 30 ? -4.431  -7.195  0.515   1.000 26.218 ? 166 GLN A NE2 1 ? 
ATOM   244 N  N   . ALA A 1 31 ? -2.083  -2.563  5.127   1.000 17.608 ? 167 ALA A N   1 ? 
ATOM   245 C  CA  . ALA A 1 31 ? -1.210  -2.016  6.169   1.000 16.658 ? 167 ALA A CA  1 ? 
ATOM   246 C  C   . ALA A 1 31 ? -2.078  -1.648  7.352   1.000 17.145 ? 167 ALA A C   1 ? 
ATOM   247 O  O   . ALA A 1 31 ? -1.690  -1.897  8.503   1.000 17.831 ? 167 ALA A O   1 ? 
ATOM   248 C  CB  . ALA A 1 31 ? -0.420  -0.817  5.685   1.000 16.899 ? 167 ALA A CB  1 ? 
ATOM   249 N  N   . GLY A 1 32 ? -3.231  -1.052  7.129   1.000 16.248 ? 168 GLY A N   1 ? 
ATOM   250 C  CA  . GLY A 1 32 ? -4.140  -0.655  8.200   1.000 17.399 ? 168 GLY A CA  1 ? 
ATOM   251 C  C   . GLY A 1 32 ? -4.628  -1.857  8.972   1.000 18.233 ? 168 GLY A C   1 ? 
ATOM   252 O  O   . GLY A 1 32 ? -4.697  -1.777  10.210  1.000 17.694 ? 168 GLY A O   1 ? 
ATOM   253 N  N   . GLN A 1 33 ? -4.959  -2.944  8.311   1.000 17.869 ? 169 GLN A N   1 ? 
ATOM   254 C  CA  . GLN A 1 33 ? -5.372  -4.171  9.015   1.000 19.073 ? 169 GLN A CA  1 ? 
ATOM   255 C  C   . GLN A 1 33 ? -4.246  -4.659  9.922   1.000 19.230 ? 169 GLN A C   1 ? 
ATOM   256 O  O   . GLN A 1 33 ? -4.527  -5.082  11.059  1.000 19.627 ? 169 GLN A O   1 ? 
ATOM   257 C  CB  . GLN A 1 33 ? -5.697  -5.238  7.983   1.000 20.891 ? 169 GLN A CB  1 ? 
ATOM   258 C  CG  . GLN A 1 33 ? -6.902  -4.899  7.137   1.000 22.343 ? 169 GLN A CG  1 ? 
ATOM   259 C  CD  . GLN A 1 33 ? -7.241  -6.002  6.166   1.000 26.001 ? 169 GLN A CD  1 ? 
ATOM   260 O  OE1 . GLN A 1 33 ? -6.461  -6.311  5.276   1.000 30.470 ? 169 GLN A OE1 1 ? 
ATOM   261 N  NE2 . GLN A 1 33 ? -8.391  -6.625  6.341   1.000 30.122 ? 169 GLN A NE2 1 ? 
ATOM   262 N  N   . GLU A 1 34 ? -3.016  -4.590  9.484   1.000 18.715 ? 170 GLU A N   1 ? 
ATOM   263 C  CA  . GLU A 1 34 ? -1.855  -5.053  10.276  1.000 19.211 ? 170 GLU A CA  1 ? 
ATOM   264 C  C   . GLU A 1 34 ? -1.620  -4.127  11.456  1.000 19.390 ? 170 GLU A C   1 ? 
ATOM   265 O  O   . GLU A 1 34 ? -1.256  -4.603  12.560  1.000 20.338 ? 170 GLU A O   1 ? 
ATOM   266 C  CB  . GLU A 1 34 ? -0.596  -5.118  9.414   1.000 19.604 ? 170 GLU A CB  1 ? 
ATOM   267 C  CG  . GLU A 1 34 ? -0.660  -6.215  8.385   1.000 23.005 ? 170 GLU A CG  1 ? 
ATOM   268 C  CD  . GLU A 1 34 ? -0.568  -7.609  8.946   1.000 27.388 ? 170 GLU A CD  1 ? 
ATOM   269 O  OE1 . GLU A 1 34 ? 0.080   -7.789  9.955   1.000 26.419 ? 170 GLU A OE1 1 ? 
ATOM   270 O  OE2 . GLU A 1 34 ? -1.160  -8.523  8.358   1.000 31.956 ? 170 GLU A OE2 1 ? 
ATOM   271 N  N   . MET A 1 35 ? -1.826  -2.829  11.289  1.000 19.036 ? 171 MET A N   1 ? 
ATOM   272 C  CA  A MET A 1 35 ? -1.702  -1.881  12.407  0.800 18.826 ? 171 MET A CA  1 ? 
ATOM   273 C  CA  B MET A 1 35 ? -1.764  -1.809  12.368  0.200 19.895 ? 171 MET A CA  1 ? 
ATOM   274 C  C   . MET A 1 35 ? -2.786  -2.169  13.446  1.000 18.821 ? 171 MET A C   1 ? 
ATOM   275 O  O   . MET A 1 35 ? -2.445  -2.129  14.670  1.000 19.592 ? 171 MET A O   1 ? 
ATOM   276 C  CB  A MET A 1 35 ? -1.850  -0.438  11.929  0.800 19.451 ? 171 MET A CB  1 ? 
ATOM   277 C  CB  B MET A 1 35 ? -2.106  -0.423  11.810  0.200 21.322 ? 171 MET A CB  1 ? 
ATOM   278 C  CG  A MET A 1 35 ? -0.745  0.058   11.005  0.800 20.086 ? 171 MET A CG  1 ? 
ATOM   279 C  CG  B MET A 1 35 ? -2.253  0.656   12.864  0.200 22.407 ? 171 MET A CG  1 ? 
ATOM   280 S  SD  A MET A 1 35 ? -1.114  1.721   10.370  0.800 27.764 ? 171 MET A SD  1 ? 
ATOM   281 S  SD  B MET A 1 35 ? -0.753  0.817   13.822  0.200 24.993 ? 171 MET A SD  1 ? 
ATOM   282 C  CE  A MET A 1 35 ? -0.220  1.747   8.822   0.800 25.443 ? 171 MET A CE  1 ? 
ATOM   283 C  CE  B MET A 1 35 ? 0.449   0.756   12.496  0.200 26.868 ? 171 MET A CE  1 ? 
ATOM   284 N  N   . ILE A 1 36 ? -3.992  -2.489  13.025  1.000 18.522 ? 172 ILE A N   1 ? 
ATOM   285 C  CA  . ILE A 1 36 ? -5.073  -2.834  13.983  1.000 20.472 ? 172 ILE A CA  1 ? 
ATOM   286 C  C   . ILE A 1 36 ? -4.650  -4.069  14.772  1.000 20.651 ? 172 ILE A C   1 ? 
ATOM   287 O  O   . ILE A 1 36 ? -4.808  -4.103  16.034  1.000 21.125 ? 172 ILE A O   1 ? 
ATOM   288 C  CB  . ILE A 1 36 ? -6.377  -3.069  13.228  1.000 19.848 ? 172 ILE A CB  1 ? 
ATOM   289 C  CG1 . ILE A 1 36 ? -6.915  -1.736  12.702  1.000 20.345 ? 172 ILE A CG1 1 ? 
ATOM   290 C  CG2 . ILE A 1 36 ? -7.374  -3.814  14.111  1.000 21.034 ? 172 ILE A CG2 1 ? 
ATOM   291 C  CD1 . ILE A 1 36 ? -7.954  -1.899  11.650  1.000 21.436 ? 172 ILE A CD1 1 ? 
ATOM   292 N  N   . LEU A 1 37 ? -4.080  -5.057  14.124  1.000 20.154 ? 173 LEU A N   1 ? 
ATOM   293 C  CA  . LEU A 1 37 ? -3.604  -6.274  14.831  1.000 21.479 ? 173 LEU A CA  1 ? 
ATOM   294 C  C   . LEU A 1 37 ? -2.501  -5.934  15.820  1.000 21.872 ? 173 LEU A C   1 ? 
ATOM   295 O  O   . LEU A 1 37 ? -2.487  -6.524  16.931  1.000 23.571 ? 173 LEU A O   1 ? 
ATOM   296 C  CB  . LEU A 1 37 ? -3.138  -7.328  13.828  1.000 24.046 ? 173 LEU A CB  1 ? 
ATOM   297 C  CG  . LEU A 1 37 ? -4.230  -7.989  12.994  1.000 25.188 ? 173 LEU A CG  1 ? 
ATOM   298 C  CD1 . LEU A 1 37 ? -3.607  -8.741  11.814  1.000 27.814 ? 173 LEU A CD1 1 ? 
ATOM   299 C  CD2 . LEU A 1 37 ? -5.062  -8.948  13.843  1.000 27.299 ? 173 LEU A CD2 1 ? 
ATOM   300 N  N   . ALA A 1 38 ? -1.576  -5.054  15.512  1.000 19.883 ? 174 ALA A N   1 ? 
ATOM   301 C  CA  . ALA A 1 38 ? -0.518  -4.626  16.438  1.000 21.757 ? 174 ALA A CA  1 ? 
ATOM   302 C  C   . ALA A 1 38 ? -1.130  -3.947  17.652  1.000 22.329 ? 174 ALA A C   1 ? 
ATOM   303 O  O   . ALA A 1 38 ? -0.745  -4.297  18.812  1.000 22.862 ? 174 ALA A O   1 ? 
ATOM   304 C  CB  . ALA A 1 38 ? 0.440   -3.712  15.765  1.000 21.717 ? 174 ALA A CB  1 ? 
ATOM   305 N  N   . VAL A 1 39 ? -2.096  -3.062  17.480  1.000 21.288 ? 175 VAL A N   1 ? 
ATOM   306 C  CA  . VAL A 1 39 ? -2.713  -2.356  18.629  1.000 21.074 ? 175 VAL A CA  1 ? 
ATOM   307 C  C   . VAL A 1 39 ? -3.500  -3.378  19.433  1.000 22.170 ? 175 VAL A C   1 ? 
ATOM   308 O  O   . VAL A 1 39 ? -3.361  -3.344  20.678  1.000 23.478 ? 175 VAL A O   1 ? 
ATOM   309 C  CB  . VAL A 1 39 ? -3.593  -1.185  18.198  1.000 21.158 ? 175 VAL A CB  1 ? 
ATOM   310 C  CG1 . VAL A 1 39 ? -4.206  -0.438  19.361  1.000 21.425 ? 175 VAL A CG1 1 ? 
ATOM   311 C  CG2 . VAL A 1 39 ? -2.795  -0.176  17.400  1.000 21.066 ? 175 VAL A CG2 1 ? 
ATOM   312 N  N   . GLN A 1 40 ? -4.160  -4.322  18.824  1.000 22.720 ? 176 GLN A N   1 ? 
ATOM   313 C  CA  . GLN A 1 40 ? -4.867  -5.386  19.589  1.000 26.166 ? 176 GLN A CA  1 ? 
ATOM   314 C  C   . GLN A 1 40 ? -3.851  -6.169  20.431  1.000 25.793 ? 176 GLN A C   1 ? 
ATOM   315 O  O   . GLN A 1 40 ? -4.188  -6.488  21.627  1.000 26.731 ? 176 GLN A O   1 ? 
ATOM   316 C  CB  . GLN A 1 40 ? -5.630  -6.334  18.679  1.000 27.240 ? 176 GLN A CB  1 ? 
ATOM   317 C  CG  . GLN A 1 40 ? -6.516  -7.319  19.439  1.000 30.204 ? 176 GLN A CG  1 ? 
ATOM   318 C  CD  . GLN A 1 40 ? -7.569  -6.636  20.274  1.000 29.447 ? 176 GLN A CD  1 ? 
ATOM   319 O  OE1 . GLN A 1 40 ? -8.325  -5.813  19.784  1.000 32.921 ? 176 GLN A OE1 1 ? 
ATOM   320 N  NE2 . GLN A 1 40 ? -7.637  -6.975  21.565  1.000 32.007 ? 176 GLN A NE2 1 ? 
ATOM   321 N  N   . GLY A 1 41 ? -2.671  -6.482  19.904  1.000 24.171 ? 177 GLY A N   1 ? 
ATOM   322 C  CA  . GLY A 1 41 ? -1.582  -7.199  20.597  1.000 27.188 ? 177 GLY A CA  1 ? 
ATOM   323 C  C   . GLY A 1 41 ? -1.072  -6.409  21.777  1.000 28.420 ? 177 GLY A C   1 ? 
ATOM   324 O  O   . GLY A 1 41 ? -0.839  -7.049  22.850  1.000 27.802 ? 177 GLY A O   1 ? 
ATOM   325 N  N   . VAL A 1 42 ? -0.947  -5.091  21.683  1.000 27.330 ? 178 VAL A N   1 ? 
ATOM   326 C  CA  . VAL A 1 42 ? -0.542  -4.227  22.818  1.000 26.737 ? 178 VAL A CA  1 ? 
ATOM   327 C  C   . VAL A 1 42 ? -1.616  -4.283  23.902  1.000 29.253 ? 178 VAL A C   1 ? 
ATOM   328 O  O   . VAL A 1 42 ? -1.252  -4.504  25.079  1.000 30.525 ? 178 VAL A O   1 ? 
ATOM   329 C  CB  . VAL A 1 42 ? -0.311  -2.797  22.337  1.000 26.608 ? 178 VAL A CB  1 ? 
ATOM   330 C  CG1 . VAL A 1 42 ? -0.069  -1.867  23.511  1.000 26.359 ? 178 VAL A CG1 1 ? 
ATOM   331 C  CG2 . VAL A 1 42 ? 0.822   -2.800  21.339  1.000 25.999 ? 178 VAL A CG2 1 ? 
ATOM   332 N  N   . GLN A 1 43 ? -2.880  -4.085  23.568  1.000 25.115 ? 179 GLN A N   1 ? 
ATOM   333 C  CA  . GLN A 1 43 ? -4.021  -4.237  24.498  1.000 26.835 ? 179 GLN A CA  1 ? 
ATOM   334 C  C   . GLN A 1 43 ? -3.972  -5.612  25.177  1.000 30.530 ? 179 GLN A C   1 ? 
ATOM   335 O  O   . GLN A 1 43 ? -4.083  -5.619  26.437  1.000 30.739 ? 179 GLN A O   1 ? 
ATOM   336 C  CB  . GLN A 1 43 ? -5.370  -4.124  23.810  1.000 27.148 ? 179 GLN A CB  1 ? 
ATOM   337 C  CG  . GLN A 1 43 ? -6.523  -4.351  24.789  1.000 29.007 ? 179 GLN A CG  1 ? 
ATOM   338 C  CD  . GLN A 1 43 ? -7.873  -4.078  24.171  1.000 29.508 ? 179 GLN A CD  1 ? 
ATOM   339 O  OE1 . GLN A 1 43 ? -8.178  -2.960  23.765  1.000 29.493 ? 179 GLN A OE1 1 ? 
ATOM   340 N  NE2 . GLN A 1 43 ? -8.735  -5.089  24.157  1.000 31.947 ? 179 GLN A NE2 1 ? 
ATOM   341 N  N   . ASP A 1 44 ? -3.841  -6.721  24.443  1.000 27.848 ? 180 ASP A N   1 ? 
ATOM   342 C  CA  . ASP A 1 44 ? -3.843  -8.075  25.065  1.000 33.937 ? 180 ASP A CA  1 ? 
ATOM   343 C  C   . ASP A 1 44 ? -2.681  -8.180  26.068  1.000 39.159 ? 180 ASP A C   1 ? 
ATOM   344 O  O   . ASP A 1 44 ? -2.915  -8.707  27.189  1.000 38.266 ? 180 ASP A O   1 ? 
ATOM   345 C  CB  . ASP A 1 44 ? -3.806  -9.199  24.028  1.000 32.492 ? 180 ASP A CB  1 ? 
ATOM   346 C  CG  . ASP A 1 44 ? -5.014  -9.272  23.109  1.000 35.102 ? 180 ASP A CG  1 ? 
ATOM   347 O  OD1 . ASP A 1 44 ? -6.047  -8.625  23.407  1.000 34.293 ? 180 ASP A OD1 1 ? 
ATOM   348 O  OD2 . ASP A 1 44 ? -4.907  -9.996  22.096  1.000 35.911 ? 180 ASP A OD2 1 ? 
ATOM   349 N  N   . TYR A 1 45 ? -1.482  -7.701  25.726  1.000 35.141 ? 181 TYR A N   1 ? 
ATOM   350 C  CA  . TYR A 1 45 ? -0.285  -7.754  26.606  1.000 35.437 ? 181 TYR A CA  1 ? 
ATOM   351 C  C   . TYR A 1 45 ? -0.566  -6.978  27.898  1.000 40.566 ? 181 TYR A C   1 ? 
ATOM   352 O  O   . TYR A 1 45 ? -0.177  -7.457  28.991  1.000 38.423 ? 181 TYR A O   1 ? 
ATOM   353 C  CB  . TYR A 1 45 ? 0.956   -7.199  25.908  1.000 34.711 ? 181 TYR A CB  1 ? 
ATOM   354 C  CG  . TYR A 1 45 ? 2.265   -7.389  26.642  1.000 31.648 ? 181 TYR A CG  1 ? 
ATOM   355 C  CD1 . TYR A 1 45 ? 2.994   -8.554  26.491  1.000 33.478 ? 181 TYR A CD1 1 ? 
ATOM   356 C  CD2 . TYR A 1 45 ? 2.800   -6.391  27.431  1.000 33.849 ? 181 TYR A CD2 1 ? 
ATOM   357 C  CE1 . TYR A 1 45 ? 4.201   -8.747  27.141  1.000 35.411 ? 181 TYR A CE1 1 ? 
ATOM   358 C  CE2 . TYR A 1 45 ? 4.000   -6.573  28.104  1.000 36.074 ? 181 TYR A CE2 1 ? 
ATOM   359 C  CZ  . TYR A 1 45 ? 4.714   -7.746  27.939  1.000 38.553 ? 181 TYR A CZ  1 ? 
ATOM   360 O  OH  . TYR A 1 45 ? 5.922   -7.931  28.559  1.000 35.331 ? 181 TYR A OH  1 ? 
ATOM   361 N  N   . ILE A 1 46 ? -1.224  -5.822  27.800  1.000 34.691 ? 182 ILE A N   1 ? 
ATOM   362 C  CA  . ILE A 1 46 ? -1.563  -4.952  28.966  1.000 38.906 ? 182 ILE A CA  1 ? 
ATOM   363 C  C   . ILE A 1 46 ? -2.597  -5.656  29.849  1.000 39.260 ? 182 ILE A C   1 ? 
ATOM   364 O  O   . ILE A 1 46 ? -2.416  -5.613  31.082  1.000 45.754 ? 182 ILE A O   1 ? 
ATOM   365 C  CB  . ILE A 1 46 ? -2.020  -3.550  28.519  1.000 36.756 ? 182 ILE A CB  1 ? 
ATOM   366 C  CG1 . ILE A 1 46 ? -0.829  -2.763  27.970  1.000 32.368 ? 182 ILE A CG1 1 ? 
ATOM   367 C  CG2 . ILE A 1 46 ? -2.702  -2.812  29.665  1.000 37.224 ? 182 ILE A CG2 1 ? 
ATOM   368 C  CD1 . ILE A 1 46 ? -1.192  -1.551  27.135  1.000 34.183 ? 182 ILE A CD1 1 ? 
ATOM   369 N  N   . ASN A 1 47 ? -3.595  -6.331  29.278  1.000 37.365 ? 183 ASN A N   1 ? 
ATOM   370 C  CA  . ASN A 1 47 ? -4.688  -6.974  30.057  1.000 37.819 ? 183 ASN A CA  1 ? 
ATOM   371 C  C   . ASN A 1 47 ? -4.193  -8.292  30.663  1.000 41.775 ? 183 ASN A C   1 ? 
ATOM   372 O  O   . ASN A 1 47 ? -5.001  -8.954  31.347  1.000 43.279 ? 183 ASN A O   1 ? 
ATOM   373 C  CB  . ASN A 1 47 ? -5.950  -7.144  29.213  1.000 36.931 ? 183 ASN A CB  1 ? 
ATOM   374 C  CG  . ASN A 1 47 ? -6.668  -5.835  29.033  1.000 34.697 ? 183 ASN A CG  1 ? 
ATOM   375 O  OD1 . ASN A 1 47 ? -6.495  -4.921  29.831  1.000 35.469 ? 183 ASN A OD1 1 ? 
ATOM   376 N  ND2 . ASN A 1 47 ? -7.445  -5.724  27.964  1.000 35.215 ? 183 ASN A ND2 1 ? 
ATOM   377 N  N   . ASN A 1 48 ? -2.924  -8.649  30.455  1.000 48.323 ? 184 ASN A N   1 ? 
ATOM   378 C  CA  . ASN A 1 48 ? -2.340  -9.915  30.977  1.000 51.598 ? 184 ASN A CA  1 ? 
ATOM   379 C  C   . ASN A 1 48 ? -1.169  -9.605  31.920  1.000 49.897 ? 184 ASN A C   1 ? 
ATOM   380 O  O   . ASN A 1 48 ? -0.776  -8.419  32.044  1.000 49.220 ? 184 ASN A O   1 ? 
ATOM   381 C  CB  . ASN A 1 48 ? -1.979  -10.855 29.826  1.000 52.438 ? 184 ASN A CB  1 ? 
ATOM   382 C  CG  . ASN A 1 48 ? -3.216  -11.433 29.175  1.000 56.555 ? 184 ASN A CG  1 ? 
ATOM   383 O  OD1 . ASN A 1 48 ? -4.086  -10.700 28.707  1.000 60.994 ? 184 ASN A OD1 1 ? 
ATOM   384 N  ND2 . ASN A 1 48 ? -3.318  -12.750 29.162  1.000 61.374 ? 184 ASN A ND2 1 ? 
HETATM 385 N  N   . NH2 A 1 49 ? -0.676  -10.583 32.538  1.000 51.954 ? 185 NH2 A N   1 ? 
HETATM 386 C  C   . ACE B 2 1  ? 18.460  -17.400 30.120  1.000 40.766 ? 451 ACE B C   1 ? 
HETATM 387 O  O   . ACE B 2 1  ? 18.100  -18.076 29.184  1.000 35.692 ? 451 ACE B O   1 ? 
HETATM 388 C  CH3 . ACE B 2 1  ? 19.928  -17.024 30.286  1.000 42.655 ? 451 ACE B CH3 1 ? 
ATOM   389 N  N   . ILE B 2 2  ? 17.669  -16.954 31.112  1.000 40.737 ? 452 ILE B N   1 ? 
ATOM   390 C  CA  A ILE B 2 2  ? 16.180  -17.113 31.157  0.500 40.894 ? 452 ILE B CA  1 ? 
ATOM   391 C  CA  B ILE B 2 2  ? 16.191  -17.164 31.078  0.500 41.813 ? 452 ILE B CA  1 ? 
ATOM   392 C  C   . ILE B 2 2  ? 15.546  -16.011 30.304  1.000 40.543 ? 452 ILE B C   1 ? 
ATOM   393 O  O   . ILE B 2 2  ? 15.837  -14.839 30.604  1.000 41.197 ? 452 ILE B O   1 ? 
ATOM   394 C  CB  A ILE B 2 2  ? 15.656  -17.016 32.606  0.500 38.481 ? 452 ILE B CB  1 ? 
ATOM   395 C  CB  B ILE B 2 2  ? 15.586  -17.290 32.490  0.500 41.101 ? 452 ILE B CB  1 ? 
ATOM   396 C  CG1 A ILE B 2 2  ? 16.302  -18.050 33.532  0.500 39.701 ? 452 ILE B CG1 1 ? 
ATOM   397 C  CG1 B ILE B 2 2  ? 15.838  -16.044 33.343  0.500 41.050 ? 452 ILE B CG1 1 ? 
ATOM   398 C  CG2 A ILE B 2 2  ? 14.135  -17.113 32.657  0.500 36.738 ? 452 ILE B CG2 1 ? 
ATOM   399 C  CG2 B ILE B 2 2  ? 16.069  -18.562 33.174  0.500 40.701 ? 452 ILE B CG2 1 ? 
ATOM   400 C  CD1 A ILE B 2 2  ? 15.732  -18.039 34.927  0.500 40.500 ? 452 ILE B CD1 1 ? 
ATOM   401 C  CD1 B ILE B 2 2  ? 14.576  -15.479 33.933  0.500 41.698 ? 452 ILE B CD1 1 ? 
ATOM   402 N  N   . SER B 2 3  ? 14.700  -16.366 29.337  1.000 41.260 ? 453 SER B N   1 ? 
ATOM   403 C  CA  . SER B 2 3  ? 13.946  -15.369 28.549  1.000 42.681 ? 453 SER B CA  1 ? 
ATOM   404 C  C   . SER B 2 3  ? 12.916  -14.733 29.491  1.000 39.491 ? 453 SER B C   1 ? 
ATOM   405 O  O   . SER B 2 3  ? 12.168  -15.472 30.162  1.000 40.230 ? 453 SER B O   1 ? 
ATOM   406 C  CB  . SER B 2 3  ? 13.343  -15.969 27.292  1.000 45.018 ? 453 SER B CB  1 ? 
ATOM   407 O  OG  . SER B 2 3  ? 12.615  -17.163 27.562  1.000 53.233 ? 453 SER B OG  1 ? 
ATOM   408 N  N   . LEU B 2 4  ? 12.937  -13.404 29.600  1.000 38.296 ? 454 LEU B N   1 ? 
ATOM   409 C  CA  . LEU B 2 4  ? 11.854  -12.615 30.244  1.000 37.697 ? 454 LEU B CA  1 ? 
ATOM   410 C  C   . LEU B 2 4  ? 10.737  -12.370 29.209  1.000 35.393 ? 454 LEU B C   1 ? 
ATOM   411 O  O   . LEU B 2 4  ? 11.044  -12.271 28.007  1.000 34.605 ? 454 LEU B O   1 ? 
ATOM   412 C  CB  . LEU B 2 4  ? 12.425  -11.288 30.767  1.000 46.010 ? 454 LEU B CB  1 ? 
ATOM   413 C  CG  . LEU B 2 4  ? 13.460  -11.386 31.894  1.000 48.111 ? 454 LEU B CG  1 ? 
ATOM   414 C  CD1 . LEU B 2 4  ? 14.141  -10.039 32.124  1.000 47.439 ? 454 LEU B CD1 1 ? 
ATOM   415 C  CD2 . LEU B 2 4  ? 12.818  -11.873 33.184  1.000 47.354 ? 454 LEU B CD2 1 ? 
ATOM   416 N  N   . GLU B 2 5  ? 9.487   -12.346 29.671  1.000 30.731 ? 455 GLU B N   1 ? 
ATOM   417 C  CA  A GLU B 2 5  ? 8.302   -11.881 28.898  0.500 35.842 ? 455 GLU B CA  1 ? 
ATOM   418 C  CA  B GLU B 2 5  ? 8.314   -11.894 28.875  0.500 34.818 ? 455 GLU B CA  1 ? 
ATOM   419 C  C   . GLU B 2 5  ? 8.580   -10.463 28.376  1.000 34.174 ? 455 GLU B C   1 ? 
ATOM   420 O  O   . GLU B 2 5  ? 9.011   -9.619  29.185  1.000 36.057 ? 455 GLU B O   1 ? 
ATOM   421 C  CB  A GLU B 2 5  ? 7.057   -11.901 29.786  0.500 37.970 ? 455 GLU B CB  1 ? 
ATOM   422 C  CB  B GLU B 2 5  ? 7.043   -11.980 29.721  0.500 35.408 ? 455 GLU B CB  1 ? 
ATOM   423 C  CG  A GLU B 2 5  ? 5.803   -11.383 29.106  0.500 41.006 ? 455 GLU B CG  1 ? 
ATOM   424 C  CG  B GLU B 2 5  ? 5.811   -12.399 28.942  0.500 36.649 ? 455 GLU B CG  1 ? 
ATOM   425 C  CD  A GLU B 2 5  ? 5.286   -12.268 27.987  0.500 43.671 ? 455 GLU B CD  1 ? 
ATOM   426 C  CD  B GLU B 2 5  ? 4.547   -12.374 29.782  0.500 38.312 ? 455 GLU B CD  1 ? 
ATOM   427 O  OE1 A GLU B 2 5  ? 4.125   -12.067 27.559  0.500 44.174 ? 455 GLU B OE1 1 ? 
ATOM   428 O  OE1 B GLU B 2 5  ? 4.659   -12.550 31.019  0.500 40.902 ? 455 GLU B OE1 1 ? 
ATOM   429 O  OE2 A GLU B 2 5  ? 6.048   -13.152 27.542  0.500 46.423 ? 455 GLU B OE2 1 ? 
ATOM   430 O  OE2 B GLU B 2 5  ? 3.459   -12.162 29.205  0.500 41.593 ? 455 GLU B OE2 1 ? 
ATOM   431 N  N   . ARG B 2 6  ? 8.349   -10.228 27.073  1.000 35.642 ? 456 ARG B N   1 ? 
ATOM   432 C  CA  . ARG B 2 6  ? 8.583   -8.928  26.375  1.000 35.650 ? 456 ARG B CA  1 ? 
ATOM   433 C  C   . ARG B 2 6  ? 7.378   -8.686  25.453  1.000 34.354 ? 456 ARG B C   1 ? 
ATOM   434 O  O   . ARG B 2 6  ? 6.829   -9.674  24.960  1.000 30.955 ? 456 ARG B O   1 ? 
ATOM   435 C  CB  . ARG B 2 6  ? 9.912   -9.053  25.626  1.000 40.897 ? 456 ARG B CB  1 ? 
ATOM   436 C  CG  . ARG B 2 6  ? 10.486  -7.765  25.072  1.000 45.893 ? 456 ARG B CG  1 ? 
ATOM   437 C  CD  . ARG B 2 6  ? 11.867  -7.996  24.470  1.000 50.457 ? 456 ARG B CD  1 ? 
ATOM   438 N  NE  . ARG B 2 6  ? 12.321  -6.818  23.738  1.000 51.260 ? 456 ARG B NE  1 ? 
ATOM   439 C  CZ  . ARG B 2 6  ? 12.762  -5.694  24.299  1.000 56.415 ? 456 ARG B CZ  1 ? 
ATOM   440 N  NH1 . ARG B 2 6  ? 12.838  -5.579  25.617  1.000 60.261 ? 456 ARG B NH1 1 ? 
ATOM   441 N  NH2 . ARG B 2 6  ? 13.134  -4.682  23.534  1.000 61.851 ? 456 ARG B NH2 1 ? 
ATOM   442 N  N   . LEU B 2 7  ? 6.894   -7.442  25.331  1.000 31.199 ? 457 LEU B N   1 ? 
ATOM   443 C  CA  . LEU B 2 7  ? 5.897   -7.068  24.280  1.000 30.290 ? 457 LEU B CA  1 ? 
ATOM   444 C  C   . LEU B 2 7  ? 6.624   -7.053  22.930  1.000 28.436 ? 457 LEU B C   1 ? 
ATOM   445 O  O   . LEU B 2 7  ? 7.635   -6.375  22.789  1.000 27.718 ? 457 LEU B O   1 ? 
ATOM   446 C  CB  . LEU B 2 7  ? 5.286   -5.707  24.626  1.000 28.398 ? 457 LEU B CB  1 ? 
ATOM   447 C  CG  . LEU B 2 7  ? 4.361   -5.098  23.563  1.000 28.971 ? 457 LEU B CG  1 ? 
ATOM   448 C  CD1 . LEU B 2 7  ? 3.331   -6.111  23.145  1.000 28.395 ? 457 LEU B CD1 1 ? 
ATOM   449 C  CD2 . LEU B 2 7  ? 3.691   -3.863  24.101  1.000 31.365 ? 457 LEU B CD2 1 ? 
ATOM   450 N  N   . ASP B 2 8  ? 6.129   -7.815  21.966  1.000 30.912 ? 458 ASP B N   1 ? 
ATOM   451 C  CA  . ASP B 2 8  ? 6.677   -7.800  20.587  1.000 31.104 ? 458 ASP B CA  1 ? 
ATOM   452 C  C   . ASP B 2 8  ? 5.517   -7.847  19.585  1.000 28.869 ? 458 ASP B C   1 ? 
ATOM   453 O  O   . ASP B 2 8  ? 4.990   -8.915  19.301  1.000 27.707 ? 458 ASP B O   1 ? 
ATOM   454 C  CB  . ASP B 2 8  ? 7.663   -8.948  20.348  1.000 34.380 ? 458 ASP B CB  1 ? 
ATOM   455 C  CG  . ASP B 2 8  ? 8.384   -8.871  19.018  1.000 41.452 ? 458 ASP B CG  1 ? 
ATOM   456 O  OD1 . ASP B 2 8  ? 8.240   -7.832  18.326  1.000 40.829 ? 458 ASP B OD1 1 ? 
ATOM   457 O  OD2 . ASP B 2 8  ? 9.078   -9.847  18.680  1.000 48.649 ? 458 ASP B OD2 1 ? 
ATOM   458 N  N   . VAL B 2 9  ? 5.112   -6.677  19.069  1.000 26.320 ? 459 VAL B N   1 ? 
ATOM   459 C  CA  . VAL B 2 9  ? 4.123   -6.605  17.952  1.000 25.987 ? 459 VAL B CA  1 ? 
ATOM   460 C  C   . VAL B 2 9  ? 4.894   -6.294  16.670  1.000 23.643 ? 459 VAL B C   1 ? 
ATOM   461 O  O   . VAL B 2 9  ? 4.272   -5.809  15.685  1.000 23.297 ? 459 VAL B O   1 ? 
ATOM   462 C  CB  . VAL B 2 9  ? 2.966   -5.625  18.241  1.000 26.307 ? 459 VAL B CB  1 ? 
ATOM   463 C  CG1 . VAL B 2 9  ? 2.120   -6.075  19.435  1.000 28.458 ? 459 VAL B CG1 1 ? 
ATOM   464 C  CG2 . VAL B 2 9  ? 3.458   -4.196  18.399  1.000 26.210 ? 459 VAL B CG2 1 ? 
ATOM   465 N  N   . GLY B 2 10 ? 6.189   -6.590  16.636  1.000 25.757 ? 460 GLY B N   1 ? 
ATOM   466 C  CA  . GLY B 2 10 ? 7.082   -6.327  15.504  1.000 25.722 ? 460 GLY B CA  1 ? 
ATOM   467 C  C   . GLY B 2 10 ? 6.666   -7.068  14.257  1.000 25.289 ? 460 GLY B C   1 ? 
ATOM   468 O  O   . GLY B 2 10 ? 6.931   -6.552  13.136  1.000 26.182 ? 460 GLY B O   1 ? 
ATOM   469 N  N   . THR B 2 11 ? 6.013   -8.219  14.343  1.000 23.522 ? 461 THR B N   1 ? 
ATOM   470 C  CA  . THR B 2 11 ? 5.571   -8.940  13.137  1.000 23.058 ? 461 THR B CA  1 ? 
ATOM   471 C  C   . THR B 2 11 ? 4.516   -8.081  12.429  1.000 22.134 ? 461 THR B C   1 ? 
ATOM   472 O  O   . THR B 2 11 ? 4.613   -7.850  11.198  1.000 23.478 ? 461 THR B O   1 ? 
ATOM   473 C  CB  . THR B 2 11 ? 5.067   -10.351 13.436  1.000 24.650 ? 461 THR B CB  1 ? 
ATOM   474 O  OG1 . THR B 2 11 ? 6.226   -11.070 13.884  1.000 27.987 ? 461 THR B OG1 1 ? 
ATOM   475 C  CG2 . THR B 2 11 ? 4.530   -11.067 12.225  1.000 26.530 ? 461 THR B CG2 1 ? 
ATOM   476 N  N   . ASN B 2 12 ? 3.468   -7.715  13.138  1.000 22.559 ? 462 ASN B N   1 ? 
ATOM   477 C  CA  . ASN B 2 12 ? 2.360   -6.951  12.518  1.000 22.262 ? 462 ASN B CA  1 ? 
ATOM   478 C  C   . ASN B 2 12 ? 2.913   -5.597  12.092  1.000 20.939 ? 462 ASN B C   1 ? 
ATOM   479 O  O   . ASN B 2 12 ? 2.526   -5.136  10.972  1.000 21.633 ? 462 ASN B O   1 ? 
ATOM   480 C  CB  . ASN B 2 12 ? 1.157   -6.854  13.442  1.000 24.164 ? 462 ASN B CB  1 ? 
ATOM   481 C  CG  . ASN B 2 12 ? 0.441   -8.177  13.595  1.000 24.824 ? 462 ASN B CG  1 ? 
ATOM   482 O  OD1 . ASN B 2 12 ? 0.029   -8.811  12.632  1.000 26.598 ? 462 ASN B OD1 1 ? 
ATOM   483 N  ND2 . ASN B 2 12 ? 0.187   -8.558  14.823  1.000 26.182 ? 462 ASN B ND2 1 ? 
ATOM   484 N  N   . LEU B 2 13 ? 3.681   -4.904  12.907  1.000 20.810 ? 463 LEU B N   1 ? 
ATOM   485 C  CA  . LEU B 2 13 ? 4.239   -3.593  12.504  1.000 21.837 ? 463 LEU B CA  1 ? 
ATOM   486 C  C   . LEU B 2 13 ? 5.134   -3.762  11.286  1.000 22.624 ? 463 LEU B C   1 ? 
ATOM   487 O  O   . LEU B 2 13 ? 5.026   -2.937  10.345  1.000 22.985 ? 463 LEU B O   1 ? 
ATOM   488 C  CB  . LEU B 2 13 ? 4.960   -2.887  13.650  1.000 22.712 ? 463 LEU B CB  1 ? 
ATOM   489 C  CG  . LEU B 2 13 ? 4.088   -2.402  14.811  1.000 22.615 ? 463 LEU B CG  1 ? 
ATOM   490 C  CD1 . LEU B 2 13 ? 4.886   -1.590  15.829  1.000 24.721 ? 463 LEU B CD1 1 ? 
ATOM   491 C  CD2 . LEU B 2 13 ? 2.915   -1.575  14.309  1.000 23.828 ? 463 LEU B CD2 1 ? 
ATOM   492 N  N   . GLY B 2 14 ? 5.930   -4.820  11.216  1.000 22.891 ? 464 GLY B N   1 ? 
ATOM   493 C  CA  . GLY B 2 14 ? 6.798   -5.038  10.062  1.000 23.107 ? 464 GLY B CA  1 ? 
ATOM   494 C  C   . GLY B 2 14 ? 5.961   -5.326  8.824   1.000 20.175 ? 464 GLY B C   1 ? 
ATOM   495 O  O   . GLY B 2 14 ? 6.354   -4.927  7.715   1.000 21.972 ? 464 GLY B O   1 ? 
ATOM   496 N  N   . ASN B 2 15 ? 4.856   -6.020  8.957   1.000 21.498 ? 465 ASN B N   1 ? 
ATOM   497 C  CA  . ASN B 2 15 ? 3.980   -6.317  7.803   1.000 21.656 ? 465 ASN B CA  1 ? 
ATOM   498 C  C   . ASN B 2 15 ? 3.389   -4.979  7.315   1.000 21.129 ? 465 ASN B C   1 ? 
ATOM   499 O  O   . ASN B 2 15 ? 3.308   -4.765  6.114   1.000 21.380 ? 465 ASN B O   1 ? 
ATOM   500 C  CB  . ASN B 2 15 ? 2.847   -7.254  8.160   1.000 21.851 ? 465 ASN B CB  1 ? 
ATOM   501 C  CG  . ASN B 2 15 ? 3.356   -8.642  8.475   1.000 22.640 ? 465 ASN B CG  1 ? 
ATOM   502 O  OD1 . ASN B 2 15 ? 4.477   -8.994  8.080   1.000 26.851 ? 465 ASN B OD1 1 ? 
ATOM   503 N  ND2 . ASN B 2 15 ? 2.496   -9.419  9.084   1.000 24.552 ? 465 ASN B ND2 1 ? 
ATOM   504 N  N   . ALA B 2 16 ? 2.962   -4.122  8.226   1.000 19.114 ? 466 ALA B N   1 ? 
ATOM   505 C  CA  . ALA B 2 16 ? 2.442   -2.782  7.866   1.000 19.133 ? 466 ALA B CA  1 ? 
ATOM   506 C  C   . ALA B 2 16 ? 3.516   -1.991  7.155   1.000 19.001 ? 466 ALA B C   1 ? 
ATOM   507 O  O   . ALA B 2 16 ? 3.222   -1.388  6.089   1.000 18.437 ? 466 ALA B O   1 ? 
ATOM   508 C  CB  . ALA B 2 16 ? 1.966   -2.085  9.098   1.000 19.057 ? 466 ALA B CB  1 ? 
ATOM   509 N  N   . ILE B 2 17 ? 4.743   -1.979  7.662   1.000 20.133 ? 467 ILE B N   1 ? 
ATOM   510 C  CA  . ILE B 2 17 ? 5.850   -1.230  7.032   1.000 20.735 ? 467 ILE B CA  1 ? 
ATOM   511 C  C   . ILE B 2 17 ? 6.066   -1.741  5.595   1.000 20.934 ? 467 ILE B C   1 ? 
ATOM   512 O  O   . ILE B 2 17 ? 6.160   -0.920  4.635   1.000 20.692 ? 467 ILE B O   1 ? 
ATOM   513 C  CB  . ILE B 2 17 ? 7.150   -1.406  7.834   1.000 21.741 ? 467 ILE B CB  1 ? 
ATOM   514 C  CG1 . ILE B 2 17 ? 7.070   -0.615  9.136   1.000 22.381 ? 467 ILE B CG1 1 ? 
ATOM   515 C  CG2 . ILE B 2 17 ? 8.365   -0.961  7.039   1.000 22.377 ? 467 ILE B CG2 1 ? 
ATOM   516 C  CD1 . ILE B 2 17 ? 8.152   -0.957  10.142  1.000 23.974 ? 467 ILE B CD1 1 ? 
ATOM   517 N  N   . ALA B 2 18 ? 6.046   -3.043  5.373   1.000 20.814 ? 468 ALA B N   1 ? 
ATOM   518 C  CA  . ALA B 2 18 ? 6.261   -3.642  4.039   1.000 20.402 ? 468 ALA B CA  1 ? 
ATOM   519 C  C   . ALA B 2 18 ? 5.125   -3.215  3.097   1.000 18.711 ? 468 ALA B C   1 ? 
ATOM   520 O  O   . ALA B 2 18 ? 5.368   -2.970  1.911   1.000 20.438 ? 468 ALA B O   1 ? 
ATOM   521 C  CB  . ALA B 2 18 ? 6.368   -5.150  4.167   1.000 22.120 ? 468 ALA B CB  1 ? 
ATOM   522 N  N   . LYS B 2 19 ? 3.882   -3.299  3.586   1.000 19.008 ? 469 LYS B N   1 ? 
ATOM   523 C  CA  A LYS B 2 19 ? 2.710   -2.913  2.751   0.500 18.739 ? 469 LYS B CA  1 ? 
ATOM   524 C  CA  B LYS B 2 19 ? 2.707   -2.913  2.755   0.500 18.766 ? 469 LYS B CA  1 ? 
ATOM   525 C  C   . LYS B 2 19 ? 2.774   -1.423  2.385   1.000 17.277 ? 469 LYS B C   1 ? 
ATOM   526 O  O   . LYS B 2 19 ? 2.415   -1.082  1.253   1.000 17.055 ? 469 LYS B O   1 ? 
ATOM   527 C  CB  A LYS B 2 19 ? 1.413   -3.311  3.454   0.500 18.429 ? 469 LYS B CB  1 ? 
ATOM   528 C  CB  B LYS B 2 19 ? 1.412   -3.283  3.474   0.500 18.472 ? 469 LYS B CB  1 ? 
ATOM   529 C  CG  A LYS B 2 19 ? 1.111   -4.799  3.338   0.500 19.975 ? 469 LYS B CG  1 ? 
ATOM   530 C  CG  B LYS B 2 19 ? 1.206   -4.783  3.653   0.500 20.179 ? 469 LYS B CG  1 ? 
ATOM   531 C  CD  A LYS B 2 19 ? 0.718   -5.224  1.948   0.500 23.560 ? 469 LYS B CD  1 ? 
ATOM   532 C  CD  B LYS B 2 19 ? 1.346   -5.604  2.384   0.500 23.422 ? 469 LYS B CD  1 ? 
ATOM   533 C  CE  A LYS B 2 19 ? 0.360   -6.691  1.877   0.500 24.915 ? 469 LYS B CE  1 ? 
ATOM   534 C  CE  B LYS B 2 19 ? 0.571   -5.026  1.216   0.500 24.347 ? 469 LYS B CE  1 ? 
ATOM   535 N  NZ  A LYS B 2 19 ? -0.228  -7.046  0.568   0.500 26.339 ? 469 LYS B NZ  1 ? 
ATOM   536 N  NZ  B LYS B 2 19 ? 0.846   -5.705  -0.075  0.500 25.901 ? 469 LYS B NZ  1 ? 
ATOM   537 N  N   . LEU B 2 20 ? 3.205   -0.581  3.272   1.000 17.404 ? 470 LEU B N   1 ? 
ATOM   538 C  CA  . LEU B 2 20 ? 3.288   0.866   2.967   1.000 18.200 ? 470 LEU B CA  1 ? 
ATOM   539 C  C   . LEU B 2 20 ? 4.415   1.086   1.958   1.000 17.849 ? 470 LEU B C   1 ? 
ATOM   540 O  O   . LEU B 2 20 ? 4.288   1.960   1.089   1.000 18.523 ? 470 LEU B O   1 ? 
ATOM   541 C  CB  . LEU B 2 20 ? 3.495   1.724   4.227   1.000 17.657 ? 470 LEU B CB  1 ? 
ATOM   542 C  CG  . LEU B 2 20 ? 2.325   1.731   5.190   1.000 17.721 ? 470 LEU B CG  1 ? 
ATOM   543 C  CD1 . LEU B 2 20 ? 2.669   2.626   6.359   1.000 19.334 ? 470 LEU B CD1 1 ? 
ATOM   544 C  CD2 . LEU B 2 20 ? 0.995   2.144   4.523   1.000 17.526 ? 470 LEU B CD2 1 ? 
ATOM   545 N  N   . GLU B 2 21 ? 5.472   0.255   1.961   1.000 18.481 ? 471 GLU B N   1 ? 
ATOM   546 C  CA  . GLU B 2 21 ? 6.528   0.347   0.922   1.000 19.855 ? 471 GLU B CA  1 ? 
ATOM   547 C  C   . GLU B 2 21 ? 5.954   -0.164  -0.402  1.000 18.607 ? 471 GLU B C   1 ? 
ATOM   548 O  O   . GLU B 2 21 ? 6.250   0.415   -1.491  1.000 20.173 ? 471 GLU B O   1 ? 
ATOM   549 C  CB  . GLU B 2 21 ? 7.788   -0.403  1.377   1.000 23.031 ? 471 GLU B CB  1 ? 
ATOM   550 C  CG  . GLU B 2 21 ? 8.920   -0.376  0.361   1.000 27.546 ? 471 GLU B CG  1 ? 
ATOM   551 C  CD  . GLU B 2 21 ? 9.535   0.990   0.071   1.000 36.813 ? 471 GLU B CD  1 ? 
ATOM   552 O  OE1 . GLU B 2 21 ? 10.140  1.118   -1.020  1.000 49.728 ? 471 GLU B OE1 1 ? 
ATOM   553 O  OE2 . GLU B 2 21 ? 9.420   1.928   0.914   1.000 38.584 ? 471 GLU B OE2 1 ? 
ATOM   554 N  N   . ASP B 2 22 ? 5.188   -1.238  -0.393  1.000 18.529 ? 472 ASP B N   1 ? 
ATOM   555 C  CA  . ASP B 2 22 ? 4.557   -1.736  -1.625  1.000 18.689 ? 472 ASP B CA  1 ? 
ATOM   556 C  C   . ASP B 2 22 ? 3.662   -0.629  -2.240  1.000 18.951 ? 472 ASP B C   1 ? 
ATOM   557 O  O   . ASP B 2 22 ? 3.637   -0.418  -3.480  1.000 19.239 ? 472 ASP B O   1 ? 
ATOM   558 C  CB  . ASP B 2 22 ? 3.693   -2.943  -1.341  1.000 19.721 ? 472 ASP B CB  1 ? 
ATOM   559 C  CG  . ASP B 2 22 ? 4.446   -4.222  -0.975  1.000 25.117 ? 472 ASP B CG  1 ? 
ATOM   560 O  OD1 . ASP B 2 22 ? 5.700   -4.233  -1.234  1.000 27.126 ? 472 ASP B OD1 1 ? 
ATOM   561 O  OD2 . ASP B 2 22 ? 3.764   -5.167  -0.464  1.000 28.261 ? 472 ASP B OD2 1 ? 
ATOM   562 N  N   . ALA B 2 23 ? 2.918   0.081   -1.368  1.000 17.259 ? 473 ALA B N   1 ? 
ATOM   563 C  CA  . ALA B 2 23 ? 2.046   1.185   -1.817  1.000 16.481 ? 473 ALA B CA  1 ? 
ATOM   564 C  C   . ALA B 2 23 ? 2.876   2.289   -2.435  1.000 16.319 ? 473 ALA B C   1 ? 
ATOM   565 O  O   . ALA B 2 23 ? 2.460   2.869   -3.448  1.000 17.032 ? 473 ALA B O   1 ? 
ATOM   566 C  CB  . ALA B 2 23 ? 1.241   1.695   -0.649  1.000 17.053 ? 473 ALA B CB  1 ? 
ATOM   567 N  N   . LYS B 2 24 ? 3.995   2.633   -1.821  1.000 17.439 ? 474 LYS B N   1 ? 
ATOM   568 C  CA  . LYS B 2 24 ? 4.868   3.678   -2.383  1.000 18.461 ? 474 LYS B CA  1 ? 
ATOM   569 C  C   . LYS B 2 24 ? 5.332   3.301   -3.783  1.000 18.417 ? 474 LYS B C   1 ? 
ATOM   570 O  O   . LYS B 2 24 ? 5.304   4.138   -4.704  1.000 19.330 ? 474 LYS B O   1 ? 
ATOM   571 C  CB  . LYS B 2 24 ? 6.070   3.864   -1.459  1.000 19.833 ? 474 LYS B CB  1 ? 
ATOM   572 C  CG  . LYS B 2 24 ? 6.977   5.013   -1.874  1.000 23.542 ? 474 LYS B CG  1 ? 
ATOM   573 C  CD  . LYS B 2 24 ? 8.194   5.108   -0.964  1.000 28.584 ? 474 LYS B CD  1 ? 
ATOM   574 C  CE  . LYS B 2 24 ? 8.904   6.443   -1.046  1.000 33.675 ? 474 LYS B CE  1 ? 
ATOM   575 N  NZ  . LYS B 2 24 ? 10.315  6.304   -0.620  1.000 40.439 ? 474 LYS B NZ  1 ? 
ATOM   576 N  N   . GLU B 2 25 ? 5.707   2.053   -3.994  1.000 18.785 ? 475 GLU B N   1 ? 
ATOM   577 C  CA  . GLU B 2 25 ? 6.204   1.661   -5.332  1.000 19.782 ? 475 GLU B CA  1 ? 
ATOM   578 C  C   . GLU B 2 25 ? 5.051   1.738   -6.334  1.000 17.862 ? 475 GLU B C   1 ? 
ATOM   579 O  O   . GLU B 2 25 ? 5.260   2.110   -7.510  1.000 18.731 ? 475 GLU B O   1 ? 
ATOM   580 C  CB  . GLU B 2 25 ? 6.711   0.229   -5.262  1.000 19.865 ? 475 GLU B CB  1 ? 
ATOM   581 C  CG  . GLU B 2 25 ? 7.943   0.000   -4.371  1.000 25.841 ? 475 GLU B CG  1 ? 
ATOM   582 C  CD  . GLU B 2 25 ? 8.175   -1.458  -3.974  1.000 36.025 ? 475 GLU B CD  1 ? 
ATOM   583 O  OE1 . GLU B 2 25 ? 7.370   -2.345  -4.362  1.000 39.258 ? 475 GLU B OE1 1 ? 
ATOM   584 O  OE2 . GLU B 2 25 ? 9.144   -1.703  -3.225  1.000 45.433 ? 475 GLU B OE2 1 ? 
ATOM   585 N  N   . LEU B 2 26 ? 3.849   1.282   -5.935  1.000 18.106 ? 476 LEU B N   1 ? 
ATOM   586 C  CA  . LEU B 2 26 ? 2.699   1.360   -6.852  1.000 17.736 ? 476 LEU B CA  1 ? 
ATOM   587 C  C   . LEU B 2 26 ? 2.314   2.814   -7.145  1.000 16.458 ? 476 LEU B C   1 ? 
ATOM   588 O  O   . LEU B 2 26 ? 2.040   3.134   -8.299  1.000 17.790 ? 476 LEU B O   1 ? 
ATOM   589 C  CB  . LEU B 2 26 ? 1.528   0.571   -6.283  1.000 18.128 ? 476 LEU B CB  1 ? 
ATOM   590 C  CG  . LEU B 2 26 ? 1.747   -0.938  -6.309  1.000 19.515 ? 476 LEU B CG  1 ? 
ATOM   591 C  CD1 . LEU B 2 26 ? 0.895   -1.612  -5.269  1.000 19.913 ? 476 LEU B CD1 1 ? 
ATOM   592 C  CD2 . LEU B 2 26 ? 1.481   -1.481  -7.684  1.000 21.008 ? 476 LEU B CD2 1 ? 
ATOM   593 N  N   . LEU B 2 27 ? 2.371   3.702   -6.182  1.000 16.672 ? 477 LEU B N   1 ? 
ATOM   594 C  CA  . LEU B 2 27 ? 2.074   5.123   -6.431  1.000 17.804 ? 477 LEU B CA  1 ? 
ATOM   595 C  C   . LEU B 2 27 ? 3.112   5.681   -7.397  1.000 17.674 ? 477 LEU B C   1 ? 
ATOM   596 O  O   . LEU B 2 27 ? 2.771   6.528   -8.259  1.000 18.565 ? 477 LEU B O   1 ? 
ATOM   597 C  CB  . LEU B 2 27 ? 2.052   5.920   -5.135  1.000 19.007 ? 477 LEU B CB  1 ? 
ATOM   598 C  CG  . LEU B 2 27 ? 0.808   5.744   -4.288  1.000 18.416 ? 477 LEU B CG  1 ? 
ATOM   599 C  CD1 . LEU B 2 27 ? 1.025   6.428   -2.951  1.000 20.639 ? 477 LEU B CD1 1 ? 
ATOM   600 C  CD2 . LEU B 2 27 ? -0.440  6.288   -5.005  1.000 18.597 ? 477 LEU B CD2 1 ? 
ATOM   601 N  N   . GLU B 2 28 ? 4.374   5.312   -7.230  1.000 18.661 ? 478 GLU B N   1 ? 
ATOM   602 C  CA  . GLU B 2 28 ? 5.427   5.830   -8.129  1.000 19.128 ? 478 GLU B CA  1 ? 
ATOM   603 C  C   . GLU B 2 28 ? 5.114   5.327   -9.522  1.000 18.643 ? 478 GLU B C   1 ? 
ATOM   604 O  O   . GLU B 2 28 ? 5.317   6.109   -10.487 1.000 20.846 ? 478 GLU B O   1 ? 
ATOM   605 C  CB  . GLU B 2 28 ? 6.820   5.453   -7.620  1.000 23.086 ? 478 GLU B CB  1 ? 
ATOM   606 C  CG  . GLU B 2 28 ? 7.195   6.183   -6.353  1.000 29.583 ? 478 GLU B CG  1 ? 
ATOM   607 C  CD  . GLU B 2 28 ? 8.540   5.820   -5.716  1.000 35.225 ? 478 GLU B CD  1 ? 
ATOM   608 O  OE1 . GLU B 2 28 ? 9.168   4.833   -6.177  1.000 38.525 ? 478 GLU B OE1 1 ? 
ATOM   609 O  OE2 . GLU B 2 28 ? 8.946   6.532   -4.754  1.000 39.538 ? 478 GLU B OE2 1 ? 
ATOM   610 N  N   . SER B 2 29 ? 4.742   4.110   -9.703  1.000 17.666 ? 479 SER B N   1 ? 
ATOM   611 C  CA  A SER B 2 29 ? 4.391   3.576   -11.029 0.500 19.652 ? 479 SER B CA  1 ? 
ATOM   612 C  CA  B SER B 2 29 ? 4.400   3.583   -11.040 0.500 20.288 ? 479 SER B CA  1 ? 
ATOM   613 C  C   . SER B 2 29 ? 3.201   4.354   -11.601 1.000 17.670 ? 479 SER B C   1 ? 
ATOM   614 O  O   . SER B 2 29 ? 3.203   4.680   -12.770 1.000 19.342 ? 479 SER B O   1 ? 
ATOM   615 C  CB  A SER B 2 29 ? 4.124   2.108   -10.939 0.500 20.230 ? 479 SER B CB  1 ? 
ATOM   616 C  CB  B SER B 2 29 ? 4.140   2.100   -11.035 0.500 21.727 ? 479 SER B CB  1 ? 
ATOM   617 O  OG  A SER B 2 29 ? 3.761   1.565   -12.193 0.500 20.578 ? 479 SER B OG  1 ? 
ATOM   618 O  OG  B SER B 2 29 ? 5.284   1.359   -10.612 0.500 23.956 ? 479 SER B OG  1 ? 
ATOM   619 N  N   . SER B 2 30 ? 2.158   4.589   -10.805 1.000 17.268 ? 480 SER B N   1 ? 
ATOM   620 C  CA  . SER B 2 30 ? 0.985   5.379   -11.282 1.000 16.433 ? 480 SER B CA  1 ? 
ATOM   621 C  C   . SER B 2 30 ? 1.428   6.766   -11.727 1.000 16.722 ? 480 SER B C   1 ? 
ATOM   622 O  O   . SER B 2 30 ? 1.003   7.233   -12.784 1.000 18.084 ? 480 SER B O   1 ? 
ATOM   623 C  CB  . SER B 2 30 ? -0.022  5.428   -10.185 1.000 15.710 ? 480 SER B CB  1 ? 
ATOM   624 O  OG  . SER B 2 30 ? -1.133  6.177   -10.656 1.000 15.294 ? 480 SER B OG  1 ? 
ATOM   625 N  N   . ASP B 2 31 ? 2.248   7.423   -10.927 1.000 17.716 ? 481 ASP B N   1 ? 
ATOM   626 C  CA  A ASP B 2 31 ? 2.682   8.813   -11.245 0.800 20.778 ? 481 ASP B CA  1 ? 
ATOM   627 C  CA  B ASP B 2 31 ? 2.782   8.795   -11.186 0.200 20.078 ? 481 ASP B CA  1 ? 
ATOM   628 C  C   . ASP B 2 31 ? 3.578   8.810   -12.491 1.000 21.284 ? 481 ASP B C   1 ? 
ATOM   629 O  O   . ASP B 2 31 ? 3.446   9.781   -13.287 1.000 21.607 ? 481 ASP B O   1 ? 
ATOM   630 C  CB  A ASP B 2 31 ? 3.361   9.501   -10.045 0.800 25.068 ? 481 ASP B CB  1 ? 
ATOM   631 C  CB  B ASP B 2 31 ? 3.737   9.237   -10.071 0.200 21.059 ? 481 ASP B CB  1 ? 
ATOM   632 C  CG  A ASP B 2 31 ? 2.423   9.896   -8.892  0.800 26.714 ? 481 ASP B CG  1 ? 
ATOM   633 C  CG  B ASP B 2 31 ? 3.780   10.729  -9.773  0.200 22.490 ? 481 ASP B CG  1 ? 
ATOM   634 O  OD1 A ASP B 2 31 ? 1.232   10.301  -9.159  0.800 27.230 ? 481 ASP B OD1 1 ? 
ATOM   635 O  OD1 B ASP B 2 31 ? 3.266   11.519  -10.585 0.200 21.515 ? 481 ASP B OD1 1 ? 
ATOM   636 O  OD2 A ASP B 2 31 ? 2.901   9.901   -7.714  0.800 31.904 ? 481 ASP B OD2 1 ? 
ATOM   637 O  OD2 B ASP B 2 31 ? 4.343   11.090  -8.710  0.200 26.828 ? 481 ASP B OD2 1 ? 
ATOM   638 N  N   . GLN B 2 32 ? 4.396   7.777   -12.702 1.000 20.752 ? 482 GLN B N   1 ? 
ATOM   639 C  CA  A GLN B 2 32 ? 5.219   7.758   -13.929 0.300 20.195 ? 482 GLN B CA  1 ? 
ATOM   640 C  CA  B GLN B 2 32 ? 5.230   7.573   -13.932 0.700 21.689 ? 482 GLN B CA  1 ? 
ATOM   641 C  C   . GLN B 2 32 ? 4.276   7.607   -15.124 1.000 21.733 ? 482 GLN B C   1 ? 
ATOM   642 O  O   . GLN B 2 32 ? 4.512   8.305   -16.137 1.000 23.136 ? 482 GLN B O   1 ? 
ATOM   643 C  CB  A GLN B 2 32 ? 6.285   6.669   -13.829 0.300 20.238 ? 482 GLN B CB  1 ? 
ATOM   644 C  CB  B GLN B 2 32 ? 6.001   6.222   -13.915 0.700 23.906 ? 482 GLN B CB  1 ? 
ATOM   645 C  CG  A GLN B 2 32 ? 7.223   6.649   -15.026 0.300 20.893 ? 482 GLN B CG  1 ? 
ATOM   646 C  CG  B GLN B 2 32 ? 7.206   6.095   -12.970 0.700 26.694 ? 482 GLN B CG  1 ? 
ATOM   647 C  CD  A GLN B 2 32 ? 6.631   6.054   -16.287 0.300 22.983 ? 482 GLN B CD  1 ? 
ATOM   648 C  CD  B GLN B 2 32 ? 7.697   4.696   -12.644 0.700 25.352 ? 482 GLN B CD  1 ? 
ATOM   649 O  OE1 A GLN B 2 32 ? 5.758   5.188   -16.251 0.300 21.708 ? 482 GLN B OE1 1 ? 
ATOM   650 O  OE1 B GLN B 2 32 ? 7.278   3.694   -13.196 0.700 28.674 ? 482 GLN B OE1 1 ? 
ATOM   651 N  NE2 A GLN B 2 32 ? 7.165   6.460   -17.432 0.300 25.053 ? 482 GLN B NE2 1 ? 
ATOM   652 N  NE2 B GLN B 2 32 ? 8.592   4.615   -11.677 0.700 30.961 ? 482 GLN B NE2 1 ? 
ATOM   653 N  N   . ILE B 2 33 ? 3.264   6.741   -15.038 1.000 21.338 ? 483 ILE B N   1 ? 
ATOM   654 C  CA  . ILE B 2 33 ? 2.269   6.604   -16.129 1.000 20.892 ? 483 ILE B CA  1 ? 
ATOM   655 C  C   . ILE B 2 33 ? 1.638   7.986   -16.341 1.000 19.755 ? 483 ILE B C   1 ? 
ATOM   656 O  O   . ILE B 2 33 ? 1.661   8.486   -17.487 1.000 22.189 ? 483 ILE B O   1 ? 
ATOM   657 C  CB  . ILE B 2 33 ? 1.212   5.544   -15.779 1.000 22.021 ? 483 ILE B CB  1 ? 
ATOM   658 C  CG1 . ILE B 2 33 ? 1.814   4.150   -15.664 1.000 22.791 ? 483 ILE B CG1 1 ? 
ATOM   659 C  CG2 . ILE B 2 33 ? 0.103   5.571   -16.809 1.000 22.270 ? 483 ILE B CG2 1 ? 
ATOM   660 C  CD1 . ILE B 2 33 ? 0.888   3.119   -15.017 1.000 23.031 ? 483 ILE B CD1 1 ? 
ATOM   661 N  N   . LEU B 2 34 ? 1.226   8.699   -15.325 1.000 19.383 ? 484 LEU B N   1 ? 
ATOM   662 C  CA  . LEU B 2 34 ? 0.530   9.991   -15.512 1.000 19.767 ? 484 LEU B CA  1 ? 
ATOM   663 C  C   . LEU B 2 34 ? 1.436   11.002  -16.203 1.000 21.516 ? 484 LEU B C   1 ? 
ATOM   664 O  O   . LEU B 2 34 ? 0.968   11.749  -17.091 1.000 22.310 ? 484 LEU B O   1 ? 
ATOM   665 C  CB  . LEU B 2 34 ? 0.048   10.555  -14.185 1.000 20.830 ? 484 LEU B CB  1 ? 
ATOM   666 C  CG  . LEU B 2 34 ? -1.156  9.799   -13.635 1.000 19.532 ? 484 LEU B CG  1 ? 
ATOM   667 C  CD1 . LEU B 2 34 ? -1.404  10.246  -12.219 1.000 24.279 ? 484 LEU B CD1 1 ? 
ATOM   668 C  CD2 . LEU B 2 34 ? -2.407  10.005  -14.512 1.000 23.023 ? 484 LEU B CD2 1 ? 
ATOM   669 N  N   . ARG B 2 35 ? 2.705   11.063  -15.799 1.000 21.283 ? 485 ARG B N   1 ? 
ATOM   670 C  CA  . ARG B 2 35 ? 3.633   12.061  -16.397 1.000 24.077 ? 485 ARG B CA  1 ? 
ATOM   671 C  C   . ARG B 2 35 ? 3.815   11.769  -17.880 1.000 26.306 ? 485 ARG B C   1 ? 
ATOM   672 O  O   . ARG B 2 35 ? 4.048   12.731  -18.658 1.000 30.108 ? 485 ARG B O   1 ? 
ATOM   673 C  CB  . ARG B 2 35 ? 4.976   11.956  -15.699 1.000 23.973 ? 485 ARG B CB  1 ? 
ATOM   674 C  CG  . ARG B 2 35 ? 4.965   12.676  -14.373 1.000 24.880 ? 485 ARG B CG  1 ? 
ATOM   675 C  CD  . ARG B 2 35 ? 6.373   12.846  -13.832 1.000 29.090 ? 485 ARG B CD  1 ? 
ATOM   676 N  NE  . ARG B 2 35 ? 7.157   11.610  -13.875 1.000 31.669 ? 485 ARG B NE  1 ? 
ATOM   677 C  CZ  . ARG B 2 35 ? 7.267   10.730  -12.878 1.000 32.635 ? 485 ARG B CZ  1 ? 
ATOM   678 N  NH1 . ARG B 2 35 ? 6.609   10.922  -11.756 1.000 32.670 ? 485 ARG B NH1 1 ? 
ATOM   679 N  NH2 . ARG B 2 35 ? 8.029   9.656   -13.008 1.000 36.177 ? 485 ARG B NH2 1 ? 
ATOM   680 N  N   . SER B 2 36 ? 3.720   10.510  -18.280 1.000 24.842 ? 486 SER B N   1 ? 
ATOM   681 C  CA  . SER B 2 36 ? 4.004   10.086  -19.674 1.000 29.860 ? 486 SER B CA  1 ? 
ATOM   682 C  C   . SER B 2 36 ? 2.768   10.229  -20.573 1.000 30.304 ? 486 SER B C   1 ? 
ATOM   683 O  O   . SER B 2 36 ? 2.928   10.014  -21.795 1.000 36.247 ? 486 SER B O   1 ? 
ATOM   684 C  CB  . SER B 2 36 ? 4.553   8.684   -19.713 1.000 32.858 ? 486 SER B CB  1 ? 
ATOM   685 O  OG  . SER B 2 36 ? 3.531   7.729   -19.507 1.000 40.397 ? 486 SER B OG  1 ? 
HETATM 686 N  N   . NH2 B 2 37 ? 1.649   10.552  -20.052 1.000 30.307 ? 487 NH2 B N   1 ? 
HETATM 687 CA CA  . CA  C 3 .  ? 7.684   -5.326  -1.541  0.500 26.331 ? 501 CA  B CA  1 ? 
HETATM 688 O  O   . HOH D 4 .  ? -6.436  -8.246  3.870   1.000 41.202 ? 201 HOH A O   1 ? 
HETATM 689 O  O   . HOH D 4 .  ? -5.040  16.959  -32.560 1.000 31.564 ? 202 HOH A O   1 ? 
HETATM 690 O  O   A HOH D 4 .  ? -13.512 12.749  -33.876 0.170 38.868 ? 203 HOH A O   1 ? 
HETATM 691 O  O   . HOH D 4 .  ? -1.905  -9.818  1.444   1.000 36.807 ? 204 HOH A O   1 ? 
HETATM 692 O  O   . HOH D 4 .  ? -1.354  -8.195  4.040   1.000 44.113 ? 205 HOH A O   1 ? 
HETATM 693 O  O   . HOH D 4 .  ? -1.423  -10.942 9.378   1.000 38.023 ? 206 HOH A O   1 ? 
HETATM 694 O  O   . HOH D 4 .  ? -6.526  0.361   -21.824 1.000 29.144 ? 207 HOH A O   1 ? 
HETATM 695 O  O   . HOH D 4 .  ? -8.192  1.690   -26.199 0.500 32.250 ? 208 HOH A O   1 ? 
HETATM 696 O  O   . HOH D 4 .  ? -4.710  -0.937  -18.363 1.000 33.270 ? 209 HOH A O   1 ? 
HETATM 697 O  O   . HOH D 4 .  ? -10.763 2.757   -23.907 1.000 39.625 ? 210 HOH A O   1 ? 
HETATM 698 O  O   . HOH D 4 .  ? -0.610  9.701   -27.649 1.000 35.019 ? 211 HOH A O   1 ? 
HETATM 699 O  O   . HOH D 4 .  ? -12.075 1.104   -18.021 1.000 23.142 ? 212 HOH A O   1 ? 
HETATM 700 O  O   . HOH D 4 .  ? -6.123  13.671  -24.952 1.000 29.036 ? 213 HOH A O   1 ? 
HETATM 701 O  O   . HOH D 4 .  ? 0.111   9.163   -30.878 1.000 43.926 ? 214 HOH A O   1 ? 
HETATM 702 O  O   . HOH D 4 .  ? -9.198  4.064   -25.488 1.000 28.574 ? 215 HOH A O   1 ? 
HETATM 703 O  O   . HOH D 4 .  ? -1.805  -4.028  -3.632  1.000 24.030 ? 216 HOH A O   1 ? 
HETATM 704 O  O   . HOH D 4 .  ? -6.420  -2.412  -9.731  1.000 24.903 ? 217 HOH A O   1 ? 
HETATM 705 O  O   . HOH D 4 .  ? -9.485  7.656   -34.048 1.000 37.214 ? 218 HOH A O   1 ? 
HETATM 706 O  O   . HOH D 4 .  ? -8.957  -4.051  -3.284  1.000 32.480 ? 219 HOH A O   1 ? 
HETATM 707 O  O   . HOH D 4 .  ? 1.853   -8.521  30.545  1.000 43.721 ? 220 HOH A O   1 ? 
HETATM 708 O  O   . HOH D 4 .  ? -9.950  12.380  -34.927 1.000 39.698 ? 221 HOH A O   1 ? 
HETATM 709 O  O   . HOH D 4 .  ? -1.923  -0.560  -14.748 1.000 39.546 ? 222 HOH A O   1 ? 
HETATM 710 O  O   . HOH D 4 .  ? -4.255  0.800   -20.528 1.000 27.430 ? 223 HOH A O   1 ? 
HETATM 711 O  O   . HOH D 4 .  ? -2.466  10.924  -26.148 1.000 22.730 ? 224 HOH A O   1 ? 
HETATM 712 O  O   . HOH D 4 .  ? -3.280  -9.198  17.412  1.000 33.580 ? 225 HOH A O   1 ? 
HETATM 713 O  O   . HOH D 4 .  ? -6.946  -10.754 20.283  1.000 56.332 ? 226 HOH A O   1 ? 
HETATM 714 O  O   . HOH D 4 .  ? -7.364  -7.453  25.722  1.000 40.585 ? 227 HOH A O   1 ? 
HETATM 715 O  O   . HOH D 4 .  ? -3.457  10.242  -20.135 1.000 25.251 ? 228 HOH A O   1 ? 
HETATM 716 O  O   . HOH D 4 .  ? -4.011  15.612  -27.441 1.000 30.941 ? 229 HOH A O   1 ? 
HETATM 717 O  O   . HOH D 4 .  ? -9.388  -7.876  3.816   1.000 36.692 ? 230 HOH A O   1 ? 
HETATM 718 O  O   . HOH D 4 .  ? -7.165  -6.281  11.068  1.000 29.347 ? 231 HOH A O   1 ? 
HETATM 719 O  O   . HOH D 4 .  ? 1.352   7.252   -22.244 1.000 28.549 ? 232 HOH A O   1 ? 
HETATM 720 O  O   . HOH D 4 .  ? -12.365 8.901   -35.682 1.000 40.239 ? 233 HOH A O   1 ? 
HETATM 721 O  O   . HOH D 4 .  ? -4.041  2.397   6.563   1.000 34.406 ? 234 HOH A O   1 ? 
HETATM 722 O  O   . HOH D 4 .  ? -4.190  -8.697  8.178   1.000 42.964 ? 235 HOH A O   1 ? 
HETATM 723 O  O   . HOH D 4 .  ? -0.289  -6.669  -10.883 1.000 48.984 ? 236 HOH A O   1 ? 
HETATM 724 O  O   . HOH D 4 .  ? 1.338   -12.251 34.195  1.000 65.681 ? 237 HOH A O   1 ? 
HETATM 725 O  O   . HOH D 4 .  ? -3.124  -7.333  6.152   1.000 36.971 ? 238 HOH A O   1 ? 
HETATM 726 O  O   . HOH D 4 .  ? -5.183  11.296  -38.433 1.000 49.101 ? 239 HOH A O   1 ? 
HETATM 727 O  O   . HOH D 4 .  ? -3.558  -7.459  -2.528  1.000 42.446 ? 240 HOH A O   1 ? 
HETATM 728 O  O   . HOH D 4 .  ? -8.167  16.302  -34.857 1.000 37.887 ? 241 HOH A O   1 ? 
HETATM 729 O  O   . HOH D 4 .  ? -12.404 11.734  -29.148 0.330 15.905 ? 242 HOH A O   1 ? 
HETATM 730 O  O   . HOH D 4 .  ? -9.310  -5.969  9.414   1.000 32.210 ? 243 HOH A O   1 ? 
HETATM 731 O  O   . HOH D 4 .  ? 1.357   3.821   -30.217 1.000 36.133 ? 244 HOH A O   1 ? 
HETATM 732 O  O   . HOH D 4 .  ? -11.261 -1.436  -21.431 1.000 40.007 ? 245 HOH A O   1 ? 
HETATM 733 O  O   . HOH D 4 .  ? -3.615  13.579  -25.764 1.000 37.306 ? 246 HOH A O   1 ? 
HETATM 734 O  O   . HOH D 4 .  ? -11.927 0.733   -24.768 1.000 37.499 ? 247 HOH A O   1 ? 
HETATM 735 O  O   . HOH D 4 .  ? -6.845  -8.596  9.609   1.000 36.388 ? 248 HOH A O   1 ? 
HETATM 736 O  O   . HOH D 4 .  ? -3.583  -5.470  -5.010  1.000 44.133 ? 249 HOH A O   1 ? 
HETATM 737 O  O   . HOH D 4 .  ? -1.770  -11.184 4.852   1.000 40.976 ? 250 HOH A O   1 ? 
HETATM 738 O  O   . HOH D 4 .  ? -6.021  -9.703  17.065  1.000 44.423 ? 251 HOH A O   1 ? 
HETATM 739 O  O   . HOH D 4 .  ? 2.982   -4.929  -8.565  1.000 47.826 ? 252 HOH A O   1 ? 
HETATM 740 O  O   . HOH D 4 .  ? -8.386  -7.467  13.181  1.000 35.794 ? 253 HOH A O   1 ? 
HETATM 741 O  O   . HOH E 4 .  ? 2.158   -11.120 30.706  1.000 42.475 ? 601 HOH B O   1 ? 
HETATM 742 O  O   . HOH E 4 .  ? 7.266   -4.542  -3.518  1.000 50.122 ? 602 HOH B O   1 ? 
HETATM 743 O  O   . HOH E 4 .  ? 9.662   2.755   -7.395  1.000 46.341 ? 603 HOH B O   1 ? 
HETATM 744 O  O   . HOH E 4 .  ? 7.720   1.925   -11.471 1.000 45.251 ? 604 HOH B O   1 ? 
HETATM 745 O  O   . HOH E 4 .  ? 5.311   2.877   -14.536 1.000 39.799 ? 605 HOH B O   1 ? 
HETATM 746 O  O   . HOH E 4 .  ? 9.045   6.963   -10.828 1.000 49.337 ? 606 HOH B O   1 ? 
HETATM 747 O  O   . HOH E 4 .  ? 9.661   -5.704  17.983  1.000 41.433 ? 607 HOH B O   1 ? 
HETATM 748 O  O   . HOH E 4 .  ? 9.457   -3.899  -1.887  1.000 33.179 ? 608 HOH B O   1 ? 
HETATM 749 O  O   . HOH E 4 .  ? 5.455   -9.812  16.894  1.000 32.030 ? 609 HOH B O   1 ? 
HETATM 750 O  O   . HOH E 4 .  ? 8.066   -11.762 12.164  1.000 40.665 ? 610 HOH B O   1 ? 
HETATM 751 O  O   . HOH E 4 .  ? 1.774   0.043   -12.992 1.000 33.725 ? 611 HOH B O   1 ? 
HETATM 752 O  O   B HOH E 4 .  ? 6.988   8.678   -16.935 0.700 32.468 ? 612 HOH B O   1 ? 
HETATM 753 O  O   . HOH E 4 .  ? 10.520  -6.860  21.805  1.000 52.273 ? 613 HOH B O   1 ? 
HETATM 754 O  O   . HOH E 4 .  ? 6.338   -6.625  -2.206  1.000 47.964 ? 614 HOH B O   1 ? 
HETATM 755 O  O   . HOH E 4 .  ? 5.479   -11.463 8.205   1.000 39.782 ? 615 HOH B O   1 ? 
HETATM 756 O  O   . HOH E 4 .  ? -1.540  -10.472 15.592  1.000 38.817 ? 616 HOH B O   1 ? 
HETATM 757 O  O   . HOH E 4 .  ? 7.683   -4.237  0.608   1.000 30.545 ? 617 HOH B O   1 ? 
HETATM 758 O  O   . HOH E 4 .  ? 4.661   -6.613  1.652   1.000 38.081 ? 618 HOH B O   1 ? 
HETATM 759 O  O   . HOH E 4 .  ? 9.005   -4.702  7.161   1.000 28.812 ? 619 HOH B O   1 ? 
HETATM 760 O  O   . HOH E 4 .  ? 1.061   14.277  -18.112 1.000 29.043 ? 620 HOH B O   1 ? 
HETATM 761 O  O   . HOH E 4 .  ? 7.879   3.310   2.692   1.000 32.184 ? 621 HOH B O   1 ? 
HETATM 762 O  O   B HOH E 4 .  ? 0.874   10.784  -9.473  0.200 12.537 ? 622 HOH B O   1 ? 
HETATM 763 O  O   B HOH E 4 .  ? 1.791   8.933   -7.379  0.200 15.116 ? 623 HOH B O   1 ? 
HETATM 764 O  O   . HOH E 4 .  ? 7.011   1.675   4.926   1.000 29.487 ? 624 HOH B O   1 ? 
HETATM 765 O  O   . HOH E 4 .  ? 4.599   -0.980  -9.346  1.000 43.197 ? 625 HOH B O   1 ? 
HETATM 766 O  O   . HOH E 4 .  ? 7.673   1.833   -8.807  1.000 32.405 ? 626 HOH B O   1 ? 
HETATM 767 O  O   . HOH E 4 .  ? 4.642   -11.344 24.699  1.000 42.414 ? 627 HOH B O   1 ? 
HETATM 768 O  O   . HOH E 4 .  ? 4.010   -9.504  22.598  1.000 41.173 ? 628 HOH B O   1 ? 
HETATM 769 O  O   . HOH E 4 .  ? 4.412   -2.750  -4.915  1.000 27.275 ? 629 HOH B O   1 ? 
HETATM 770 O  O   . HOH E 4 .  ? 2.972   -8.809  15.720  1.000 33.132 ? 630 HOH B O   1 ? 
HETATM 771 O  O   A HOH E 4 .  ? 4.628   12.757  -10.783 0.800 33.720 ? 631 HOH B O   1 ? 
HETATM 772 O  O   . HOH E 4 .  ? 3.597   -7.120  4.451   1.000 31.887 ? 632 HOH B O   1 ? 
HETATM 773 O  O   . HOH E 4 .  ? 4.993   -13.455 14.974  1.000 46.057 ? 633 HOH B O   1 ? 
HETATM 774 O  O   . HOH E 4 .  ? 7.063   -8.564  9.794   1.000 30.948 ? 634 HOH B O   1 ? 
HETATM 775 O  O   . HOH E 4 .  ? 1.706   9.774   -5.036  1.000 31.261 ? 635 HOH B O   1 ? 
HETATM 776 O  O   . HOH E 4 .  ? 7.096   8.455   -10.110 1.000 33.714 ? 636 HOH B O   1 ? 
HETATM 777 O  O   . HOH E 4 .  ? 9.414   2.711   -4.105  1.000 55.196 ? 637 HOH B O   1 ? 
HETATM 778 O  O   . HOH E 4 .  ? -2.121  -5.393  -1.129  1.000 29.832 ? 638 HOH B O   1 ? 
HETATM 779 O  O   . HOH E 4 .  ? 10.997  -3.304  -5.044  1.000 45.288 ? 639 HOH B O   1 ? 
HETATM 780 O  O   A HOH E 4 .  ? 2.189   12.240  -11.947 0.800 34.300 ? 640 HOH B O   1 ? 
HETATM 781 O  O   . HOH E 4 .  ? 9.261   -7.580  11.412  1.000 40.481 ? 641 HOH B O   1 ? 
HETATM 782 O  O   . HOH E 4 .  ? 8.702   6.854   -20.085 1.000 44.101 ? 642 HOH B O   1 ? 
HETATM 783 O  O   . HOH E 4 .  ? 0.887   -4.809  -3.106  1.000 35.845 ? 643 HOH B O   1 ? 
HETATM 784 O  O   . HOH E 4 .  ? 10.632  8.177   -14.038 0.330 44.852 ? 644 HOH B O   1 ? 
HETATM 785 O  O   . HOH E 4 .  ? 3.361   14.454  -11.883 1.000 52.713 ? 645 HOH B O   1 ? 
HETATM 786 O  O   . HOH E 4 .  ? -1.214  10.725  -21.706 1.000 32.757 ? 646 HOH B O   1 ? 
HETATM 787 O  O   . HOH E 4 .  ? 6.040   -8.513  5.192   1.000 43.073 ? 647 HOH B O   1 ? 
HETATM 788 O  O   . HOH E 4 .  ? 4.036   -11.751 6.279   1.000 49.925 ? 648 HOH B O   1 ? 
HETATM 789 O  O   . HOH E 4 .  ? 7.696   -8.604  7.240   1.000 43.843 ? 649 HOH B O   1 ? 
HETATM 790 O  O   . HOH E 4 .  ? 12.769  -1.101  -1.276  1.000 53.814 ? 650 HOH B O   1 ? 
HETATM 791 O  O   . HOH E 4 .  ? 5.132   -2.420  -7.480  1.000 39.816 ? 651 HOH B O   1 ? 
HETATM 792 O  O   . HOH E 4 .  ? 9.678   -6.921  6.105   1.000 44.272 ? 652 HOH B O   1 ? 
HETATM 793 O  O   . HOH E 4 .  ? 9.530   -3.987  2.544   1.000 37.620 ? 653 HOH B O   1 ? 
HETATM 794 O  O   . HOH E 4 .  ? 2.987   -4.823  -4.788  1.000 36.080 ? 654 HOH B O   1 ? 
HETATM 795 O  O   . HOH E 4 .  ? 2.792   12.456  -4.101  1.000 42.881 ? 655 HOH B O   1 ? 
HETATM 796 O  O   . HOH E 4 .  ? 10.522  -4.209  9.296   1.000 42.379 ? 656 HOH B O   1 ? 
HETATM 797 O  O   . HOH E 4 .  ? 6.175   -12.848 6.274   0.330 37.324 ? 657 HOH B O   1 ? 
# 
